data_2VPZ
#
_entry.id   2VPZ
#
_cell.length_a   118.405
_cell.length_b   166.265
_cell.length_c   246.428
_cell.angle_alpha   90.00
_cell.angle_beta   90.00
_cell.angle_gamma   90.00
#
_symmetry.space_group_name_H-M   'P 21 21 21'
#
loop_
_entity.id
_entity.type
_entity.pdbx_description
1 polymer 'THIOSULFATE REDUCTASE'
2 polymer 'NRFC PROTEIN'
3 polymer 'HYPOTHETICAL MEMBRANE SPANNING PROTEIN'
4 non-polymer 'IRON/SULFUR CLUSTER'
5 non-polymer '2-AMINO-5,6-DIMERCAPTO-7-METHYL-3,7,8A,9-TETRAHYDRO-8-OXA-1,3,9,10-TETRAAZA-ANTHRACEN-4-ONE GUANOSINE DINUCLEOTIDE'
6 non-polymer 'MOLYBDENUM ATOM'
7 water water
#
loop_
_entity_poly.entity_id
_entity_poly.type
_entity_poly.pdbx_seq_one_letter_code
_entity_poly.pdbx_strand_id
1 'polypeptide(L)'
;MQRREFLKLSALGVGAMALRGSGPAKALKAPWYAQEVKSVYQICEGCFWRCGIVAHAVGNRVYKVEGYEANPKSRGRLCP
RGQGAPQTTYDPDRLKRPLIRVEGSQRGEGKYRVATWEEALDHIAKKMLEIREKYGPEAIAFFGHGTGDYWFVDFLPAAW
GSPNAAKPSVSLCTAPREVASQWVFGRPIGGHEPIDWENARYIVLIGHHIGEDTHNTQLQDFALALKNGAKVVVVDPRFS
TAAAKAHRWLPIKPGTDTALLLAWIHVLIYEDLYDKEYVAKYTVGFEELKAHVKDFTPEWAEKHTEIPAQVIREVAREMA
AHKPRAVLPPTRHNVWYGDDTYRVMALLYVNVLLGNYGRPGGFYIAQSPYLEKYPLPPLPLEPAAGGCSGPSGGDHEPEG
FKPRADKGKFFARSTAIQELIEPMITGEPYPIKGLFAYGINLFHSIPNVPRTKEALKNLDLYVAIDVLPQEHVMWADVIL
PEATYLERYDDFVLVAHKTPFIQLRTPAHEPLFDTKPGWWIARELGLRLGLEQYFPWKTIEEYLETRLQSLGLDLETMKG
MGTLVQRGKPWLEDWEKEGRLPFGTASGKIELYCQRFKEAGHQPLPVFTPPEEPPEGFYRLLYGRSPVHTFARTQNNWVL
MEMDPENEVWIHKEEAKRLGLKEGDYVMLVNQDGVKEGPVRVKPTARIRKDCVYIVHGFGHKAPLMRLAHGRGASDNYLQ
TRYKLDPISGGAGLRVNFVRLEKAERPRLPSLTGLAKRPFDERRM
;
A,E
2 'polypeptide(L)'
;MPRYAMAIDLSLCVGCAACAVACKMENEVPPGVFNLWIREREVGEYPNLVVEFRPEQCLHCENPPCVPVCPTGASYQTKD
GLVLVDPKKCIACGACIAACPYDARYLHPAGYVSKCTFCAHRLEKGKVPACVETCPTYCRTFGDLEDPESPVAKALKAAE
RVDVLRPEQGTRPKLFYLNAPSKKGLTRESEVHHG
;
B,F
3 'polypeptide(L)'
;MAEFYGLPNAQEFWHWTNALHFVLVGLAGGVALLAALLHLKGDAEARRYTLYALMLIALDLFILWAESPARFRFTHIWLF
LSFHPTSPIWWGAWGLGLGFLTGGLLYLGKGSQRALAWALLVFSLVALSYPGLALAVNLNRPLWNGLMAGLFPLTALVLA
LGLAALLKSPWALFPLRVLAGASLLLALLYPLTLPPEARGHLLEEAGFWYGLFLLLGLGTFWQERLAPWAGLLAAAGLRA
LLVLAGQWQGLGL
;
C,G
#
loop_
_chem_comp.id
_chem_comp.type
_chem_comp.name
_chem_comp.formula
MGD non-polymer '2-AMINO-5,6-DIMERCAPTO-7-METHYL-3,7,8A,9-TETRAHYDRO-8-OXA-1,3,9,10-TETRAAZA-ANTHRACEN-4-ONE GUANOSINE DINUCLEOTIDE' 'C20 H26 N10 O13 P2 S2'
MO non-polymer 'MOLYBDENUM ATOM' Mo
SF4 non-polymer 'IRON/SULFUR CLUSTER' 'Fe4 S4'
#
# COMPACT_ATOMS: atom_id res chain seq x y z
N ALA A 30 27.10 22.19 27.45
CA ALA A 30 27.80 21.58 26.27
C ALA A 30 27.07 21.88 24.92
N PRO A 31 25.74 21.64 24.79
CA PRO A 31 25.09 21.95 23.48
C PRO A 31 25.26 23.47 23.11
N TRP A 32 25.42 23.84 21.83
CA TRP A 32 25.57 25.26 21.45
C TRP A 32 24.32 26.15 21.80
N TYR A 33 23.09 25.68 21.56
CA TYR A 33 21.86 26.45 21.86
C TYR A 33 21.54 26.72 23.37
N ALA A 34 22.26 26.05 24.29
CA ALA A 34 22.05 26.23 25.75
C ALA A 34 23.06 27.23 26.28
N GLN A 35 24.11 27.37 25.49
CA GLN A 35 25.20 28.32 25.69
C GLN A 35 24.64 29.63 25.11
N GLU A 36 25.22 30.71 25.60
CA GLU A 36 24.94 32.11 25.21
C GLU A 36 25.04 32.27 23.66
N VAL A 37 24.12 32.95 22.98
CA VAL A 37 24.26 33.16 21.52
C VAL A 37 24.14 34.66 21.09
N LYS A 38 24.60 34.99 19.87
CA LYS A 38 24.46 36.31 19.27
C LYS A 38 23.99 36.01 17.81
N SER A 39 22.87 36.60 17.38
CA SER A 39 22.40 36.41 16.01
C SER A 39 22.75 37.68 15.20
N VAL A 40 22.63 37.58 13.88
CA VAL A 40 22.83 38.66 12.93
C VAL A 40 22.13 38.22 11.63
N TYR A 41 21.71 39.19 10.81
CA TYR A 41 21.09 38.96 9.51
C TYR A 41 22.26 38.87 8.55
N GLN A 42 22.31 37.75 7.84
CA GLN A 42 23.41 37.44 6.92
C GLN A 42 23.05 36.66 5.65
N ILE A 43 23.67 37.06 4.54
CA ILE A 43 23.51 36.44 3.22
C ILE A 43 24.28 35.11 3.12
N CYS A 44 23.77 34.12 2.39
CA CYS A 44 24.49 32.84 2.21
C CYS A 44 25.46 32.98 1.00
N GLU A 45 26.74 32.63 1.15
CA GLU A 45 27.68 32.66 0.02
C GLU A 45 27.84 31.18 -0.52
N GLY A 46 26.94 30.30 -0.07
CA GLY A 46 26.87 28.91 -0.50
C GLY A 46 26.89 28.76 -2.04
N CYS A 47 26.22 29.66 -2.75
CA CYS A 47 26.18 29.73 -4.21
C CYS A 47 25.70 31.15 -4.61
N PHE A 48 25.43 31.40 -5.87
CA PHE A 48 25.06 32.74 -6.25
C PHE A 48 23.59 33.14 -6.09
N TRP A 49 22.75 32.25 -5.57
CA TRP A 49 21.33 32.58 -5.37
C TRP A 49 21.20 33.70 -4.31
N ARG A 50 22.18 33.75 -3.43
CA ARG A 50 22.34 34.70 -2.31
C ARG A 50 21.11 34.82 -1.36
N CYS A 51 20.65 33.68 -0.80
CA CYS A 51 19.51 33.65 0.13
C CYS A 51 19.83 34.45 1.42
N GLY A 52 18.80 35.12 1.95
CA GLY A 52 18.90 35.87 3.19
C GLY A 52 18.79 34.85 4.33
N ILE A 53 19.70 34.91 5.29
CA ILE A 53 19.78 33.99 6.42
C ILE A 53 20.08 34.65 7.77
N VAL A 54 19.78 33.96 8.87
CA VAL A 54 20.13 34.45 10.21
C VAL A 54 21.29 33.51 10.64
N ALA A 55 22.38 34.05 11.20
CA ALA A 55 23.50 33.22 11.67
C ALA A 55 23.56 33.28 13.20
N HIS A 56 23.64 32.11 13.82
CA HIS A 56 23.69 31.97 15.26
C HIS A 56 25.13 31.64 15.70
N ALA A 57 25.81 32.62 16.31
CA ALA A 57 27.15 32.40 16.82
C ALA A 57 27.17 32.37 18.35
N VAL A 58 28.17 31.67 18.90
CA VAL A 58 28.47 31.56 20.35
C VAL A 58 29.99 31.87 20.37
N GLY A 59 30.39 33.08 20.73
CA GLY A 59 31.79 33.41 20.66
C GLY A 59 32.19 33.52 19.19
N ASN A 60 33.39 33.06 18.83
CA ASN A 60 33.91 33.11 17.45
C ASN A 60 33.51 31.95 16.55
N ARG A 61 32.26 31.51 16.63
CA ARG A 61 31.86 30.38 15.81
C ARG A 61 30.36 30.24 15.53
N VAL A 62 30.03 30.18 14.24
CA VAL A 62 28.66 30.04 13.77
C VAL A 62 28.24 28.54 13.79
N TYR A 63 27.40 28.17 14.76
CA TYR A 63 26.92 26.79 14.93
C TYR A 63 25.72 26.38 14.07
N LYS A 64 24.87 27.36 13.76
CA LYS A 64 23.64 27.16 13.02
C LYS A 64 23.29 28.41 12.20
N VAL A 65 22.63 28.18 11.08
CA VAL A 65 22.20 29.23 10.17
C VAL A 65 20.74 28.90 9.79
N GLU A 66 19.93 29.88 9.50
CA GLU A 66 18.55 29.54 9.17
C GLU A 66 17.90 30.53 8.17
N GLY A 67 16.89 30.09 7.41
CA GLY A 67 16.26 31.04 6.52
C GLY A 67 15.38 31.94 7.38
N TYR A 68 14.74 32.98 6.83
CA TYR A 68 13.78 33.84 7.58
C TYR A 68 12.57 34.27 6.69
N GLU A 69 11.38 34.29 7.29
CA GLU A 69 10.12 34.58 6.62
C GLU A 69 10.03 35.80 5.65
N ALA A 70 10.18 37.03 6.10
CA ALA A 70 10.16 38.22 5.21
C ALA A 70 11.05 38.11 3.95
N ASN A 71 12.29 37.65 4.11
CA ASN A 71 13.19 37.49 2.95
C ASN A 71 12.49 36.69 1.82
N PRO A 72 12.27 37.33 0.63
CA PRO A 72 11.63 36.66 -0.53
C PRO A 72 12.34 35.42 -1.14
N LYS A 73 13.60 35.19 -0.78
CA LYS A 73 14.38 34.06 -1.27
C LYS A 73 14.29 32.82 -0.38
N SER A 74 14.67 32.93 0.89
CA SER A 74 14.57 31.77 1.79
C SER A 74 13.15 31.49 2.36
N ARG A 75 12.41 32.54 2.72
CA ARG A 75 11.08 32.44 3.36
C ARG A 75 11.04 31.40 4.51
N GLY A 76 12.09 31.30 5.30
CA GLY A 76 12.13 30.36 6.39
C GLY A 76 12.87 29.04 6.17
N ARG A 77 13.01 28.62 4.92
CA ARG A 77 13.72 27.39 4.51
C ARG A 77 15.17 27.64 4.02
N LEU A 78 15.90 26.54 3.80
CA LEU A 78 17.29 26.51 3.35
C LEU A 78 17.62 25.13 2.73
N CYS A 79 18.42 25.13 1.65
CA CYS A 79 18.83 23.89 1.00
C CYS A 79 20.03 23.32 1.79
N PRO A 80 20.45 22.06 1.50
CA PRO A 80 21.59 21.41 2.18
C PRO A 80 22.92 22.22 2.16
N ARG A 81 23.26 22.79 1.01
CA ARG A 81 24.47 23.60 0.82
C ARG A 81 24.48 24.84 1.72
N GLY A 82 23.31 25.43 1.95
CA GLY A 82 23.20 26.59 2.80
C GLY A 82 23.45 26.21 4.25
N GLN A 83 22.91 25.05 4.65
CA GLN A 83 23.08 24.52 6.02
C GLN A 83 24.53 24.13 6.37
N GLY A 84 25.25 23.53 5.42
CA GLY A 84 26.63 23.14 5.67
C GLY A 84 27.69 24.16 5.33
N ALA A 85 27.33 25.19 4.58
CA ALA A 85 28.27 26.27 4.17
C ALA A 85 29.21 26.85 5.24
N PRO A 86 28.75 26.96 6.49
CA PRO A 86 29.69 27.49 7.47
C PRO A 86 30.98 26.70 7.83
N GLN A 87 31.08 25.42 7.54
CA GLN A 87 32.31 24.77 8.00
C GLN A 87 33.62 25.19 7.28
N THR A 88 33.56 25.80 6.09
CA THR A 88 34.81 26.24 5.44
C THR A 88 35.55 27.25 6.36
N THR A 89 34.79 28.03 7.09
CA THR A 89 35.34 29.01 8.01
C THR A 89 36.11 28.29 9.14
N TYR A 90 35.73 27.05 9.44
CA TYR A 90 36.33 26.24 10.53
C TYR A 90 37.00 24.97 10.05
N ASP A 91 37.65 25.12 8.89
CA ASP A 91 38.38 24.07 8.21
C ASP A 91 39.92 24.30 8.49
N PRO A 92 40.64 23.34 9.17
CA PRO A 92 42.08 23.40 9.47
C PRO A 92 43.09 23.67 8.31
N ASP A 93 42.60 23.47 7.08
CA ASP A 93 43.35 23.64 5.79
C ASP A 93 42.98 24.98 5.13
N ARG A 94 41.97 25.65 5.68
CA ARG A 94 41.57 26.94 5.12
C ARG A 94 42.80 27.93 5.20
N LEU A 95 43.08 28.63 4.09
CA LEU A 95 44.18 29.63 3.91
C LEU A 95 44.16 30.75 5.00
N LYS A 96 45.30 31.05 5.64
CA LYS A 96 45.37 32.04 6.73
C LYS A 96 46.31 33.26 6.45
N ARG A 97 47.52 33.05 5.98
CA ARG A 97 48.42 34.20 5.74
C ARG A 97 48.77 34.61 4.26
N PRO A 98 49.18 35.93 3.96
CA PRO A 98 49.52 36.16 2.56
C PRO A 98 50.73 35.27 2.29
N LEU A 99 50.96 34.95 1.03
CA LEU A 99 52.08 34.10 0.66
C LEU A 99 52.73 34.59 -0.62
N ILE A 100 54.06 34.56 -0.69
CA ILE A 100 54.69 34.93 -1.95
C ILE A 100 55.58 33.78 -2.41
N ARG A 101 55.55 33.55 -3.71
CA ARG A 101 56.32 32.50 -4.40
C ARG A 101 57.85 32.68 -4.26
N VAL A 102 58.53 31.68 -3.67
CA VAL A 102 59.98 31.71 -3.48
C VAL A 102 60.68 32.03 -4.86
N GLU A 103 61.57 33.03 -4.90
CA GLU A 103 62.21 33.45 -6.15
C GLU A 103 63.07 32.33 -6.77
N GLY A 104 62.85 32.06 -8.07
CA GLY A 104 63.56 30.99 -8.74
C GLY A 104 62.79 29.69 -8.84
N SER A 105 61.69 29.54 -8.09
CA SER A 105 60.86 28.33 -8.17
C SER A 105 59.75 28.54 -9.23
N GLN A 106 59.51 27.50 -10.03
CA GLN A 106 58.50 27.43 -11.10
C GLN A 106 57.05 27.55 -10.57
N ARG A 107 56.15 28.15 -11.36
CA ARG A 107 54.71 28.21 -11.02
C ARG A 107 54.18 26.75 -11.22
N GLY A 108 53.61 26.13 -10.18
CA GLY A 108 53.14 24.76 -10.27
C GLY A 108 53.81 23.99 -9.15
N GLU A 109 55.14 24.04 -9.18
CA GLU A 109 56.02 23.52 -8.11
C GLU A 109 55.30 24.29 -6.93
N GLY A 110 55.20 23.78 -5.72
CA GLY A 110 54.48 24.54 -4.68
C GLY A 110 55.23 25.26 -3.56
N LYS A 111 56.32 25.96 -3.92
CA LYS A 111 57.19 26.70 -2.96
C LYS A 111 56.80 28.16 -2.63
N TYR A 112 56.43 28.43 -1.38
CA TYR A 112 55.98 29.73 -0.87
C TYR A 112 56.67 30.16 0.42
N ARG A 113 56.63 31.46 0.72
CA ARG A 113 57.14 31.98 1.99
C ARG A 113 56.10 32.98 2.50
N VAL A 114 55.84 32.97 3.80
CA VAL A 114 54.87 33.85 4.43
C VAL A 114 55.27 35.32 4.24
N ALA A 115 54.28 36.20 4.15
CA ALA A 115 54.50 37.61 3.94
C ALA A 115 53.50 38.42 4.74
N THR A 116 53.73 39.71 4.71
CA THR A 116 52.92 40.68 5.42
C THR A 116 51.87 41.27 4.44
N TRP A 117 50.71 41.70 4.92
CA TRP A 117 49.74 42.30 4.01
C TRP A 117 50.36 43.48 3.26
N GLU A 118 51.19 44.25 3.97
CA GLU A 118 51.89 45.42 3.45
C GLU A 118 52.87 45.00 2.34
N GLU A 119 53.73 44.02 2.63
CA GLU A 119 54.70 43.51 1.66
C GLU A 119 54.07 42.85 0.42
N ALA A 120 53.02 42.04 0.61
CA ALA A 120 52.33 41.38 -0.51
C ALA A 120 51.59 42.39 -1.40
N LEU A 121 50.93 43.37 -0.80
CA LEU A 121 50.21 44.40 -1.55
C LEU A 121 51.15 45.35 -2.35
N ASP A 122 52.36 45.62 -1.83
CA ASP A 122 53.38 46.46 -2.51
C ASP A 122 53.94 45.72 -3.72
N HIS A 123 54.27 44.45 -3.48
CA HIS A 123 54.80 43.55 -4.50
C HIS A 123 53.83 43.46 -5.71
N ILE A 124 52.51 43.42 -5.48
CA ILE A 124 51.53 43.37 -6.58
C ILE A 124 51.48 44.72 -7.37
N ALA A 125 51.30 45.86 -6.69
CA ALA A 125 51.30 47.18 -7.36
C ALA A 125 52.62 47.46 -8.16
N LYS A 126 53.77 47.18 -7.55
CA LYS A 126 55.06 47.38 -8.22
C LYS A 126 55.07 46.63 -9.61
N LYS A 127 54.70 45.36 -9.59
CA LYS A 127 54.61 44.47 -10.77
C LYS A 127 53.56 44.91 -11.79
N MET A 128 52.39 45.34 -11.29
CA MET A 128 51.28 45.81 -12.12
C MET A 128 51.66 47.09 -12.89
N LEU A 129 52.42 47.97 -12.24
CA LEU A 129 52.86 49.25 -12.80
C LEU A 129 53.87 49.07 -13.94
N GLU A 130 54.74 48.08 -13.79
CA GLU A 130 55.74 47.72 -14.80
C GLU A 130 55.08 47.22 -16.08
N ILE A 131 54.04 46.40 -15.94
CA ILE A 131 53.29 45.86 -17.09
C ILE A 131 52.59 47.02 -17.82
N ARG A 132 52.18 48.02 -17.04
CA ARG A 132 51.50 49.23 -17.55
C ARG A 132 52.41 50.27 -18.22
N GLU A 133 53.72 50.25 -17.98
CA GLU A 133 54.55 51.25 -18.63
C GLU A 133 55.06 50.75 -20.01
N LYS A 134 55.29 49.46 -20.20
CA LYS A 134 55.67 48.99 -21.52
C LYS A 134 54.51 48.29 -22.32
N TYR A 135 53.36 47.98 -21.72
CA TYR A 135 52.21 47.40 -22.45
C TYR A 135 50.84 48.15 -22.37
N GLY A 136 50.61 48.94 -21.33
CA GLY A 136 49.32 49.61 -21.19
C GLY A 136 48.50 48.92 -20.09
N PRO A 137 47.37 49.47 -19.58
CA PRO A 137 46.64 48.70 -18.55
C PRO A 137 45.80 47.47 -18.99
N GLU A 138 45.54 47.38 -20.29
CA GLU A 138 44.74 46.30 -20.89
C GLU A 138 45.47 44.96 -20.96
N ALA A 139 46.74 44.99 -20.57
CA ALA A 139 47.56 43.79 -20.53
C ALA A 139 47.32 43.08 -19.19
N ILE A 140 46.30 43.49 -18.43
CA ILE A 140 45.97 42.81 -17.19
C ILE A 140 44.50 42.29 -17.23
N ALA A 141 44.34 40.96 -17.18
CA ALA A 141 43.02 40.33 -17.18
C ALA A 141 42.60 40.14 -15.73
N PHE A 142 41.31 40.36 -15.48
CA PHE A 142 40.67 40.26 -14.19
C PHE A 142 39.50 39.22 -14.27
N PHE A 143 39.68 38.00 -13.74
CA PHE A 143 38.63 36.94 -13.76
C PHE A 143 38.05 36.83 -12.31
N GLY A 144 36.76 36.61 -12.14
CA GLY A 144 36.27 36.51 -10.78
C GLY A 144 34.87 36.03 -10.65
N HIS A 145 34.49 35.66 -9.44
CA HIS A 145 33.14 35.20 -9.16
C HIS A 145 32.72 35.41 -7.71
N GLY A 146 31.42 35.32 -7.43
CA GLY A 146 30.93 35.53 -6.07
C GLY A 146 30.58 36.97 -5.74
N THR A 147 30.00 37.27 -4.58
CA THR A 147 29.63 38.65 -4.20
C THR A 147 30.68 39.75 -4.45
N GLY A 148 31.90 39.55 -3.93
CA GLY A 148 32.98 40.49 -4.12
C GLY A 148 33.52 40.62 -5.54
N ASP A 149 32.81 40.07 -6.53
CA ASP A 149 33.26 40.17 -7.94
C ASP A 149 32.94 41.59 -8.46
N TYR A 150 32.10 42.28 -7.69
CA TYR A 150 31.77 43.68 -7.95
C TYR A 150 33.11 44.44 -7.87
N TRP A 151 33.91 44.20 -6.83
CA TRP A 151 35.18 44.92 -6.68
C TRP A 151 36.25 44.51 -7.66
N PHE A 152 36.43 43.22 -7.78
CA PHE A 152 37.44 42.74 -8.66
C PHE A 152 37.10 42.72 -10.15
N VAL A 153 35.93 42.28 -10.52
CA VAL A 153 35.53 42.20 -11.92
C VAL A 153 34.77 43.39 -12.58
N ASP A 154 33.90 44.06 -11.84
CA ASP A 154 33.11 45.18 -12.34
C ASP A 154 33.76 46.60 -12.05
N PHE A 155 34.29 46.79 -10.85
CA PHE A 155 34.88 48.07 -10.41
C PHE A 155 36.39 48.29 -10.62
N LEU A 156 37.24 47.63 -9.83
CA LEU A 156 38.70 47.74 -9.99
C LEU A 156 39.18 47.75 -11.48
N PRO A 157 38.74 46.73 -12.29
CA PRO A 157 39.16 46.70 -13.70
C PRO A 157 38.84 47.98 -14.54
N ALA A 158 37.62 48.51 -14.38
CA ALA A 158 37.24 49.71 -15.12
C ALA A 158 37.98 50.96 -14.58
N ALA A 159 38.12 51.06 -13.26
CA ALA A 159 38.83 52.19 -12.65
C ALA A 159 40.31 52.14 -13.04
N TRP A 160 40.82 50.95 -13.35
CA TRP A 160 42.20 50.81 -13.77
C TRP A 160 42.36 50.96 -15.31
N GLY A 161 41.30 50.71 -16.07
CA GLY A 161 41.35 50.83 -17.52
C GLY A 161 41.54 49.58 -18.36
N SER A 162 41.18 48.41 -17.85
CA SER A 162 41.30 47.14 -18.61
C SER A 162 39.89 46.60 -18.95
N PRO A 163 39.60 46.35 -20.26
CA PRO A 163 38.30 45.83 -20.69
C PRO A 163 38.23 44.28 -20.57
N ASN A 164 39.37 43.67 -20.24
CA ASN A 164 39.54 42.22 -20.12
C ASN A 164 39.17 41.66 -18.71
N ALA A 165 37.91 41.89 -18.37
CA ALA A 165 37.28 41.45 -17.13
C ALA A 165 36.15 40.47 -17.49
N ALA A 166 36.12 39.32 -16.83
CA ALA A 166 35.15 38.27 -17.11
C ALA A 166 34.78 37.31 -15.96
N LYS A 167 33.61 36.67 -16.09
CA LYS A 167 33.13 35.68 -15.14
C LYS A 167 32.58 34.49 -15.91
N PRO A 168 32.79 33.25 -15.37
CA PRO A 168 32.33 31.99 -15.96
C PRO A 168 30.81 31.83 -16.06
N SER A 169 30.05 32.62 -15.31
CA SER A 169 28.58 32.56 -15.37
C SER A 169 27.99 33.25 -16.63
N VAL A 170 28.87 33.65 -17.58
CA VAL A 170 28.52 34.35 -18.83
C VAL A 170 28.83 33.56 -20.12
N SER A 171 30.04 33.06 -20.29
CA SER A 171 30.31 32.26 -21.48
C SER A 171 30.36 30.76 -21.10
N LEU A 172 30.27 30.43 -19.80
CA LEU A 172 30.23 29.04 -19.37
C LEU A 172 28.92 28.70 -18.68
N CYS A 173 27.95 29.56 -18.90
CA CYS A 173 26.65 29.33 -18.35
C CYS A 173 25.46 29.91 -19.07
N THR A 174 25.29 31.18 -18.83
CA THR A 174 24.13 31.93 -19.23
C THR A 174 24.06 32.78 -20.52
N ALA A 175 25.20 33.02 -21.13
CA ALA A 175 25.26 33.83 -22.34
C ALA A 175 24.21 33.51 -23.45
N PRO A 176 24.06 32.22 -23.86
CA PRO A 176 23.05 31.93 -24.87
C PRO A 176 21.64 32.46 -24.64
N ARG A 177 21.16 32.33 -23.42
CA ARG A 177 19.82 32.77 -23.12
C ARG A 177 19.71 34.29 -22.86
N GLU A 178 20.79 34.93 -22.40
CA GLU A 178 20.75 36.37 -22.13
C GLU A 178 20.69 37.18 -23.44
N VAL A 179 21.43 36.71 -24.43
CA VAL A 179 21.50 37.29 -25.77
C VAL A 179 20.11 37.08 -26.44
N ALA A 180 19.63 35.83 -26.48
CA ALA A 180 18.32 35.48 -27.04
C ALA A 180 17.23 36.41 -26.45
N SER A 181 17.23 36.56 -25.13
CA SER A 181 16.30 37.41 -24.39
C SER A 181 16.44 38.93 -24.71
N GLN A 182 17.67 39.45 -24.85
CA GLN A 182 17.86 40.87 -25.16
C GLN A 182 17.27 41.22 -26.56
N TRP A 183 17.47 40.33 -27.53
CA TRP A 183 16.95 40.46 -28.90
C TRP A 183 15.41 40.29 -29.02
N VAL A 184 14.86 39.29 -28.33
CA VAL A 184 13.41 39.00 -28.40
C VAL A 184 12.52 39.94 -27.54
N PHE A 185 12.95 40.22 -26.31
CA PHE A 185 12.25 41.10 -25.38
C PHE A 185 13.18 42.26 -25.15
N GLY A 186 12.82 43.32 -24.46
CA GLY A 186 13.93 44.21 -24.35
C GLY A 186 14.64 44.02 -23.05
N ARG A 187 14.39 42.88 -22.42
CA ARG A 187 14.94 42.59 -21.10
C ARG A 187 15.77 41.34 -20.84
N PRO A 188 16.49 41.30 -19.68
CA PRO A 188 17.31 40.13 -19.31
C PRO A 188 16.35 39.03 -18.78
N ILE A 189 16.87 37.84 -18.45
CA ILE A 189 15.99 36.84 -17.82
C ILE A 189 16.41 37.09 -16.35
N GLY A 190 17.72 37.30 -16.08
CA GLY A 190 18.21 37.62 -14.75
C GLY A 190 18.67 36.50 -13.84
N GLY A 191 19.18 36.83 -12.64
CA GLY A 191 19.64 35.85 -11.67
C GLY A 191 18.54 35.08 -10.92
N HIS A 192 17.39 35.73 -10.71
CA HIS A 192 16.21 35.11 -10.05
C HIS A 192 15.16 35.00 -11.18
N GLU A 193 15.33 34.03 -12.08
CA GLU A 193 14.43 33.90 -13.22
C GLU A 193 12.94 34.12 -12.88
N PRO A 194 12.28 35.17 -13.53
CA PRO A 194 10.89 35.63 -13.44
C PRO A 194 9.65 34.76 -13.79
N ILE A 195 9.62 33.52 -13.31
CA ILE A 195 8.53 32.58 -13.57
C ILE A 195 7.49 32.63 -12.44
N ASP A 196 6.23 32.77 -12.83
CA ASP A 196 5.08 32.84 -11.91
C ASP A 196 4.66 31.38 -11.70
N TRP A 197 5.47 30.62 -10.96
CA TRP A 197 5.21 29.21 -10.72
C TRP A 197 3.88 28.86 -10.06
N GLU A 198 3.46 29.70 -9.12
CA GLU A 198 2.25 29.48 -8.34
C GLU A 198 0.94 29.47 -9.13
N ASN A 199 0.90 30.15 -10.27
CA ASN A 199 -0.29 30.16 -11.12
C ASN A 199 -0.14 29.26 -12.37
N ALA A 200 1.07 28.72 -12.59
CA ALA A 200 1.33 27.83 -13.74
C ALA A 200 0.48 26.52 -13.67
N ARG A 201 0.03 26.02 -14.82
CA ARG A 201 -0.88 24.86 -14.90
C ARG A 201 -0.38 23.64 -15.63
N TYR A 202 0.64 23.92 -16.45
CA TYR A 202 1.33 22.96 -17.30
C TYR A 202 2.73 23.58 -17.48
N ILE A 203 3.76 22.81 -17.15
CA ILE A 203 5.15 23.25 -17.22
C ILE A 203 6.09 22.34 -18.05
N VAL A 204 6.83 22.89 -19.02
CA VAL A 204 7.74 22.07 -19.81
C VAL A 204 9.22 22.41 -19.55
N LEU A 205 9.94 21.45 -18.97
CA LEU A 205 11.36 21.55 -18.62
C LEU A 205 12.26 20.90 -19.66
N ILE A 206 13.13 21.70 -20.27
CA ILE A 206 14.09 21.20 -21.21
C ILE A 206 15.53 21.18 -20.57
N GLY A 207 15.95 20.02 -20.04
CA GLY A 207 17.25 19.84 -19.45
C GLY A 207 17.52 20.47 -18.10
N HIS A 208 16.48 21.18 -17.71
CA HIS A 208 16.36 21.97 -16.46
C HIS A 208 16.21 20.85 -15.36
N HIS A 209 17.26 20.47 -14.62
CA HIS A 209 17.09 19.47 -13.57
C HIS A 209 16.80 20.10 -12.17
N ILE A 210 15.53 20.14 -11.75
CA ILE A 210 15.12 20.71 -10.45
C ILE A 210 15.01 19.61 -9.40
N GLY A 211 15.75 19.79 -8.32
CA GLY A 211 15.82 18.79 -7.27
C GLY A 211 17.27 18.32 -7.15
N GLU A 212 18.04 18.38 -8.23
CA GLU A 212 19.49 18.05 -8.24
C GLU A 212 20.15 19.45 -8.19
N ASP A 213 19.67 20.35 -9.06
CA ASP A 213 20.02 21.81 -9.09
C ASP A 213 19.08 22.18 -7.93
N THR A 214 19.68 22.68 -6.86
CA THR A 214 18.96 22.90 -5.64
C THR A 214 18.76 24.33 -5.10
N HIS A 215 18.74 25.29 -6.05
CA HIS A 215 18.49 26.74 -5.81
C HIS A 215 17.20 26.75 -4.96
N ASN A 216 17.38 27.33 -3.79
CA ASN A 216 16.30 27.40 -2.80
C ASN A 216 14.87 27.67 -3.24
N THR A 217 14.58 28.92 -3.54
CA THR A 217 13.23 29.38 -3.90
C THR A 217 12.57 28.64 -5.05
N GLN A 218 13.34 28.29 -6.07
CA GLN A 218 12.74 27.59 -7.19
C GLN A 218 12.40 26.12 -6.81
N LEU A 219 13.05 25.58 -5.78
CA LEU A 219 12.73 24.21 -5.32
C LEU A 219 11.33 24.37 -4.63
N GLN A 220 11.25 25.31 -3.71
CA GLN A 220 10.02 25.64 -3.02
C GLN A 220 8.86 25.83 -4.03
N ASP A 221 9.03 26.74 -4.99
CA ASP A 221 7.99 27.04 -5.98
C ASP A 221 7.53 25.84 -6.85
N PHE A 222 8.51 25.08 -7.35
CA PHE A 222 8.27 23.86 -8.14
C PHE A 222 7.43 22.88 -7.30
N ALA A 223 7.81 22.68 -6.04
CA ALA A 223 7.10 21.79 -5.13
C ALA A 223 5.65 22.28 -4.87
N LEU A 224 5.44 23.58 -4.79
CA LEU A 224 4.11 24.16 -4.59
C LEU A 224 3.24 23.98 -5.84
N ALA A 225 3.85 24.11 -7.02
CA ALA A 225 3.13 23.89 -8.28
C ALA A 225 2.66 22.41 -8.33
N LEU A 226 3.54 21.45 -8.09
CA LEU A 226 3.14 20.03 -8.10
C LEU A 226 1.92 19.78 -7.19
N LYS A 227 2.03 20.36 -5.99
CA LYS A 227 1.05 20.34 -4.90
C LYS A 227 -0.37 20.80 -5.30
N ASN A 228 -0.47 21.89 -6.05
CA ASN A 228 -1.74 22.43 -6.54
C ASN A 228 -2.25 21.79 -7.84
N GLY A 229 -1.67 20.69 -8.27
CA GLY A 229 -2.12 20.07 -9.49
C GLY A 229 -1.51 20.60 -10.77
N ALA A 230 -0.22 20.88 -10.70
CA ALA A 230 0.59 21.36 -11.83
C ALA A 230 1.25 20.14 -12.46
N LYS A 231 0.84 19.83 -13.69
CA LYS A 231 1.42 18.71 -14.41
C LYS A 231 2.59 19.22 -15.28
N VAL A 232 3.73 18.54 -15.04
CA VAL A 232 5.10 18.76 -15.53
C VAL A 232 5.67 17.80 -16.60
N VAL A 233 6.11 18.32 -17.74
CA VAL A 233 6.71 17.50 -18.81
C VAL A 233 8.27 17.69 -18.82
N VAL A 234 9.05 16.62 -18.74
CA VAL A 234 10.51 16.75 -18.77
C VAL A 234 11.11 16.13 -20.04
N VAL A 235 11.95 16.93 -20.71
CA VAL A 235 12.66 16.56 -21.94
C VAL A 235 14.14 16.48 -21.51
N ASP A 236 14.75 15.29 -21.62
CA ASP A 236 16.13 15.06 -21.15
C ASP A 236 16.55 13.62 -21.57
N PRO A 237 17.82 13.43 -22.01
CA PRO A 237 18.19 12.05 -22.38
C PRO A 237 18.37 11.17 -21.10
N ARG A 238 18.25 11.82 -19.93
CA ARG A 238 18.44 11.14 -18.61
C ARG A 238 17.17 11.25 -17.71
N PHE A 239 16.75 10.16 -17.06
CA PHE A 239 15.58 10.14 -16.15
C PHE A 239 16.01 10.72 -14.79
N SER A 240 16.05 12.05 -14.71
CA SER A 240 16.45 12.83 -13.53
C SER A 240 15.44 12.87 -12.37
N THR A 241 15.73 13.67 -11.35
CA THR A 241 14.87 13.83 -10.19
C THR A 241 13.55 14.51 -10.63
N ALA A 242 13.66 15.58 -11.41
CA ALA A 242 12.50 16.30 -11.91
C ALA A 242 11.65 15.40 -12.83
N ALA A 243 12.30 14.51 -13.57
CA ALA A 243 11.54 13.55 -14.39
C ALA A 243 10.79 12.55 -13.46
N ALA A 244 11.32 12.30 -12.27
CA ALA A 244 10.69 11.38 -11.31
C ALA A 244 9.36 11.91 -10.76
N LYS A 245 9.10 13.18 -11.03
CA LYS A 245 7.88 13.93 -10.61
C LYS A 245 6.99 14.34 -11.81
N ALA A 246 7.34 13.90 -13.01
CA ALA A 246 6.63 14.27 -14.24
C ALA A 246 5.52 13.38 -14.77
N HIS A 247 4.54 13.99 -15.44
CA HIS A 247 3.42 13.29 -16.03
C HIS A 247 3.94 12.66 -17.34
N ARG A 248 4.83 13.36 -18.05
CA ARG A 248 5.47 12.80 -19.24
C ARG A 248 7.02 12.94 -19.26
N TRP A 249 7.75 11.87 -19.60
CA TRP A 249 9.21 11.96 -19.77
C TRP A 249 9.51 11.78 -21.28
N LEU A 250 10.08 12.77 -21.97
CA LEU A 250 10.46 12.57 -23.39
C LEU A 250 12.01 12.28 -23.44
N PRO A 251 12.44 10.97 -23.55
CA PRO A 251 13.89 10.66 -23.61
C PRO A 251 14.57 11.04 -24.95
N ILE A 252 14.71 12.34 -25.18
CA ILE A 252 15.28 12.92 -26.40
C ILE A 252 16.72 12.55 -26.78
N LYS A 253 16.96 12.37 -28.07
CA LYS A 253 18.31 12.05 -28.53
C LYS A 253 19.12 13.36 -28.25
N PRO A 254 20.31 13.27 -27.59
CA PRO A 254 21.11 14.49 -27.33
C PRO A 254 21.48 15.45 -28.49
N GLY A 255 21.38 16.76 -28.21
CA GLY A 255 21.71 17.85 -29.13
C GLY A 255 20.71 18.07 -30.22
N THR A 256 19.49 17.67 -29.93
CA THR A 256 18.40 17.65 -30.87
C THR A 256 17.11 18.44 -30.50
N ASP A 257 17.19 19.24 -29.44
CA ASP A 257 16.08 20.04 -28.91
C ASP A 257 15.51 21.14 -29.79
N THR A 258 16.32 21.71 -30.65
CA THR A 258 15.80 22.75 -31.51
C THR A 258 14.80 22.16 -32.55
N ALA A 259 14.96 20.89 -32.93
CA ALA A 259 14.03 20.25 -33.89
C ALA A 259 12.64 20.01 -33.28
N LEU A 260 12.63 19.71 -31.98
CA LEU A 260 11.43 19.45 -31.17
C LEU A 260 10.78 20.85 -30.92
N LEU A 261 11.56 21.88 -30.64
CA LEU A 261 11.01 23.23 -30.46
C LEU A 261 10.40 23.78 -31.79
N LEU A 262 11.11 23.66 -32.91
CA LEU A 262 10.59 24.12 -34.23
C LEU A 262 9.25 23.41 -34.63
N ALA A 263 9.16 22.11 -34.38
CA ALA A 263 7.95 21.31 -34.69
C ALA A 263 6.75 21.65 -33.76
N TRP A 264 7.03 22.19 -32.58
CA TRP A 264 5.97 22.62 -31.68
C TRP A 264 5.51 24.01 -32.17
N ILE A 265 6.46 24.83 -32.62
CA ILE A 265 6.17 26.18 -33.15
C ILE A 265 5.22 25.94 -34.37
N HIS A 266 5.60 24.98 -35.21
CA HIS A 266 4.78 24.59 -36.37
C HIS A 266 3.35 24.14 -35.96
N VAL A 267 3.20 23.30 -34.93
CA VAL A 267 1.87 22.84 -34.54
C VAL A 267 0.94 23.97 -33.99
N LEU A 268 1.48 24.91 -33.22
CA LEU A 268 0.69 26.04 -32.69
C LEU A 268 0.33 27.08 -33.78
N ILE A 269 1.18 27.24 -34.79
CA ILE A 269 0.89 28.16 -35.90
C ILE A 269 -0.05 27.50 -36.94
N TYR A 270 0.31 26.30 -37.43
CA TYR A 270 -0.48 25.58 -38.44
C TYR A 270 -1.79 24.89 -38.03
N GLU A 271 -1.95 24.56 -36.75
CA GLU A 271 -3.19 23.96 -36.32
C GLU A 271 -4.04 25.08 -35.75
N ASP A 272 -3.49 26.28 -35.82
CA ASP A 272 -4.19 27.48 -35.40
C ASP A 272 -4.57 27.47 -33.89
N LEU A 273 -3.60 27.16 -33.03
CA LEU A 273 -3.84 27.08 -31.58
C LEU A 273 -3.26 28.27 -30.80
N TYR A 274 -2.49 29.12 -31.46
CA TYR A 274 -1.86 30.24 -30.79
C TYR A 274 -2.73 31.40 -30.35
N ASP A 275 -2.22 32.22 -29.44
CA ASP A 275 -2.94 33.40 -28.93
C ASP A 275 -2.87 34.53 -29.96
N LYS A 276 -3.94 34.65 -30.74
CA LYS A 276 -4.07 35.61 -31.81
C LYS A 276 -3.93 37.10 -31.41
N GLU A 277 -4.67 37.50 -30.40
CA GLU A 277 -4.60 38.88 -29.89
C GLU A 277 -3.20 39.27 -29.46
N TYR A 278 -2.65 38.44 -28.58
CA TYR A 278 -1.34 38.69 -28.00
C TYR A 278 -0.31 38.98 -29.12
N VAL A 279 -0.26 38.16 -30.17
CA VAL A 279 0.68 38.44 -31.26
C VAL A 279 0.31 39.77 -31.97
N ALA A 280 -0.98 39.99 -32.23
CA ALA A 280 -1.45 41.24 -32.83
C ALA A 280 -1.04 42.49 -32.00
N LYS A 281 -1.25 42.56 -30.69
CA LYS A 281 -0.84 43.76 -29.98
C LYS A 281 0.61 43.96 -29.42
N TYR A 282 1.41 42.90 -29.31
CA TYR A 282 2.76 42.97 -28.70
C TYR A 282 3.91 42.31 -29.45
N THR A 283 3.68 41.98 -30.71
CA THR A 283 4.64 41.25 -31.48
C THR A 283 4.98 41.81 -32.88
N VAL A 284 6.26 41.99 -33.19
CA VAL A 284 6.71 42.45 -34.54
C VAL A 284 7.21 41.22 -35.33
N GLY A 285 7.09 41.26 -36.66
CA GLY A 285 7.51 40.17 -37.53
C GLY A 285 7.08 38.73 -37.22
N PHE A 286 5.78 38.44 -37.04
CA PHE A 286 5.24 37.07 -36.76
C PHE A 286 5.14 36.25 -38.05
N GLU A 287 5.02 36.95 -39.18
CA GLU A 287 4.87 36.39 -40.53
C GLU A 287 6.09 35.63 -41.08
N GLU A 288 7.27 36.19 -40.82
CA GLU A 288 8.56 35.59 -41.21
C GLU A 288 8.68 34.16 -40.58
N LEU A 289 8.21 34.04 -39.34
CA LEU A 289 8.20 32.80 -38.52
C LEU A 289 7.30 31.66 -39.06
N LYS A 290 6.10 32.00 -39.50
CA LYS A 290 5.14 31.02 -40.05
C LYS A 290 5.68 30.36 -41.33
N ALA A 291 6.21 31.17 -42.24
CA ALA A 291 6.80 30.70 -43.52
C ALA A 291 8.11 29.89 -43.33
N HIS A 292 8.96 30.32 -42.40
CA HIS A 292 10.23 29.65 -42.03
C HIS A 292 9.97 28.20 -41.59
N VAL A 293 8.97 28.06 -40.74
CA VAL A 293 8.57 26.82 -40.11
C VAL A 293 7.61 25.88 -40.88
N LYS A 294 7.43 26.14 -42.17
CA LYS A 294 6.53 25.39 -43.05
C LYS A 294 6.70 23.85 -43.14
N ASP A 295 7.93 23.41 -43.37
CA ASP A 295 8.29 21.99 -43.50
C ASP A 295 8.74 21.29 -42.19
N PHE A 296 8.96 22.03 -41.11
CA PHE A 296 9.37 21.41 -39.84
C PHE A 296 8.14 20.82 -39.13
N THR A 297 7.75 19.63 -39.57
CA THR A 297 6.57 18.92 -39.05
C THR A 297 6.87 17.84 -37.99
N PRO A 298 5.84 17.45 -37.18
CA PRO A 298 6.11 16.40 -36.17
C PRO A 298 6.75 15.12 -36.83
N GLU A 299 6.53 14.87 -38.13
CA GLU A 299 7.14 13.69 -38.77
C GLU A 299 8.62 13.99 -39.13
N TRP A 300 8.93 15.23 -39.51
CA TRP A 300 10.33 15.63 -39.78
C TRP A 300 11.14 15.58 -38.43
N ALA A 301 10.52 16.03 -37.33
CA ALA A 301 11.10 16.06 -35.97
C ALA A 301 11.38 14.68 -35.36
N GLU A 302 10.41 13.78 -35.43
CA GLU A 302 10.51 12.42 -34.90
C GLU A 302 11.70 11.58 -35.44
N LYS A 303 12.15 11.98 -36.60
CA LYS A 303 13.22 11.37 -37.38
C LYS A 303 14.61 11.68 -36.77
N HIS A 304 14.79 12.90 -36.29
CA HIS A 304 16.03 13.36 -35.66
C HIS A 304 15.99 13.28 -34.11
N THR A 305 14.82 13.60 -33.57
CA THR A 305 14.52 13.71 -32.15
C THR A 305 14.35 12.34 -31.45
N GLU A 306 13.71 11.45 -32.18
CA GLU A 306 13.47 10.09 -31.77
C GLU A 306 12.28 9.93 -30.84
N ILE A 307 11.53 11.01 -30.70
CA ILE A 307 10.30 11.07 -29.91
C ILE A 307 9.18 10.83 -30.96
N PRO A 308 8.23 9.89 -30.70
CA PRO A 308 7.15 9.65 -31.70
C PRO A 308 6.37 10.92 -32.15
N ALA A 309 5.91 10.98 -33.39
CA ALA A 309 5.17 12.16 -33.88
C ALA A 309 3.85 12.49 -33.14
N GLN A 310 3.13 11.48 -32.63
CA GLN A 310 1.86 11.64 -31.88
C GLN A 310 2.16 12.39 -30.56
N VAL A 311 3.18 11.92 -29.85
CA VAL A 311 3.65 12.57 -28.63
C VAL A 311 4.02 14.05 -28.93
N ILE A 312 4.77 14.35 -30.00
CA ILE A 312 5.10 15.76 -30.30
C ILE A 312 3.86 16.68 -30.47
N ARG A 313 2.85 16.15 -31.14
CA ARG A 313 1.55 16.78 -31.37
C ARG A 313 0.74 16.99 -30.08
N GLU A 314 0.53 15.90 -29.35
CA GLU A 314 -0.19 15.89 -28.06
C GLU A 314 0.41 16.91 -27.08
N VAL A 315 1.73 16.95 -26.93
CA VAL A 315 2.33 17.93 -26.02
C VAL A 315 2.02 19.38 -26.45
N ALA A 316 2.09 19.75 -27.73
CA ALA A 316 1.75 21.13 -28.10
C ALA A 316 0.26 21.47 -27.91
N ARG A 317 -0.64 20.51 -28.13
CA ARG A 317 -2.09 20.70 -27.95
C ARG A 317 -2.45 20.95 -26.50
N GLU A 318 -1.93 20.10 -25.64
CA GLU A 318 -2.11 20.18 -24.19
C GLU A 318 -1.62 21.51 -23.64
N MET A 319 -0.51 22.03 -24.19
CA MET A 319 -0.01 23.30 -23.68
C MET A 319 -0.91 24.44 -24.19
N ALA A 320 -1.33 24.40 -25.46
CA ALA A 320 -2.29 25.38 -26.01
C ALA A 320 -3.60 25.35 -25.15
N ALA A 321 -4.14 24.17 -24.84
CA ALA A 321 -5.35 24.07 -23.98
C ALA A 321 -5.24 24.78 -22.60
N HIS A 322 -4.04 25.16 -22.17
CA HIS A 322 -3.90 25.77 -20.84
C HIS A 322 -3.52 27.26 -20.79
N LYS A 323 -3.09 27.81 -21.93
CA LYS A 323 -2.70 29.20 -22.03
C LYS A 323 -3.68 30.16 -21.37
N PRO A 324 -3.17 31.28 -20.82
CA PRO A 324 -1.76 31.73 -20.82
C PRO A 324 -0.90 31.04 -19.69
N ARG A 325 -1.50 30.10 -19.00
CA ARG A 325 -0.92 29.37 -17.86
C ARG A 325 -0.14 28.04 -18.10
N ALA A 326 0.57 28.04 -19.23
CA ALA A 326 1.45 26.99 -19.72
C ALA A 326 2.79 27.71 -19.98
N VAL A 327 3.87 27.22 -19.38
CA VAL A 327 5.24 27.78 -19.52
C VAL A 327 6.39 26.81 -19.82
N LEU A 328 7.32 27.23 -20.68
CA LEU A 328 8.55 26.46 -20.88
C LEU A 328 9.60 27.33 -20.14
N PRO A 329 9.79 27.17 -18.80
CA PRO A 329 10.81 28.09 -18.27
C PRO A 329 12.20 27.85 -18.87
N PRO A 330 12.98 28.93 -19.19
CA PRO A 330 14.33 28.72 -19.76
C PRO A 330 15.34 28.20 -18.70
N THR A 331 16.10 27.14 -19.00
CA THR A 331 17.10 26.60 -18.07
C THR A 331 18.26 27.60 -17.80
N ARG A 332 19.11 27.35 -16.81
CA ARG A 332 20.19 28.29 -16.56
C ARG A 332 21.46 27.92 -17.34
N HIS A 333 21.91 26.67 -17.22
CA HIS A 333 23.11 26.26 -17.96
C HIS A 333 22.68 25.76 -19.37
N ASN A 334 23.07 26.62 -20.32
CA ASN A 334 22.81 26.63 -21.77
C ASN A 334 23.99 26.52 -22.79
N VAL A 335 25.21 26.11 -22.42
CA VAL A 335 26.30 26.09 -23.38
C VAL A 335 26.39 24.77 -24.22
N TRP A 336 25.69 23.74 -23.77
CA TRP A 336 25.51 22.38 -24.36
C TRP A 336 26.12 22.02 -25.67
N TYR A 337 25.85 22.85 -26.66
CA TYR A 337 26.41 22.60 -28.00
C TYR A 337 26.75 24.04 -28.63
N GLY A 338 27.47 24.15 -29.75
CA GLY A 338 27.82 25.43 -30.35
C GLY A 338 26.72 26.36 -30.82
N ASP A 339 25.58 25.78 -31.19
CA ASP A 339 24.40 26.53 -31.66
C ASP A 339 23.48 27.23 -30.63
N ASP A 340 23.57 26.86 -29.35
CA ASP A 340 22.76 27.39 -28.25
C ASP A 340 21.80 28.64 -28.25
N THR A 341 22.18 29.77 -28.84
CA THR A 341 21.27 30.94 -28.85
C THR A 341 20.02 30.65 -29.71
N TYR A 342 20.16 29.81 -30.74
CA TYR A 342 19.01 29.39 -31.54
C TYR A 342 18.01 28.56 -30.71
N ARG A 343 18.47 27.55 -29.97
CA ARG A 343 17.54 26.76 -29.16
C ARG A 343 16.76 27.69 -28.19
N VAL A 344 17.44 28.58 -27.47
CA VAL A 344 16.71 29.46 -26.56
C VAL A 344 15.70 30.40 -27.30
N MET A 345 16.10 30.99 -28.43
CA MET A 345 15.20 31.87 -29.20
C MET A 345 13.85 31.15 -29.51
N ALA A 346 13.96 29.90 -29.97
CA ALA A 346 12.83 29.01 -30.30
C ALA A 346 11.89 28.70 -29.12
N LEU A 347 12.49 28.51 -27.94
CA LEU A 347 11.79 28.23 -26.67
C LEU A 347 11.00 29.49 -26.26
N LEU A 348 11.60 30.66 -26.52
CA LEU A 348 10.99 31.96 -26.22
C LEU A 348 9.81 32.25 -27.20
N TYR A 349 9.93 31.86 -28.47
CA TYR A 349 8.84 32.04 -29.46
C TYR A 349 7.58 31.25 -29.01
N VAL A 350 7.78 30.00 -28.59
CA VAL A 350 6.70 29.14 -28.07
C VAL A 350 6.01 29.82 -26.87
N ASN A 351 6.76 30.48 -25.99
CA ASN A 351 6.17 31.18 -24.84
C ASN A 351 5.34 32.40 -25.31
N VAL A 352 5.87 33.12 -26.31
CA VAL A 352 5.19 34.27 -26.90
C VAL A 352 3.86 33.82 -27.57
N LEU A 353 3.92 32.78 -28.41
CA LEU A 353 2.77 32.17 -29.11
C LEU A 353 1.65 31.67 -28.16
N LEU A 354 2.02 31.42 -26.90
CA LEU A 354 1.10 30.97 -25.88
C LEU A 354 0.47 32.18 -25.12
N GLY A 355 1.06 33.36 -25.31
CA GLY A 355 0.64 34.61 -24.69
C GLY A 355 0.94 34.73 -23.20
N ASN A 356 2.00 34.07 -22.74
CA ASN A 356 2.33 34.07 -21.31
C ASN A 356 3.26 35.13 -20.70
N TYR A 357 3.98 35.89 -21.52
CA TYR A 357 4.92 36.87 -20.97
C TYR A 357 4.27 38.11 -20.34
N GLY A 358 4.44 38.28 -19.04
CA GLY A 358 3.82 39.39 -18.34
C GLY A 358 2.39 39.09 -17.89
N ARG A 359 1.94 37.85 -17.98
CA ARG A 359 0.61 37.44 -17.55
C ARG A 359 0.65 36.42 -16.44
N PRO A 360 -0.36 36.43 -15.51
CA PRO A 360 -0.21 35.37 -14.51
C PRO A 360 -0.39 34.05 -15.21
N GLY A 361 0.65 33.27 -15.01
CA GLY A 361 0.82 31.94 -15.54
C GLY A 361 2.30 31.60 -15.57
N GLY A 362 3.14 32.45 -16.18
CA GLY A 362 4.57 32.12 -16.18
C GLY A 362 5.67 33.16 -16.20
N PHE A 363 5.38 34.43 -16.47
CA PHE A 363 6.41 35.48 -16.56
C PHE A 363 5.87 36.84 -15.95
N TYR A 364 6.13 37.19 -14.69
CA TYR A 364 5.59 38.45 -14.12
C TYR A 364 5.98 39.93 -14.50
N ILE A 365 7.18 40.21 -14.93
CA ILE A 365 7.96 41.46 -15.30
C ILE A 365 8.77 41.84 -14.01
N ALA A 366 10.10 41.75 -14.08
CA ALA A 366 11.00 41.96 -12.94
C ALA A 366 11.68 43.34 -12.92
N GLN A 367 11.37 44.16 -11.93
CA GLN A 367 12.02 45.47 -11.88
C GLN A 367 13.08 45.53 -10.79
N SER A 368 14.17 46.20 -11.09
CA SER A 368 15.31 46.36 -10.19
C SER A 368 15.03 47.36 -9.04
N PRO A 369 15.53 47.09 -7.81
CA PRO A 369 15.22 48.08 -6.76
C PRO A 369 15.96 49.43 -6.85
N TYR A 370 15.46 50.45 -6.14
CA TYR A 370 16.12 51.76 -6.11
C TYR A 370 17.03 51.91 -4.85
N LEU A 371 18.34 51.98 -5.05
CA LEU A 371 19.35 52.19 -4.00
C LEU A 371 20.36 52.96 -4.81
N GLU A 372 20.59 54.18 -4.41
CA GLU A 372 21.45 55.06 -5.14
C GLU A 372 22.95 54.79 -4.96
N LYS A 373 23.69 54.79 -6.07
CA LYS A 373 25.13 54.51 -6.02
C LYS A 373 25.89 55.51 -5.15
N TYR A 374 27.08 55.12 -4.68
CA TYR A 374 27.90 55.99 -3.86
C TYR A 374 28.49 56.99 -4.88
N PRO A 375 28.39 58.35 -4.65
CA PRO A 375 28.90 59.42 -5.54
C PRO A 375 30.38 59.45 -5.91
N LEU A 376 30.64 59.30 -7.20
CA LEU A 376 32.01 59.25 -7.67
C LEU A 376 32.22 59.75 -9.11
N PRO A 377 33.49 60.03 -9.47
CA PRO A 377 33.79 60.49 -10.83
C PRO A 377 33.46 59.29 -11.79
N PRO A 378 33.07 59.56 -13.06
CA PRO A 378 32.80 58.42 -13.95
C PRO A 378 34.04 57.50 -14.05
N LEU A 379 33.85 56.22 -14.36
CA LEU A 379 34.97 55.29 -14.47
C LEU A 379 35.72 55.37 -15.84
N PRO A 380 37.08 55.25 -15.88
CA PRO A 380 37.65 55.32 -17.23
C PRO A 380 36.78 54.50 -18.28
N LEU A 381 36.49 53.22 -18.04
CA LEU A 381 35.64 52.44 -18.97
C LEU A 381 34.28 52.16 -18.32
N GLU A 382 33.20 52.44 -19.05
CA GLU A 382 31.80 52.23 -18.60
C GLU A 382 31.22 51.05 -19.42
N PRO A 383 30.19 50.34 -18.91
CA PRO A 383 29.66 49.21 -19.69
C PRO A 383 28.63 49.48 -20.82
N ALA A 384 28.42 48.50 -21.71
CA ALA A 384 27.41 48.56 -22.77
C ALA A 384 26.45 47.34 -22.71
N ALA A 385 25.32 47.52 -22.01
CA ALA A 385 24.26 46.51 -21.83
C ALA A 385 23.48 46.31 -23.16
N GLY A 386 24.24 46.02 -24.22
CA GLY A 386 23.71 45.86 -25.57
C GLY A 386 22.53 44.95 -25.92
N GLY A 387 21.95 45.18 -27.10
CA GLY A 387 20.83 44.42 -27.62
C GLY A 387 20.41 44.79 -29.04
N CYS A 388 20.57 46.05 -29.42
CA CYS A 388 20.21 46.60 -30.76
C CYS A 388 21.16 47.71 -31.29
N SER A 389 20.84 48.23 -32.49
CA SER A 389 21.53 49.35 -33.18
C SER A 389 23.05 49.63 -32.97
N GLY A 390 23.86 48.58 -32.99
CA GLY A 390 25.30 48.66 -32.84
C GLY A 390 26.00 48.51 -31.48
N PRO A 391 25.75 47.40 -30.73
CA PRO A 391 26.35 47.16 -29.42
C PRO A 391 27.61 46.25 -29.42
N SER A 392 28.28 46.18 -30.55
CA SER A 392 29.49 45.36 -30.76
C SER A 392 30.81 46.08 -30.40
N GLY A 393 31.51 46.64 -31.39
CA GLY A 393 32.76 47.35 -31.18
C GLY A 393 32.92 48.83 -31.54
N GLY A 394 31.81 49.55 -31.65
CA GLY A 394 31.87 50.97 -31.95
C GLY A 394 32.76 51.84 -31.07
N ASP A 395 32.70 51.62 -29.74
CA ASP A 395 33.52 52.33 -28.74
C ASP A 395 34.96 51.82 -28.55
N HIS A 396 35.20 50.68 -29.17
CA HIS A 396 36.41 49.84 -29.15
C HIS A 396 37.43 50.12 -30.34
N GLU A 397 36.89 50.68 -31.45
CA GLU A 397 37.57 51.06 -32.73
C GLU A 397 38.36 52.43 -32.64
N PRO A 398 37.68 53.63 -32.61
CA PRO A 398 38.42 54.90 -32.50
C PRO A 398 38.43 55.39 -30.99
N GLU A 399 37.27 55.19 -30.36
CA GLU A 399 36.98 55.51 -28.94
C GLU A 399 38.15 55.22 -27.97
N GLY A 400 39.00 56.21 -27.66
CA GLY A 400 40.11 55.92 -26.79
C GLY A 400 41.09 54.83 -27.17
N PHE A 401 41.65 54.03 -26.24
CA PHE A 401 42.83 53.17 -26.80
C PHE A 401 42.99 51.63 -27.16
N LYS A 402 42.36 50.59 -26.54
CA LYS A 402 42.48 49.13 -26.79
C LYS A 402 41.27 48.15 -26.37
N PRO A 403 40.49 47.71 -27.33
CA PRO A 403 39.35 46.85 -27.10
C PRO A 403 39.54 45.47 -26.43
N ARG A 404 38.51 44.95 -25.73
CA ARG A 404 38.57 43.63 -25.08
C ARG A 404 39.14 42.70 -26.16
N ALA A 405 40.12 41.88 -25.76
CA ALA A 405 40.85 40.95 -26.64
C ALA A 405 40.11 39.80 -27.38
N ASP A 406 38.80 39.67 -27.18
CA ASP A 406 38.01 38.62 -27.85
C ASP A 406 36.94 39.26 -28.78
N LYS A 407 37.18 40.54 -29.07
CA LYS A 407 36.34 41.41 -29.88
C LYS A 407 35.86 40.92 -31.27
N GLY A 408 36.63 40.17 -32.01
CA GLY A 408 36.08 39.76 -33.28
C GLY A 408 35.63 38.31 -33.36
N LYS A 409 35.67 37.57 -32.26
CA LYS A 409 35.38 36.15 -32.32
C LYS A 409 33.95 35.59 -32.48
N PHE A 410 32.96 36.35 -32.03
CA PHE A 410 31.54 36.00 -32.10
C PHE A 410 30.74 37.32 -32.29
N PHE A 411 29.43 37.26 -32.57
CA PHE A 411 28.59 38.45 -32.80
C PHE A 411 28.29 39.36 -31.60
N ALA A 412 27.75 38.75 -30.55
CA ALA A 412 27.40 39.43 -29.30
C ALA A 412 28.58 40.20 -28.66
N ARG A 413 28.25 41.09 -27.73
CA ARG A 413 29.16 42.00 -27.04
C ARG A 413 29.68 41.64 -25.61
N SER A 414 29.21 40.54 -25.06
CA SER A 414 29.63 40.10 -23.72
C SER A 414 31.09 39.63 -23.72
N THR A 415 31.79 39.80 -22.61
CA THR A 415 33.18 39.34 -22.51
C THR A 415 33.17 37.77 -22.27
N ALA A 416 33.94 36.98 -23.03
CA ALA A 416 33.97 35.51 -22.86
C ALA A 416 35.30 35.01 -22.24
N ILE A 417 35.26 34.57 -20.97
CA ILE A 417 36.42 34.15 -20.17
C ILE A 417 37.41 33.20 -20.82
N GLN A 418 36.83 32.28 -21.56
CA GLN A 418 37.54 31.24 -22.26
C GLN A 418 38.27 31.69 -23.55
N GLU A 419 37.93 32.86 -24.11
CA GLU A 419 38.57 33.38 -25.32
C GLU A 419 39.80 34.31 -25.06
N LEU A 420 39.85 34.98 -23.90
CA LEU A 420 40.96 35.87 -23.50
C LEU A 420 42.18 35.12 -22.94
N ILE A 421 42.17 33.80 -23.05
CA ILE A 421 43.28 32.95 -22.53
C ILE A 421 44.35 32.68 -23.57
N GLU A 422 43.92 32.77 -24.82
CA GLU A 422 44.75 32.53 -25.99
C GLU A 422 45.76 33.70 -26.09
N PRO A 423 45.30 34.97 -25.96
CA PRO A 423 46.15 36.16 -26.00
C PRO A 423 47.40 36.09 -25.07
N MET A 424 47.33 35.28 -24.00
CA MET A 424 48.41 35.08 -23.00
C MET A 424 49.50 34.07 -23.44
N ILE A 425 49.17 33.23 -24.41
CA ILE A 425 50.08 32.20 -24.94
C ILE A 425 50.82 32.68 -26.21
N THR A 426 50.07 33.12 -27.22
CA THR A 426 50.59 33.63 -28.51
C THR A 426 50.90 35.14 -28.58
N GLY A 427 50.30 35.94 -27.72
CA GLY A 427 50.48 37.35 -27.83
C GLY A 427 49.62 37.83 -29.00
N GLU A 428 48.74 36.98 -29.54
CA GLU A 428 47.90 37.50 -30.63
C GLU A 428 47.20 38.86 -30.23
N PRO A 429 45.96 39.23 -30.71
CA PRO A 429 45.51 40.55 -30.24
C PRO A 429 46.32 41.24 -29.11
N TYR A 430 47.52 41.79 -29.44
CA TYR A 430 48.43 42.43 -28.42
C TYR A 430 48.90 41.37 -27.32
N PRO A 431 49.31 41.78 -26.07
CA PRO A 431 49.69 40.77 -25.10
C PRO A 431 49.01 40.94 -23.72
N ILE A 432 48.65 39.82 -23.09
CA ILE A 432 48.12 39.89 -21.75
C ILE A 432 49.17 39.19 -20.88
N LYS A 433 49.92 40.00 -20.15
CA LYS A 433 50.93 39.49 -19.18
C LYS A 433 50.05 39.76 -17.89
N GLY A 434 50.37 39.25 -16.70
CA GLY A 434 49.47 39.52 -15.58
C GLY A 434 47.98 39.10 -15.61
N LEU A 435 47.53 38.43 -14.55
CA LEU A 435 46.16 37.91 -14.34
C LEU A 435 45.77 37.80 -12.84
N PHE A 436 44.55 38.25 -12.54
CA PHE A 436 43.91 38.16 -11.22
C PHE A 436 42.80 37.08 -11.30
N ALA A 437 42.69 36.27 -10.26
CA ALA A 437 41.65 35.24 -10.11
C ALA A 437 41.00 35.44 -8.74
N TYR A 438 39.88 36.15 -8.75
CA TYR A 438 39.15 36.39 -7.51
C TYR A 438 38.06 35.29 -7.35
N GLY A 439 38.26 34.32 -6.46
CA GLY A 439 37.31 33.24 -6.24
C GLY A 439 36.70 32.60 -7.48
N ILE A 440 37.55 32.14 -8.39
CA ILE A 440 37.07 31.55 -9.64
C ILE A 440 38.01 30.35 -9.92
N ASN A 441 37.43 29.17 -10.15
CA ASN A 441 38.19 27.93 -10.32
C ASN A 441 38.82 27.78 -11.73
N LEU A 442 40.03 28.30 -11.91
CA LEU A 442 40.71 28.22 -13.21
C LEU A 442 40.77 26.80 -13.83
N PHE A 443 41.07 25.78 -13.02
CA PHE A 443 41.17 24.40 -13.51
C PHE A 443 39.87 23.55 -13.55
N HIS A 444 38.75 24.05 -13.02
CA HIS A 444 37.50 23.27 -13.05
C HIS A 444 36.35 23.98 -13.82
N SER A 445 36.41 25.31 -13.93
CA SER A 445 35.36 26.09 -14.59
C SER A 445 35.61 26.57 -16.04
N ILE A 446 36.85 26.41 -16.52
CA ILE A 446 37.23 26.82 -17.88
C ILE A 446 37.74 25.54 -18.60
N PRO A 447 37.18 25.22 -19.79
CA PRO A 447 37.68 23.99 -20.44
C PRO A 447 39.13 24.07 -20.98
N ASN A 448 39.69 22.90 -21.30
CA ASN A 448 41.03 22.77 -21.83
C ASN A 448 42.09 23.19 -20.79
N VAL A 449 42.12 22.47 -19.66
CA VAL A 449 43.08 22.77 -18.59
C VAL A 449 44.56 22.86 -19.04
N PRO A 450 45.01 21.98 -20.00
CA PRO A 450 46.42 22.09 -20.43
C PRO A 450 46.74 23.50 -21.03
N ARG A 451 45.82 24.01 -21.83
CA ARG A 451 45.97 25.35 -22.43
C ARG A 451 46.02 26.45 -21.32
N THR A 452 45.19 26.37 -20.30
CA THR A 452 45.20 27.35 -19.20
C THR A 452 46.57 27.35 -18.43
N LYS A 453 47.21 26.18 -18.30
CA LYS A 453 48.50 26.01 -17.59
C LYS A 453 49.70 26.58 -18.39
N GLU A 454 49.60 26.48 -19.72
CA GLU A 454 50.59 27.04 -20.64
C GLU A 454 50.51 28.58 -20.42
N ALA A 455 49.28 29.10 -20.44
CA ALA A 455 49.03 30.54 -20.25
C ALA A 455 49.52 31.07 -18.89
N LEU A 456 49.42 30.31 -17.80
CA LEU A 456 49.95 30.82 -16.53
C LEU A 456 51.50 30.82 -16.62
N LYS A 457 52.09 29.88 -17.35
CA LYS A 457 53.54 29.79 -17.51
C LYS A 457 54.12 31.09 -18.09
N ASN A 458 53.51 31.57 -19.16
CA ASN A 458 53.93 32.76 -19.86
C ASN A 458 53.66 34.14 -19.23
N LEU A 459 52.98 34.18 -18.09
CA LEU A 459 52.64 35.46 -17.46
C LEU A 459 53.75 36.13 -16.65
N ASP A 460 53.70 37.45 -16.56
CA ASP A 460 54.64 38.23 -15.74
C ASP A 460 54.08 38.29 -14.30
N LEU A 461 52.77 38.40 -14.15
CA LEU A 461 52.15 38.41 -12.82
C LEU A 461 50.79 37.66 -12.76
N TYR A 462 50.62 36.81 -11.76
CA TYR A 462 49.38 36.07 -11.57
C TYR A 462 49.00 36.02 -10.07
N VAL A 463 47.98 36.80 -9.70
CA VAL A 463 47.52 36.84 -8.32
C VAL A 463 46.18 36.09 -8.15
N ALA A 464 46.01 35.37 -7.04
CA ALA A 464 44.78 34.63 -6.74
C ALA A 464 44.32 34.94 -5.31
N ILE A 465 43.06 35.36 -5.18
CA ILE A 465 42.43 35.74 -3.89
C ILE A 465 41.39 34.64 -3.60
N ASP A 466 41.57 33.87 -2.54
CA ASP A 466 40.70 32.72 -2.25
C ASP A 466 40.73 32.33 -0.77
N VAL A 467 40.12 31.20 -0.42
CA VAL A 467 40.16 30.71 0.98
C VAL A 467 40.83 29.33 1.17
N LEU A 468 40.61 28.42 0.23
CA LEU A 468 41.19 27.10 0.38
C LEU A 468 42.40 26.94 -0.57
N PRO A 469 43.32 25.99 -0.27
CA PRO A 469 44.48 25.78 -1.15
C PRO A 469 44.13 24.80 -2.27
N GLN A 470 43.39 25.30 -3.26
CA GLN A 470 42.95 24.54 -4.44
C GLN A 470 44.11 24.26 -5.41
N GLU A 471 43.88 23.50 -6.47
CA GLU A 471 44.97 23.25 -7.41
C GLU A 471 45.41 24.47 -8.24
N HIS A 472 44.54 25.44 -8.49
CA HIS A 472 44.92 26.65 -9.28
C HIS A 472 45.38 27.86 -8.42
N VAL A 473 45.22 27.81 -7.10
CA VAL A 473 45.65 28.89 -6.21
C VAL A 473 47.17 28.72 -5.94
N MET A 474 47.62 27.47 -5.88
CA MET A 474 49.01 27.13 -5.65
C MET A 474 49.92 27.18 -6.90
N TRP A 475 49.47 27.92 -7.92
CA TRP A 475 50.26 28.19 -9.15
C TRP A 475 50.54 29.70 -9.18
N ALA A 476 50.11 30.42 -8.15
CA ALA A 476 50.27 31.87 -8.10
C ALA A 476 51.54 32.52 -7.50
N ASP A 477 51.93 33.70 -8.02
CA ASP A 477 53.02 34.54 -7.44
C ASP A 477 52.06 35.33 -6.48
N VAL A 478 52.18 35.21 -5.16
CA VAL A 478 51.23 35.89 -4.25
C VAL A 478 49.81 35.31 -4.23
N ILE A 479 49.47 34.82 -3.04
CA ILE A 479 48.20 34.23 -2.64
C ILE A 479 47.70 35.17 -1.54
N LEU A 480 46.48 35.69 -1.63
CA LEU A 480 45.92 36.58 -0.60
C LEU A 480 44.69 35.89 0.06
N PRO A 481 44.73 35.60 1.40
CA PRO A 481 43.58 34.93 2.05
C PRO A 481 42.36 35.82 2.36
N GLU A 482 41.24 35.58 1.70
CA GLU A 482 40.05 36.39 1.94
C GLU A 482 39.32 35.94 3.18
N ALA A 483 38.56 36.88 3.74
CA ALA A 483 37.77 36.60 4.88
C ALA A 483 36.48 36.07 4.29
N THR A 484 35.94 35.14 5.04
CA THR A 484 34.74 34.41 4.67
C THR A 484 33.42 35.21 4.92
N TYR A 485 32.33 34.88 4.19
CA TYR A 485 31.03 35.58 4.27
C TYR A 485 30.45 35.81 5.67
N LEU A 486 30.82 34.96 6.63
CA LEU A 486 30.34 35.11 7.99
C LEU A 486 31.21 36.09 8.82
N GLU A 487 32.44 36.35 8.37
CA GLU A 487 33.39 37.25 9.09
C GLU A 487 33.57 38.58 8.32
N ARG A 488 32.62 38.87 7.44
CA ARG A 488 32.74 39.99 6.48
C ARG A 488 31.48 40.88 6.19
N TYR A 489 31.68 42.15 5.83
CA TYR A 489 30.58 43.06 5.39
C TYR A 489 30.76 43.05 3.86
N ASP A 490 29.69 43.20 3.10
CA ASP A 490 29.78 43.31 1.63
C ASP A 490 28.82 44.43 1.18
N ASP A 491 29.10 45.04 0.03
CA ASP A 491 28.22 46.07 -0.57
C ASP A 491 26.86 45.33 -0.73
N PHE A 492 25.74 46.04 -0.69
CA PHE A 492 24.40 45.47 -0.80
C PHE A 492 24.12 44.59 -2.00
N VAL A 493 23.13 43.71 -1.83
CA VAL A 493 22.67 42.77 -2.85
C VAL A 493 21.26 43.16 -3.31
N LEU A 494 21.15 43.63 -4.55
CA LEU A 494 19.88 44.05 -5.13
C LEU A 494 19.27 42.95 -6.00
N VAL A 495 18.00 42.63 -5.80
CA VAL A 495 17.34 41.60 -6.60
C VAL A 495 16.09 42.07 -7.37
N ALA A 496 16.15 42.01 -8.70
CA ALA A 496 15.02 42.35 -9.59
C ALA A 496 13.97 41.27 -9.35
N HIS A 497 12.74 41.68 -9.14
CA HIS A 497 11.71 40.72 -8.74
C HIS A 497 10.27 41.28 -8.83
N LYS A 498 9.30 40.40 -8.64
CA LYS A 498 7.86 40.79 -8.61
C LYS A 498 7.83 42.04 -7.64
N THR A 499 8.42 41.88 -6.45
CA THR A 499 8.58 42.93 -5.44
C THR A 499 10.11 43.12 -5.21
N PRO A 500 10.78 44.02 -6.00
CA PRO A 500 12.23 44.23 -5.86
C PRO A 500 12.69 44.37 -4.41
N PHE A 501 13.87 43.84 -4.04
CA PHE A 501 14.36 43.98 -2.69
C PHE A 501 15.87 44.19 -2.54
N ILE A 502 16.29 44.62 -1.36
CA ILE A 502 17.67 44.90 -1.03
C ILE A 502 18.10 44.10 0.23
N GLN A 503 19.23 43.41 0.15
CA GLN A 503 19.72 42.63 1.30
C GLN A 503 21.06 43.15 1.85
N LEU A 504 21.27 42.97 3.15
CA LEU A 504 22.51 43.37 3.84
C LEU A 504 23.12 42.26 4.72
N ARG A 505 24.41 42.00 4.58
CA ARG A 505 25.12 41.03 5.40
C ARG A 505 26.10 41.78 6.33
N THR A 506 26.05 41.37 7.60
CA THR A 506 26.81 41.92 8.72
C THR A 506 27.74 40.83 9.30
N PRO A 507 28.97 41.21 9.75
CA PRO A 507 29.80 40.13 10.30
C PRO A 507 29.09 39.39 11.48
N ALA A 508 29.32 38.09 11.60
CA ALA A 508 28.79 37.33 12.75
C ALA A 508 29.90 37.32 13.83
N HIS A 509 31.13 37.60 13.42
CA HIS A 509 32.33 37.63 14.30
C HIS A 509 33.53 38.12 13.46
N GLU A 510 34.64 38.55 14.07
CA GLU A 510 35.81 39.04 13.31
C GLU A 510 36.66 38.00 12.60
N PRO A 511 37.25 38.38 11.44
CA PRO A 511 38.11 37.49 10.64
C PRO A 511 39.07 36.65 11.52
N LEU A 512 39.51 35.50 11.02
CA LEU A 512 40.40 34.63 11.79
C LEU A 512 41.83 34.64 11.23
N PHE A 513 42.85 34.42 12.07
CA PHE A 513 44.22 34.37 11.60
C PHE A 513 44.64 35.72 10.96
N ASP A 514 45.21 35.68 9.75
CA ASP A 514 45.55 36.91 9.07
C ASP A 514 44.64 37.14 7.87
N THR A 515 43.35 37.08 8.12
CA THR A 515 42.36 37.20 7.06
C THR A 515 41.73 38.61 6.87
N LYS A 516 41.54 39.03 5.60
CA LYS A 516 40.99 40.37 5.21
C LYS A 516 39.81 40.34 4.22
N PRO A 517 38.79 41.24 4.39
CA PRO A 517 37.62 41.29 3.48
C PRO A 517 38.03 41.79 2.06
N GLY A 518 37.28 41.45 1.02
CA GLY A 518 37.61 41.92 -0.32
C GLY A 518 37.46 43.41 -0.58
N TRP A 519 36.54 44.09 0.11
CA TRP A 519 36.37 45.53 -0.05
C TRP A 519 37.67 46.22 0.38
N TRP A 520 38.27 45.72 1.47
CA TRP A 520 39.54 46.21 2.05
C TRP A 520 40.75 45.92 1.14
N ILE A 521 40.81 44.71 0.57
CA ILE A 521 41.91 44.32 -0.33
C ILE A 521 41.88 45.21 -1.61
N ALA A 522 40.70 45.47 -2.17
CA ALA A 522 40.50 46.31 -3.36
C ALA A 522 40.93 47.78 -3.09
N ARG A 523 40.37 48.39 -2.06
CA ARG A 523 40.77 49.74 -1.65
C ARG A 523 42.31 49.85 -1.43
N GLU A 524 42.91 48.88 -0.73
CA GLU A 524 44.36 48.84 -0.46
C GLU A 524 45.24 48.77 -1.73
N LEU A 525 44.72 48.15 -2.78
CA LEU A 525 45.42 48.05 -4.06
C LEU A 525 45.14 49.35 -4.85
N GLY A 526 43.91 49.86 -4.70
CA GLY A 526 43.43 51.07 -5.34
C GLY A 526 44.15 52.35 -4.96
N LEU A 527 44.57 52.44 -3.70
CA LEU A 527 45.34 53.57 -3.19
C LEU A 527 46.81 53.47 -3.75
N ARG A 528 47.37 52.27 -3.79
CA ARG A 528 48.71 51.98 -4.36
C ARG A 528 48.89 52.18 -5.95
N LEU A 529 47.84 52.30 -6.77
CA LEU A 529 47.88 52.48 -8.29
C LEU A 529 47.23 53.83 -8.87
N GLY A 530 47.15 54.87 -8.02
CA GLY A 530 46.59 56.21 -8.25
C GLY A 530 45.07 56.38 -8.32
N LEU A 531 44.32 55.52 -7.64
CA LEU A 531 42.85 55.54 -7.69
C LEU A 531 42.08 55.98 -6.45
N GLU A 532 42.72 56.87 -5.69
CA GLU A 532 42.19 57.48 -4.48
C GLU A 532 40.80 58.16 -4.74
N GLN A 533 40.56 58.83 -5.88
CA GLN A 533 39.23 59.46 -6.11
C GLN A 533 38.17 58.34 -6.09
N TYR A 534 38.57 57.18 -6.57
CA TYR A 534 37.73 55.97 -6.46
C TYR A 534 38.38 55.38 -5.10
N PHE A 535 37.55 55.02 -4.11
CA PHE A 535 37.97 54.55 -2.76
C PHE A 535 38.15 55.61 -1.69
N PRO A 536 37.63 56.85 -1.93
CA PRO A 536 37.77 57.92 -0.94
C PRO A 536 37.34 57.54 0.49
N TRP A 537 36.11 57.04 0.63
CA TRP A 537 35.55 56.58 1.94
C TRP A 537 36.61 55.79 2.74
N LYS A 538 36.76 56.04 4.05
CA LYS A 538 37.76 55.35 4.91
C LYS A 538 37.31 54.02 5.49
N THR A 539 36.06 53.65 5.26
CA THR A 539 35.59 52.42 5.82
C THR A 539 34.27 51.93 5.14
N ILE A 540 34.01 50.61 5.11
CA ILE A 540 32.78 50.08 4.49
C ILE A 540 31.46 50.57 5.16
N GLU A 541 31.42 50.77 6.47
CA GLU A 541 30.17 51.26 7.11
C GLU A 541 29.91 52.74 6.73
N GLU A 542 30.99 53.44 6.37
CA GLU A 542 30.95 54.85 5.93
C GLU A 542 30.19 54.86 4.58
N TYR A 543 30.63 53.93 3.74
CA TYR A 543 30.14 53.64 2.40
C TYR A 543 28.64 53.20 2.43
N LEU A 544 28.31 52.29 3.35
CA LEU A 544 26.96 51.75 3.53
C LEU A 544 25.97 52.81 4.12
N GLU A 545 26.46 53.76 4.93
CA GLU A 545 25.60 54.83 5.51
C GLU A 545 25.10 55.85 4.43
N THR A 546 25.92 56.11 3.40
CA THR A 546 25.60 57.02 2.30
C THR A 546 24.38 56.55 1.43
N ARG A 547 24.36 55.27 1.04
CA ARG A 547 23.26 54.66 0.26
C ARG A 547 21.98 54.52 1.14
N LEU A 548 22.14 54.36 2.46
CA LEU A 548 21.01 54.23 3.37
C LEU A 548 20.38 55.64 3.64
N GLN A 549 21.20 56.70 3.54
CA GLN A 549 20.74 58.10 3.67
C GLN A 549 19.69 58.31 2.56
N SER A 550 20.11 58.02 1.33
CA SER A 550 19.27 58.10 0.14
C SER A 550 17.90 57.49 0.35
N LEU A 551 17.85 56.28 0.88
CA LEU A 551 16.53 55.68 0.98
C LEU A 551 15.67 56.10 2.16
N GLY A 552 16.28 56.71 3.17
CA GLY A 552 15.50 57.08 4.32
C GLY A 552 15.84 56.30 5.58
N LEU A 553 17.02 55.70 5.63
CA LEU A 553 17.53 54.93 6.78
C LEU A 553 19.06 55.03 6.96
N ASP A 554 19.54 54.42 8.05
CA ASP A 554 20.95 54.34 8.48
C ASP A 554 21.38 52.85 8.76
N LEU A 555 22.65 52.63 9.05
CA LEU A 555 23.22 51.30 9.27
C LEU A 555 22.56 50.42 10.36
N GLU A 556 22.37 50.99 11.53
CA GLU A 556 21.74 50.25 12.59
C GLU A 556 20.29 49.76 12.22
N THR A 557 19.49 50.54 11.49
CA THR A 557 18.11 50.14 11.11
C THR A 557 18.11 49.08 9.98
N MET A 558 19.09 49.18 9.08
CA MET A 558 19.20 48.19 8.04
C MET A 558 19.50 46.81 8.71
N LYS A 559 20.35 46.77 9.75
CA LYS A 559 20.70 45.53 10.46
C LYS A 559 19.46 44.93 11.14
N GLY A 560 18.55 45.82 11.53
CA GLY A 560 17.29 45.44 12.12
C GLY A 560 16.32 44.61 11.25
N MET A 561 16.11 44.97 9.97
CA MET A 561 15.23 44.27 8.98
C MET A 561 16.02 43.70 7.73
N GLY A 562 17.08 42.94 8.04
CA GLY A 562 18.00 42.35 7.07
C GLY A 562 17.84 42.57 5.57
N THR A 563 16.59 42.53 5.14
CA THR A 563 16.09 42.72 3.76
C THR A 563 15.11 43.93 3.62
N LEU A 564 15.10 44.60 2.46
CA LEU A 564 14.17 45.71 2.19
C LEU A 564 13.42 45.50 0.83
N VAL A 565 12.07 45.40 0.88
CA VAL A 565 11.15 45.23 -0.29
C VAL A 565 10.54 46.62 -0.63
N GLN A 566 10.58 46.90 -1.93
CA GLN A 566 10.11 48.12 -2.56
C GLN A 566 8.95 47.89 -3.52
N ARG A 567 8.30 48.95 -3.96
CA ARG A 567 7.22 48.73 -4.88
C ARG A 567 7.63 48.78 -6.35
N GLY A 568 7.13 47.80 -7.09
CA GLY A 568 7.37 47.66 -8.51
C GLY A 568 6.19 47.12 -9.30
N LYS A 569 6.49 46.46 -10.40
CA LYS A 569 5.47 45.89 -11.27
C LYS A 569 5.72 44.52 -11.90
N PRO A 570 4.63 43.67 -12.13
CA PRO A 570 4.71 42.34 -12.75
C PRO A 570 3.84 41.85 -13.96
N TRP A 571 2.81 42.46 -14.38
CA TRP A 571 1.94 42.01 -15.38
C TRP A 571 2.24 42.93 -16.63
N LEU A 572 1.29 43.02 -17.55
CA LEU A 572 1.29 43.99 -18.66
C LEU A 572 0.27 45.16 -18.34
N GLU A 573 -0.85 44.88 -17.68
CA GLU A 573 -1.83 45.92 -17.33
C GLU A 573 -1.26 47.18 -16.63
N ASP A 574 -0.46 46.94 -15.59
CA ASP A 574 0.20 47.97 -14.75
C ASP A 574 1.06 48.92 -15.64
N TRP A 575 1.64 48.34 -16.70
CA TRP A 575 2.49 49.05 -17.66
C TRP A 575 1.66 49.83 -18.67
N GLU A 576 0.70 49.08 -19.21
CA GLU A 576 -0.28 49.48 -20.20
C GLU A 576 -1.21 50.64 -19.88
N LYS A 577 -1.76 50.62 -18.67
CA LYS A 577 -2.67 51.66 -18.21
C LYS A 577 -1.94 53.04 -18.13
N GLU A 578 -0.64 52.99 -17.81
CA GLU A 578 0.27 54.16 -17.73
C GLU A 578 0.63 54.64 -19.14
N GLY A 579 0.17 53.95 -20.16
CA GLY A 579 0.48 54.32 -21.53
C GLY A 579 1.87 53.95 -22.02
N ARG A 580 2.50 52.96 -21.37
CA ARG A 580 3.86 52.47 -21.77
C ARG A 580 3.86 50.92 -22.01
N LEU A 581 4.99 50.36 -22.48
CA LEU A 581 5.23 48.89 -22.71
C LEU A 581 6.78 48.71 -22.27
N PRO A 582 7.30 47.49 -21.91
CA PRO A 582 8.74 47.42 -21.55
C PRO A 582 10.03 47.39 -22.53
N PHE A 583 10.19 46.21 -23.13
CA PHE A 583 11.15 45.76 -24.24
C PHE A 583 12.60 46.18 -24.30
N GLY A 584 12.90 46.54 -25.49
CA GLY A 584 13.95 47.06 -26.36
C GLY A 584 13.66 48.21 -27.42
N THR A 585 12.71 47.92 -28.27
CA THR A 585 12.31 48.86 -29.31
C THR A 585 10.79 49.12 -29.57
N ALA A 586 9.89 48.76 -28.66
CA ALA A 586 8.47 49.10 -28.89
C ALA A 586 7.48 48.05 -29.42
N SER A 587 7.83 46.79 -29.26
CA SER A 587 6.99 45.70 -29.75
C SER A 587 8.00 44.54 -29.85
N GLY A 588 7.75 43.45 -29.14
CA GLY A 588 8.66 42.33 -29.21
C GLY A 588 8.78 41.89 -30.64
N LYS A 589 10.00 41.81 -31.18
CA LYS A 589 10.19 41.35 -32.55
C LYS A 589 10.37 39.80 -32.52
N ILE A 590 9.29 39.08 -32.87
CA ILE A 590 9.17 37.62 -32.90
C ILE A 590 10.26 36.86 -33.71
N GLU A 591 10.53 37.16 -34.98
CA GLU A 591 11.66 36.44 -35.58
C GLU A 591 12.88 36.89 -34.68
N LEU A 592 12.91 38.17 -34.31
CA LEU A 592 13.82 38.81 -33.32
C LEU A 592 15.18 39.63 -33.44
N TYR A 593 15.47 40.28 -34.56
CA TYR A 593 16.65 41.17 -34.66
C TYR A 593 17.21 41.60 -36.03
N CYS A 594 16.71 42.75 -36.53
CA CYS A 594 17.05 43.30 -37.84
C CYS A 594 18.56 43.52 -38.16
N GLN A 595 19.41 43.82 -37.18
CA GLN A 595 20.87 44.09 -37.40
C GLN A 595 21.89 42.94 -37.41
N ARG A 596 21.41 41.71 -37.26
CA ARG A 596 22.24 40.48 -37.27
C ARG A 596 22.08 39.94 -38.71
N PHE A 597 20.81 39.90 -39.11
CA PHE A 597 20.24 39.54 -40.43
C PHE A 597 21.25 40.14 -41.45
N LYS A 598 21.18 41.47 -41.50
CA LYS A 598 21.97 42.42 -42.29
C LYS A 598 23.43 41.98 -42.45
N GLU A 599 24.24 42.10 -41.39
CA GLU A 599 25.64 41.73 -41.54
C GLU A 599 26.12 40.31 -41.06
N ALA A 600 25.35 39.54 -40.31
CA ALA A 600 25.83 38.20 -39.92
C ALA A 600 25.36 37.03 -40.79
N GLY A 601 24.21 37.13 -41.43
CA GLY A 601 23.80 35.88 -42.12
C GLY A 601 22.48 35.35 -41.89
N HIS A 602 22.28 34.79 -40.74
CA HIS A 602 20.87 34.31 -40.57
C HIS A 602 20.20 35.02 -39.40
N GLN A 603 18.88 35.17 -39.55
CA GLN A 603 18.00 35.74 -38.53
C GLN A 603 17.37 34.53 -37.76
N PRO A 604 16.55 33.63 -38.42
CA PRO A 604 15.95 32.46 -37.74
C PRO A 604 16.89 31.29 -37.39
N LEU A 605 16.44 30.53 -36.38
CA LEU A 605 16.98 29.34 -35.69
C LEU A 605 16.89 27.99 -36.40
N PRO A 606 17.21 27.99 -37.70
CA PRO A 606 17.16 26.81 -38.53
C PRO A 606 18.27 25.87 -38.03
N VAL A 607 19.29 26.40 -37.36
CA VAL A 607 20.35 25.51 -36.91
C VAL A 607 19.88 24.45 -35.92
N PHE A 608 19.06 23.54 -36.41
CA PHE A 608 18.69 22.44 -35.57
C PHE A 608 20.09 21.64 -35.62
N THR A 609 20.85 21.93 -36.68
CA THR A 609 22.15 21.39 -37.19
C THR A 609 22.53 20.01 -36.62
N PRO A 610 22.07 18.89 -37.27
CA PRO A 610 22.38 17.55 -36.74
C PRO A 610 23.71 17.57 -35.99
N PRO A 611 23.77 17.03 -34.75
CA PRO A 611 25.00 16.99 -33.96
C PRO A 611 26.00 15.89 -34.31
N GLU A 612 27.30 16.19 -34.20
CA GLU A 612 28.34 15.18 -34.46
C GLU A 612 28.07 14.05 -33.44
N GLU A 613 28.16 12.80 -33.88
CA GLU A 613 27.87 11.65 -33.03
C GLU A 613 29.08 10.95 -32.36
N PRO A 614 28.84 10.25 -31.23
CA PRO A 614 29.96 9.57 -30.57
C PRO A 614 30.57 8.45 -31.40
N PRO A 615 31.92 8.29 -31.40
CA PRO A 615 32.43 7.17 -32.21
C PRO A 615 32.05 5.86 -31.47
N GLU A 616 31.93 4.76 -32.20
CA GLU A 616 31.60 3.46 -31.62
C GLU A 616 32.72 3.08 -30.57
N GLY A 617 32.28 2.61 -29.41
CA GLY A 617 33.09 2.29 -28.24
C GLY A 617 33.09 3.45 -27.23
N PHE A 618 32.50 4.58 -27.63
CA PHE A 618 32.41 5.82 -26.82
C PHE A 618 30.98 6.25 -26.43
N TYR A 619 30.89 7.20 -25.49
CA TYR A 619 29.59 7.75 -25.03
C TYR A 619 29.65 9.28 -24.91
N ARG A 620 28.54 9.98 -25.08
CA ARG A 620 28.56 11.42 -24.89
C ARG A 620 28.65 11.61 -23.35
N LEU A 621 29.48 12.56 -22.91
CA LEU A 621 29.74 12.88 -21.51
C LEU A 621 28.74 13.95 -21.05
N LEU A 622 27.72 13.58 -20.25
CA LEU A 622 26.73 14.54 -19.76
C LEU A 622 27.19 14.85 -18.30
N TYR A 623 26.74 15.97 -17.73
CA TYR A 623 27.21 16.31 -16.40
C TYR A 623 26.17 17.21 -15.71
N GLY A 624 26.30 17.38 -14.39
CA GLY A 624 25.34 18.18 -13.70
C GLY A 624 25.63 18.37 -12.24
N ARG A 625 24.58 18.62 -11.46
CA ARG A 625 24.71 18.88 -10.03
C ARG A 625 24.33 17.78 -9.06
N SER A 626 25.03 17.75 -7.91
CA SER A 626 24.77 16.84 -6.76
C SER A 626 23.95 17.80 -5.80
N PRO A 627 22.77 17.34 -5.29
CA PRO A 627 22.00 18.24 -4.40
C PRO A 627 22.65 18.92 -3.19
N VAL A 628 23.79 18.34 -2.83
CA VAL A 628 24.61 18.63 -1.65
C VAL A 628 25.99 19.31 -1.82
N HIS A 629 26.47 19.41 -3.06
CA HIS A 629 27.76 20.02 -3.35
C HIS A 629 27.60 21.22 -4.30
N THR A 630 28.34 22.29 -4.07
CA THR A 630 28.31 23.44 -4.98
C THR A 630 29.53 23.28 -5.98
N PHE A 631 29.34 23.44 -7.29
CA PHE A 631 30.45 23.34 -8.29
C PHE A 631 31.65 22.44 -7.96
N ALA A 632 32.70 23.05 -7.43
CA ALA A 632 33.91 22.38 -6.97
C ALA A 632 34.27 22.66 -5.48
N ARG A 633 34.07 23.88 -5.01
CA ARG A 633 34.39 24.37 -3.64
C ARG A 633 33.86 23.75 -2.36
N THR A 634 33.18 22.60 -2.46
CA THR A 634 32.52 22.03 -1.28
C THR A 634 33.01 20.61 -0.96
N GLN A 635 33.96 20.20 -1.78
CA GLN A 635 34.63 18.92 -1.79
C GLN A 635 35.62 18.73 -0.62
N ASN A 636 35.87 19.79 0.16
CA ASN A 636 36.76 19.66 1.32
C ASN A 636 35.96 19.85 2.60
N ASN A 637 34.66 20.09 2.41
CA ASN A 637 33.72 20.30 3.50
C ASN A 637 33.33 18.92 4.12
N TRP A 638 33.74 18.65 5.36
CA TRP A 638 33.43 17.35 5.96
C TRP A 638 31.94 17.06 6.19
N VAL A 639 31.12 18.06 6.49
CA VAL A 639 29.68 17.84 6.69
C VAL A 639 29.00 17.43 5.35
N LEU A 640 29.48 17.99 4.24
CA LEU A 640 28.94 17.74 2.94
C LEU A 640 29.58 16.55 2.20
N MET A 641 30.86 16.32 2.41
CA MET A 641 31.53 15.17 1.78
C MET A 641 31.00 13.84 2.43
N GLU A 642 30.58 13.94 3.68
CA GLU A 642 30.06 12.80 4.46
C GLU A 642 28.66 12.37 3.98
N MET A 643 27.99 13.28 3.28
CA MET A 643 26.69 13.01 2.66
C MET A 643 26.95 12.47 1.22
N ASP A 644 28.04 12.90 0.58
CA ASP A 644 28.36 12.52 -0.83
C ASP A 644 29.86 12.71 -1.06
N PRO A 645 30.67 11.64 -0.76
CA PRO A 645 32.12 11.47 -0.84
C PRO A 645 32.72 11.21 -2.21
N GLU A 646 31.88 10.92 -3.19
CA GLU A 646 32.38 10.66 -4.55
C GLU A 646 31.26 10.70 -5.59
N ASN A 647 31.64 10.88 -6.86
CA ASN A 647 30.68 10.82 -7.90
C ASN A 647 30.67 9.40 -8.42
N GLU A 648 29.69 9.18 -9.29
CA GLU A 648 29.36 7.85 -9.73
C GLU A 648 28.96 7.99 -11.29
N VAL A 649 29.53 7.18 -12.20
CA VAL A 649 29.22 7.23 -13.68
C VAL A 649 27.91 6.48 -14.01
N TRP A 650 26.94 7.13 -14.65
CA TRP A 650 25.67 6.52 -15.02
C TRP A 650 25.76 5.90 -16.46
N ILE A 651 25.60 4.57 -16.56
CA ILE A 651 25.59 3.87 -17.86
C ILE A 651 24.33 3.01 -17.86
N HIS A 652 23.77 2.83 -19.06
CA HIS A 652 22.61 1.98 -19.17
C HIS A 652 22.96 0.54 -18.74
N LYS A 653 22.04 -0.12 -18.02
CA LYS A 653 22.16 -1.49 -17.50
C LYS A 653 22.68 -2.56 -18.50
N GLU A 654 22.19 -2.47 -19.73
CA GLU A 654 22.56 -3.38 -20.82
C GLU A 654 23.97 -3.10 -21.40
N GLU A 655 24.47 -1.86 -21.28
CA GLU A 655 25.82 -1.56 -21.76
C GLU A 655 26.81 -2.05 -20.69
N ALA A 656 26.59 -1.71 -19.42
CA ALA A 656 27.53 -2.20 -18.40
C ALA A 656 27.61 -3.73 -18.44
N LYS A 657 26.56 -4.39 -18.92
CA LYS A 657 26.54 -5.86 -18.99
C LYS A 657 27.39 -6.41 -20.14
N ARG A 658 27.32 -5.79 -21.33
CA ARG A 658 28.14 -6.21 -22.48
C ARG A 658 29.59 -5.91 -22.10
N LEU A 659 29.86 -4.71 -21.57
CA LEU A 659 31.20 -4.39 -21.05
C LEU A 659 31.17 -5.45 -19.88
N GLY A 660 32.18 -5.63 -19.03
CA GLY A 660 32.00 -6.65 -18.00
C GLY A 660 31.96 -5.97 -16.66
N LEU A 661 31.05 -5.01 -16.52
CA LEU A 661 30.96 -4.16 -15.32
C LEU A 661 29.79 -4.37 -14.37
N LYS A 662 30.02 -4.42 -13.08
CA LYS A 662 28.89 -4.56 -12.18
C LYS A 662 28.80 -3.48 -11.11
N GLU A 663 27.84 -3.64 -10.21
CA GLU A 663 27.58 -2.68 -9.16
C GLU A 663 28.71 -1.97 -8.41
N GLY A 664 29.64 -2.71 -7.82
CA GLY A 664 30.70 -2.03 -7.09
C GLY A 664 32.02 -1.76 -7.82
N ASP A 665 32.04 -1.95 -9.13
CA ASP A 665 33.28 -1.73 -9.90
C ASP A 665 33.70 -0.28 -10.05
N TYR A 666 34.97 -0.09 -10.39
CA TYR A 666 35.56 1.22 -10.64
C TYR A 666 36.01 1.23 -12.08
N VAL A 667 36.23 2.42 -12.60
CA VAL A 667 36.58 2.55 -14.01
C VAL A 667 37.35 3.86 -14.25
N MET A 668 38.18 3.91 -15.30
CA MET A 668 38.82 5.19 -15.70
C MET A 668 38.00 5.67 -16.90
N LEU A 669 37.82 6.99 -17.00
CA LEU A 669 37.13 7.58 -18.17
C LEU A 669 38.26 8.16 -19.09
N VAL A 670 38.27 7.72 -20.35
CA VAL A 670 39.28 8.21 -21.30
C VAL A 670 38.53 8.97 -22.43
N ASN A 671 38.93 10.20 -22.75
CA ASN A 671 38.23 10.93 -23.80
C ASN A 671 38.83 10.70 -25.21
N GLN A 672 38.17 11.23 -26.23
CA GLN A 672 38.60 11.05 -27.62
C GLN A 672 40.07 11.50 -27.83
N ASP A 673 40.59 12.35 -26.94
CA ASP A 673 41.99 12.83 -27.01
C ASP A 673 42.98 12.13 -26.04
N GLY A 674 42.62 10.96 -25.50
CA GLY A 674 43.47 10.23 -24.59
C GLY A 674 43.57 10.63 -23.11
N VAL A 675 42.98 11.74 -22.70
CA VAL A 675 43.03 12.14 -21.29
C VAL A 675 42.19 11.16 -20.43
N LYS A 676 42.80 10.64 -19.34
CA LYS A 676 42.22 9.71 -18.36
C LYS A 676 41.79 10.45 -17.09
N GLU A 677 40.64 10.11 -16.53
CA GLU A 677 40.22 10.75 -15.28
C GLU A 677 40.01 9.75 -14.09
N GLY A 678 40.92 9.91 -13.10
CA GLY A 678 41.00 9.13 -11.85
C GLY A 678 39.91 8.11 -11.68
N PRO A 679 40.08 6.95 -10.93
CA PRO A 679 38.99 5.97 -10.78
C PRO A 679 37.63 6.42 -10.19
N VAL A 680 36.53 6.14 -10.91
CA VAL A 680 35.12 6.48 -10.55
C VAL A 680 34.24 5.24 -10.40
N ARG A 681 33.28 5.30 -9.49
CA ARG A 681 32.39 4.17 -9.30
C ARG A 681 31.39 4.07 -10.46
N VAL A 682 31.12 2.85 -10.89
CA VAL A 682 30.18 2.55 -11.98
C VAL A 682 28.73 2.42 -11.44
N LYS A 683 27.74 2.97 -12.15
CA LYS A 683 26.34 2.98 -11.76
C LYS A 683 25.38 2.49 -12.84
N PRO A 684 25.33 1.14 -12.99
CA PRO A 684 24.56 0.30 -13.88
C PRO A 684 23.05 0.36 -13.73
N THR A 685 22.47 1.38 -13.14
CA THR A 685 21.03 1.39 -13.07
C THR A 685 20.39 2.30 -14.15
N ALA A 686 19.45 1.75 -14.93
CA ALA A 686 18.78 2.42 -16.01
C ALA A 686 17.85 3.59 -15.66
N ARG A 687 18.14 4.72 -16.31
CA ARG A 687 17.48 6.02 -16.22
C ARG A 687 18.23 6.85 -17.25
N ILE A 688 18.89 6.19 -18.21
CA ILE A 688 19.66 6.90 -19.24
C ILE A 688 19.69 6.14 -20.59
N ARG A 689 19.74 6.89 -21.69
CA ARG A 689 19.83 6.32 -23.04
C ARG A 689 21.20 5.57 -23.16
N LYS A 690 21.39 4.73 -24.19
CA LYS A 690 22.60 3.92 -24.42
C LYS A 690 23.79 4.66 -25.08
N ASP A 691 23.44 5.86 -25.59
CA ASP A 691 24.22 6.93 -26.28
C ASP A 691 25.13 7.70 -25.32
N CYS A 692 24.75 7.64 -24.06
CA CYS A 692 25.31 8.48 -23.06
C CYS A 692 25.82 7.88 -21.82
N VAL A 693 26.48 8.77 -21.08
CA VAL A 693 27.07 8.53 -19.80
C VAL A 693 26.98 9.91 -19.06
N TYR A 694 26.83 9.89 -17.75
CA TYR A 694 26.64 11.09 -16.93
C TYR A 694 27.48 11.06 -15.61
N ILE A 695 28.08 12.18 -15.22
CA ILE A 695 28.81 12.30 -13.94
C ILE A 695 28.55 13.71 -13.35
N VAL A 696 28.53 13.84 -12.02
CA VAL A 696 28.34 15.15 -11.40
C VAL A 696 29.67 15.96 -11.50
N HIS A 697 29.57 17.23 -11.91
CA HIS A 697 30.73 18.19 -12.06
C HIS A 697 31.36 18.61 -10.72
N GLY A 698 32.68 18.81 -10.67
CA GLY A 698 33.35 19.23 -9.43
C GLY A 698 34.18 18.26 -8.61
N PHE A 699 34.36 17.03 -9.05
CA PHE A 699 35.19 16.06 -8.31
C PHE A 699 36.52 15.89 -9.08
N GLY A 700 37.40 14.99 -8.65
CA GLY A 700 38.67 14.81 -9.32
C GLY A 700 39.75 15.84 -9.01
N HIS A 701 39.74 16.43 -7.82
CA HIS A 701 40.76 17.43 -7.45
C HIS A 701 42.17 16.80 -7.35
N LYS A 702 43.19 17.52 -7.85
CA LYS A 702 44.58 17.12 -7.62
C LYS A 702 45.05 18.36 -6.80
N ALA A 703 44.80 18.32 -5.48
CA ALA A 703 45.18 19.43 -4.61
C ALA A 703 45.41 18.80 -3.20
N PRO A 704 46.64 18.27 -2.95
CA PRO A 704 47.02 17.63 -1.68
C PRO A 704 46.75 18.38 -0.37
N LEU A 705 46.75 19.70 -0.45
CA LEU A 705 46.54 20.52 0.74
C LEU A 705 45.08 20.58 1.20
N MET A 706 44.13 20.37 0.26
CA MET A 706 42.69 20.26 0.64
C MET A 706 42.67 18.71 0.90
N ARG A 707 42.97 18.31 2.15
CA ARG A 707 43.09 16.92 2.52
C ARG A 707 41.90 15.95 2.32
N LEU A 708 40.65 16.38 2.44
CA LEU A 708 39.53 15.46 2.13
C LEU A 708 38.89 15.55 0.74
N ALA A 709 39.37 16.41 -0.16
CA ALA A 709 38.81 16.49 -1.52
C ALA A 709 39.80 15.86 -2.52
N HIS A 710 41.05 15.81 -2.09
CA HIS A 710 42.19 15.22 -2.85
C HIS A 710 42.10 13.73 -3.16
N GLY A 711 42.07 13.43 -4.47
CA GLY A 711 42.00 12.08 -5.04
C GLY A 711 40.67 11.36 -5.20
N ARG A 712 39.55 12.08 -5.05
CA ARG A 712 38.21 11.48 -5.10
C ARG A 712 37.33 11.79 -6.34
N GLY A 713 36.79 10.73 -6.98
CA GLY A 713 35.98 10.85 -8.18
C GLY A 713 36.71 11.23 -9.46
N ALA A 714 35.97 11.47 -10.54
CA ALA A 714 36.51 11.87 -11.85
C ALA A 714 36.12 13.33 -12.13
N SER A 715 37.01 14.12 -12.72
CA SER A 715 36.73 15.53 -13.06
C SER A 715 36.12 15.62 -14.48
N ASP A 716 34.92 16.20 -14.65
CA ASP A 716 34.34 16.35 -16.00
C ASP A 716 35.16 17.33 -16.86
N ASN A 717 35.60 18.44 -16.24
CA ASN A 717 36.42 19.51 -16.88
C ASN A 717 37.79 19.01 -17.40
N TYR A 718 38.44 18.11 -16.68
CA TYR A 718 39.71 17.58 -17.18
C TYR A 718 39.46 16.69 -18.41
N LEU A 719 38.22 16.28 -18.64
CA LEU A 719 37.90 15.45 -19.80
C LEU A 719 37.36 16.28 -20.96
N GLN A 720 36.98 17.53 -20.63
CA GLN A 720 36.44 18.45 -21.63
C GLN A 720 37.60 19.23 -22.24
N THR A 721 38.26 18.54 -23.14
CA THR A 721 39.43 19.02 -23.83
C THR A 721 39.11 20.02 -24.97
N ARG A 722 38.01 19.74 -25.67
CA ARG A 722 37.50 20.56 -26.80
C ARG A 722 36.13 21.21 -26.46
N TYR A 723 35.70 22.21 -27.25
CA TYR A 723 34.38 22.86 -27.09
C TYR A 723 33.95 23.55 -28.41
N LYS A 724 32.65 23.62 -28.70
CA LYS A 724 32.17 24.29 -29.94
C LYS A 724 31.70 25.73 -29.57
N LEU A 725 32.48 26.72 -30.01
CA LEU A 725 32.19 28.16 -29.79
C LEU A 725 30.83 28.58 -30.37
N ASP A 726 29.95 29.17 -29.55
CA ASP A 726 28.69 29.68 -30.09
C ASP A 726 29.13 30.98 -30.83
N PRO A 727 28.87 31.06 -32.16
CA PRO A 727 29.23 32.25 -32.95
C PRO A 727 28.37 33.53 -32.71
N ILE A 728 27.28 33.37 -31.94
CA ILE A 728 26.31 34.44 -31.61
C ILE A 728 26.42 35.06 -30.17
N SER A 729 26.53 34.19 -29.16
CA SER A 729 26.62 34.45 -27.68
C SER A 729 27.95 33.96 -27.04
N GLY A 730 29.13 34.43 -27.42
CA GLY A 730 30.34 33.89 -26.83
C GLY A 730 30.47 32.50 -26.11
N GLY A 731 29.40 31.74 -25.89
CA GLY A 731 29.44 30.46 -25.17
C GLY A 731 30.26 29.24 -25.65
N ALA A 732 30.94 28.53 -24.76
CA ALA A 732 31.72 27.35 -25.15
C ALA A 732 30.94 26.05 -24.98
N GLY A 733 30.31 25.53 -26.03
CA GLY A 733 29.57 24.27 -25.96
C GLY A 733 30.35 23.09 -25.36
N LEU A 734 29.97 22.62 -24.18
CA LEU A 734 30.70 21.51 -23.52
C LEU A 734 30.33 20.04 -23.83
N ARG A 735 29.07 19.78 -24.17
CA ARG A 735 28.49 18.43 -24.43
C ARG A 735 28.85 17.81 -25.77
N VAL A 736 30.02 18.20 -26.22
CA VAL A 736 30.59 17.88 -27.51
C VAL A 736 31.77 16.87 -27.31
N ASN A 737 32.03 16.52 -26.05
CA ASN A 737 33.10 15.56 -25.69
C ASN A 737 32.54 14.13 -25.55
N PHE A 738 33.33 13.17 -25.96
CA PHE A 738 33.00 11.75 -25.92
C PHE A 738 34.02 11.05 -25.02
N VAL A 739 33.54 10.05 -24.30
CA VAL A 739 34.34 9.33 -23.34
C VAL A 739 34.09 7.80 -23.40
N ARG A 740 35.11 6.98 -23.12
CA ARG A 740 34.94 5.52 -23.08
C ARG A 740 35.43 5.00 -21.70
N LEU A 741 34.93 3.84 -21.26
CA LEU A 741 35.26 3.29 -19.95
C LEU A 741 36.22 2.08 -19.98
N GLU A 742 37.23 2.14 -19.12
CA GLU A 742 38.31 1.15 -19.00
C GLU A 742 38.33 0.61 -17.56
N LYS A 743 38.17 -0.70 -17.37
CA LYS A 743 38.17 -1.33 -16.04
C LYS A 743 39.39 -0.90 -15.19
N ALA A 744 39.15 -0.53 -13.94
CA ALA A 744 40.21 -0.06 -13.04
C ALA A 744 40.06 -0.71 -11.65
N GLU A 745 41.07 -0.54 -10.79
CA GLU A 745 41.05 -1.09 -9.41
C GLU A 745 40.31 -0.15 -8.47
N ARG A 746 39.67 -0.70 -7.43
CA ARG A 746 39.05 0.13 -6.40
C ARG A 746 40.19 1.06 -5.85
N PRO A 747 39.92 2.35 -5.54
CA PRO A 747 41.00 3.21 -5.03
C PRO A 747 41.31 3.03 -3.51
N ARG A 748 42.54 3.28 -3.10
CA ARG A 748 42.92 3.16 -1.70
C ARG A 748 43.14 4.62 -1.24
N LEU A 749 42.26 5.08 -0.37
CA LEU A 749 42.25 6.48 0.07
C LEU A 749 42.21 6.62 1.58
N PRO A 750 42.53 7.81 2.12
CA PRO A 750 42.48 7.89 3.57
C PRO A 750 41.03 7.79 4.09
N SER A 751 40.89 7.62 5.40
CA SER A 751 39.57 7.56 5.99
C SER A 751 39.03 9.00 6.13
N LEU A 752 37.84 9.26 5.59
CA LEU A 752 37.20 10.57 5.67
C LEU A 752 36.81 10.99 7.09
N THR A 753 36.37 10.04 7.92
CA THR A 753 35.99 10.31 9.32
C THR A 753 37.26 10.74 10.11
N GLY A 754 38.37 10.03 9.88
CA GLY A 754 39.64 10.37 10.52
C GLY A 754 39.98 11.83 10.24
N LEU A 755 40.05 12.21 8.96
CA LEU A 755 40.31 13.60 8.54
C LEU A 755 39.22 14.58 9.09
N ALA A 756 37.94 14.27 8.90
CA ALA A 756 36.86 15.13 9.42
C ALA A 756 36.98 15.39 10.92
N LYS A 757 37.61 14.47 11.66
CA LYS A 757 37.77 14.66 13.11
C LYS A 757 38.90 15.58 13.59
N ARG A 758 39.77 16.05 12.70
CA ARG A 758 40.85 16.97 13.07
C ARG A 758 40.17 18.17 13.73
N PRO A 759 40.56 18.56 14.97
CA PRO A 759 39.96 19.71 15.67
C PRO A 759 40.23 21.08 15.01
N PHE A 760 39.32 22.05 15.11
CA PHE A 760 39.62 23.38 14.53
C PHE A 760 40.21 24.31 15.60
N ASP A 761 41.43 24.77 15.32
CA ASP A 761 42.15 25.64 16.23
C ASP A 761 42.46 27.00 15.63
N GLU A 762 41.84 28.03 16.19
CA GLU A 762 42.04 29.41 15.74
C GLU A 762 43.40 29.95 16.25
N ARG A 763 44.27 29.03 16.69
CA ARG A 763 45.63 29.28 17.22
C ARG A 763 45.77 30.32 18.34
N ARG A 764 46.61 31.24 18.20
N MET B 1 0.22 14.01 27.43
CA MET B 1 -1.08 13.89 26.72
C MET B 1 -1.01 13.89 25.15
N PRO B 2 -0.10 14.67 24.51
CA PRO B 2 -0.23 14.42 23.07
C PRO B 2 0.37 13.01 22.78
N ARG B 3 0.27 12.54 21.53
CA ARG B 3 0.95 11.33 21.04
C ARG B 3 1.74 11.91 19.83
N TYR B 4 3.03 12.19 19.99
CA TYR B 4 3.86 12.79 18.90
C TYR B 4 4.22 11.93 17.66
N ALA B 5 4.08 12.53 16.47
CA ALA B 5 4.34 11.88 15.18
C ALA B 5 4.89 12.79 14.06
N MET B 6 5.34 12.15 12.98
CA MET B 6 5.91 12.82 11.84
C MET B 6 5.40 12.20 10.56
N ALA B 7 5.05 13.05 9.61
CA ALA B 7 4.57 12.59 8.32
C ALA B 7 5.40 13.20 7.21
N ILE B 8 5.82 12.35 6.28
CA ILE B 8 6.58 12.77 5.12
C ILE B 8 5.86 12.33 3.86
N ASP B 9 5.65 13.32 2.98
CA ASP B 9 4.99 13.13 1.67
C ASP B 9 6.11 12.71 0.72
N LEU B 10 6.01 11.51 0.14
CA LEU B 10 7.05 11.01 -0.77
C LEU B 10 6.80 11.43 -2.19
N SER B 11 5.64 12.02 -2.41
CA SER B 11 5.26 12.43 -3.74
C SER B 11 5.94 13.79 -4.00
N LEU B 12 6.32 14.46 -2.93
CA LEU B 12 6.99 15.77 -2.96
C LEU B 12 8.51 15.70 -2.65
N CYS B 13 8.95 14.71 -1.88
CA CYS B 13 10.37 14.55 -1.51
C CYS B 13 11.31 14.38 -2.74
N VAL B 14 12.39 15.16 -2.80
CA VAL B 14 13.31 15.07 -3.94
C VAL B 14 14.71 14.58 -3.57
N GLY B 15 14.88 14.20 -2.31
CA GLY B 15 16.12 13.67 -1.78
C GLY B 15 17.36 14.55 -1.77
N CYS B 16 17.18 15.86 -1.55
CA CYS B 16 18.24 16.90 -1.45
C CYS B 16 18.52 16.76 0.05
N ALA B 17 19.57 16.12 0.53
CA ALA B 17 19.56 15.98 2.00
C ALA B 17 19.48 17.25 2.92
N ALA B 18 18.57 18.21 2.67
CA ALA B 18 18.57 19.44 3.49
C ALA B 18 18.33 19.22 4.99
N CYS B 19 17.34 18.39 5.26
CA CYS B 19 16.91 17.93 6.57
C CYS B 19 18.08 17.20 7.25
N ALA B 20 18.75 16.32 6.51
CA ALA B 20 19.89 15.56 7.06
C ALA B 20 21.07 16.47 7.49
N VAL B 21 21.37 17.52 6.72
CA VAL B 21 22.42 18.46 7.06
C VAL B 21 22.00 19.41 8.20
N ALA B 22 20.75 19.89 8.17
CA ALA B 22 20.21 20.76 9.23
C ALA B 22 20.29 20.04 10.60
N CYS B 23 19.90 18.77 10.67
CA CYS B 23 20.01 17.97 11.94
C CYS B 23 21.52 17.86 12.35
N LYS B 24 22.41 17.43 11.44
CA LYS B 24 23.88 17.38 11.70
C LYS B 24 24.39 18.64 12.39
N MET B 25 23.90 19.80 11.93
CA MET B 25 24.28 21.13 12.42
C MET B 25 23.61 21.49 13.74
N GLU B 26 22.29 21.44 13.76
CA GLU B 26 21.54 21.73 14.97
C GLU B 26 21.95 20.85 16.19
N ASN B 27 22.14 19.55 15.98
CA ASN B 27 22.51 18.60 17.04
C ASN B 27 23.97 18.20 17.28
N GLU B 28 24.86 18.82 16.51
CA GLU B 28 26.29 18.58 16.62
C GLU B 28 26.76 17.08 16.51
N VAL B 29 25.97 16.27 15.79
CA VAL B 29 26.22 14.84 15.54
C VAL B 29 27.65 14.71 14.97
N PRO B 30 28.54 13.98 15.70
CA PRO B 30 29.91 13.82 15.22
C PRO B 30 30.08 13.20 13.84
N PRO B 31 31.30 13.33 13.23
CA PRO B 31 31.55 12.78 11.90
C PRO B 31 31.06 11.34 11.49
N GLY B 32 31.54 10.23 12.01
CA GLY B 32 31.06 8.99 11.40
C GLY B 32 29.64 8.41 11.54
N VAL B 33 28.75 9.16 12.16
CA VAL B 33 27.40 8.71 12.48
C VAL B 33 26.32 9.71 12.05
N PHE B 34 25.07 9.25 12.02
CA PHE B 34 23.91 10.01 11.53
C PHE B 34 22.55 9.69 12.19
N ASN B 35 21.79 10.69 12.63
CA ASN B 35 20.43 10.44 13.17
C ASN B 35 19.44 10.32 11.99
N LEU B 36 19.79 10.91 10.83
CA LEU B 36 18.94 11.03 9.60
C LEU B 36 19.77 10.86 8.32
N TRP B 37 19.28 10.07 7.35
CA TRP B 37 19.95 9.81 6.07
C TRP B 37 18.82 9.65 5.04
N ILE B 38 19.17 9.68 3.77
CA ILE B 38 18.20 9.54 2.67
C ILE B 38 18.57 8.30 1.85
N ARG B 39 17.59 7.45 1.55
CA ARG B 39 17.82 6.28 0.71
C ARG B 39 17.14 6.59 -0.68
N GLU B 40 17.75 6.19 -1.80
CA GLU B 40 17.15 6.46 -3.12
C GLU B 40 17.22 5.16 -3.92
N ARG B 41 16.07 4.72 -4.44
CA ARG B 41 15.95 3.47 -5.19
C ARG B 41 15.11 3.58 -6.46
N GLU B 42 15.56 3.01 -7.57
CA GLU B 42 14.77 3.02 -8.78
C GLU B 42 14.12 1.66 -8.91
N VAL B 43 12.94 1.70 -9.52
CA VAL B 43 12.10 0.55 -9.77
C VAL B 43 11.63 0.49 -11.23
N GLY B 44 12.08 -0.52 -11.97
CA GLY B 44 11.62 -0.69 -13.32
C GLY B 44 12.33 -0.18 -14.53
N GLU B 45 11.89 -0.72 -15.67
CA GLU B 45 12.33 -0.47 -17.05
C GLU B 45 11.72 0.80 -17.69
N TYR B 46 12.07 1.09 -18.95
CA TYR B 46 11.55 2.24 -19.79
C TYR B 46 10.27 3.08 -19.86
N PRO B 47 9.10 2.41 -19.91
CA PRO B 47 7.75 2.93 -19.97
C PRO B 47 6.94 2.97 -18.69
N ASN B 48 7.62 2.63 -17.59
CA ASN B 48 7.11 2.52 -16.21
C ASN B 48 8.34 2.57 -15.24
N LEU B 49 8.97 3.74 -15.17
CA LEU B 49 10.19 4.03 -14.38
C LEU B 49 9.88 4.91 -13.17
N VAL B 50 9.95 4.32 -11.99
CA VAL B 50 9.65 5.06 -10.78
C VAL B 50 10.90 5.24 -9.91
N VAL B 51 11.08 6.41 -9.28
CA VAL B 51 12.19 6.62 -8.34
C VAL B 51 11.61 7.04 -6.97
N GLU B 52 12.03 6.33 -5.91
CA GLU B 52 11.61 6.61 -4.53
C GLU B 52 12.81 7.19 -3.74
N PHE B 53 12.60 8.38 -3.17
CA PHE B 53 13.52 9.15 -2.33
C PHE B 53 12.95 8.96 -0.91
N ARG B 54 13.74 8.51 0.06
CA ARG B 54 13.16 8.22 1.37
C ARG B 54 13.98 8.59 2.59
N PRO B 55 13.60 9.63 3.36
CA PRO B 55 14.46 9.89 4.52
C PRO B 55 14.20 8.81 5.62
N GLU B 56 15.25 8.34 6.32
CA GLU B 56 15.13 7.33 7.39
C GLU B 56 15.82 7.75 8.68
N GLN B 57 15.09 7.63 9.80
CA GLN B 57 15.59 8.04 11.13
C GLN B 57 14.68 7.44 12.23
N CYS B 58 15.08 7.52 13.50
CA CYS B 58 14.22 6.97 14.57
C CYS B 58 12.75 7.25 14.19
N LEU B 59 11.90 6.23 14.30
CA LEU B 59 10.47 6.34 13.97
C LEU B 59 9.67 6.57 15.26
N HIS B 60 10.38 6.62 16.39
CA HIS B 60 9.79 6.79 17.73
C HIS B 60 8.59 5.81 17.81
N CYS B 61 8.92 4.52 17.71
CA CYS B 61 7.94 3.43 17.73
C CYS B 61 7.04 3.49 18.96
N GLU B 62 5.76 3.17 18.83
CA GLU B 62 4.85 3.20 19.99
C GLU B 62 5.04 1.99 20.92
N ASN B 63 5.47 0.89 20.32
CA ASN B 63 5.79 -0.34 21.01
C ASN B 63 7.29 -0.60 20.67
N PRO B 64 8.19 0.25 21.24
CA PRO B 64 9.64 0.14 21.00
C PRO B 64 10.42 -1.07 21.56
N PRO B 65 10.91 -1.99 20.69
CA PRO B 65 11.66 -3.14 21.22
C PRO B 65 13.01 -2.73 21.81
N CYS B 66 13.37 -1.47 21.57
CA CYS B 66 14.65 -0.93 22.01
C CYS B 66 14.71 -0.48 23.47
N VAL B 67 13.55 -0.46 24.12
CA VAL B 67 13.40 -0.08 25.53
C VAL B 67 13.49 -1.33 26.53
N PRO B 68 12.53 -2.31 26.51
CA PRO B 68 12.64 -3.46 27.45
C PRO B 68 13.96 -4.24 27.63
N VAL B 69 14.81 -4.11 26.64
CA VAL B 69 16.04 -4.87 26.52
C VAL B 69 17.27 -4.24 27.17
N CYS B 70 17.03 -3.07 27.74
CA CYS B 70 18.05 -2.26 28.38
C CYS B 70 18.21 -2.62 29.87
N PRO B 71 19.44 -2.99 30.30
CA PRO B 71 19.71 -3.39 31.69
C PRO B 71 19.67 -2.40 32.87
N THR B 72 20.15 -1.22 32.58
CA THR B 72 20.27 -0.04 33.42
C THR B 72 18.88 0.49 33.02
N GLY B 73 18.42 1.67 33.40
CA GLY B 73 17.17 2.13 32.83
C GLY B 73 17.39 3.33 31.88
N ALA B 74 18.58 3.47 31.28
CA ALA B 74 18.90 4.62 30.40
C ALA B 74 17.92 4.84 29.21
N SER B 75 17.53 3.76 28.56
CA SER B 75 16.58 3.75 27.43
C SER B 75 15.12 3.86 27.93
N TYR B 76 14.41 4.95 27.62
CA TYR B 76 13.02 5.11 28.09
C TYR B 76 12.05 5.82 27.14
N GLN B 77 10.77 5.48 27.29
CA GLN B 77 9.66 6.04 26.53
C GLN B 77 8.86 6.97 27.43
N THR B 78 8.71 8.18 26.94
CA THR B 78 8.04 9.32 27.54
C THR B 78 6.50 9.17 27.47
N LYS B 79 5.78 9.95 28.29
CA LYS B 79 4.31 9.89 28.32
C LYS B 79 3.60 10.42 27.05
N ASP B 80 4.33 11.19 26.22
CA ASP B 80 3.82 11.75 24.96
C ASP B 80 4.26 10.98 23.74
N GLY B 81 5.01 9.93 23.93
CA GLY B 81 5.45 9.14 22.80
C GLY B 81 6.86 9.29 22.27
N LEU B 82 7.76 9.94 23.03
CA LEU B 82 9.16 10.11 22.64
C LEU B 82 10.04 9.01 23.26
N VAL B 83 10.95 8.46 22.46
CA VAL B 83 11.90 7.43 22.87
C VAL B 83 13.24 8.17 23.04
N LEU B 84 13.80 8.16 24.25
CA LEU B 84 15.01 8.93 24.53
C LEU B 84 16.07 8.15 25.33
N VAL B 85 17.25 8.72 25.58
CA VAL B 85 18.29 8.05 26.37
C VAL B 85 18.82 8.93 27.52
N ASP B 86 18.87 8.45 28.77
CA ASP B 86 19.43 9.27 29.86
C ASP B 86 20.92 8.86 29.86
N PRO B 87 21.80 9.66 29.21
CA PRO B 87 23.22 9.25 29.19
C PRO B 87 23.92 8.94 30.52
N LYS B 88 23.31 9.39 31.61
CA LYS B 88 23.84 9.19 32.95
C LYS B 88 23.76 7.76 33.45
N LYS B 89 22.91 6.98 32.82
CA LYS B 89 22.73 5.58 33.16
C LYS B 89 23.25 4.64 32.08
N CYS B 90 23.52 5.20 30.91
CA CYS B 90 24.00 4.38 29.80
C CYS B 90 25.41 3.76 29.99
N ILE B 91 25.51 2.44 29.81
CA ILE B 91 26.76 1.67 29.95
C ILE B 91 27.33 1.26 28.57
N ALA B 92 26.67 1.71 27.51
CA ALA B 92 27.11 1.46 26.14
C ALA B 92 27.31 -0.05 25.86
N CYS B 93 26.32 -0.83 26.25
CA CYS B 93 26.31 -2.29 26.10
C CYS B 93 25.85 -2.71 24.68
N GLY B 94 25.14 -1.81 24.00
CA GLY B 94 24.67 -2.06 22.63
C GLY B 94 23.47 -2.96 22.43
N ALA B 95 22.75 -3.23 23.51
CA ALA B 95 21.57 -4.08 23.51
C ALA B 95 20.45 -3.45 22.65
N CYS B 96 20.30 -2.14 22.78
CA CYS B 96 19.31 -1.31 22.07
C CYS B 96 19.61 -1.26 20.54
N ILE B 97 20.89 -1.31 20.18
CA ILE B 97 21.29 -1.35 18.76
C ILE B 97 20.88 -2.75 18.21
N ALA B 98 21.19 -3.84 18.92
CA ALA B 98 20.78 -5.20 18.52
C ALA B 98 19.24 -5.33 18.28
N ALA B 99 18.48 -4.69 19.18
CA ALA B 99 17.01 -4.68 19.14
C ALA B 99 16.29 -3.70 18.16
N CYS B 100 16.88 -2.57 17.79
CA CYS B 100 16.22 -1.62 16.83
C CYS B 100 16.20 -2.22 15.39
N PRO B 101 15.01 -2.44 14.76
CA PRO B 101 15.05 -3.01 13.39
C PRO B 101 15.37 -2.02 12.26
N TYR B 102 15.66 -0.76 12.59
CA TYR B 102 15.85 0.30 11.59
C TYR B 102 17.21 1.02 11.44
N ASP B 103 18.26 0.47 12.03
CA ASP B 103 19.63 1.06 12.06
C ASP B 103 19.57 2.55 12.47
N ALA B 104 18.70 2.87 13.43
CA ALA B 104 18.50 4.24 13.92
C ALA B 104 19.44 4.74 15.04
N ARG B 105 20.15 3.83 15.70
CA ARG B 105 21.05 4.23 16.79
C ARG B 105 22.58 3.93 16.64
N TYR B 106 23.40 4.72 17.32
CA TYR B 106 24.84 4.55 17.30
C TYR B 106 25.50 4.85 18.62
N LEU B 107 26.78 4.47 18.69
CA LEU B 107 27.63 4.76 19.84
C LEU B 107 28.28 6.13 19.54
N HIS B 108 27.95 7.11 20.37
CA HIS B 108 28.52 8.46 20.26
C HIS B 108 29.94 8.29 20.86
N PRO B 109 30.95 9.06 20.39
CA PRO B 109 32.32 8.94 20.92
C PRO B 109 32.57 9.36 22.40
N ALA B 110 31.57 9.98 23.04
CA ALA B 110 31.64 10.40 24.45
C ALA B 110 31.37 9.22 25.43
N GLY B 111 31.15 8.03 24.89
CA GLY B 111 30.92 6.83 25.70
C GLY B 111 29.51 6.33 25.95
N TYR B 112 28.52 6.92 25.27
CA TYR B 112 27.12 6.52 25.43
C TYR B 112 26.37 6.40 24.09
N VAL B 113 25.18 5.81 24.09
CA VAL B 113 24.48 5.64 22.82
C VAL B 113 23.55 6.81 22.47
N SER B 114 23.47 7.16 21.18
CA SER B 114 22.69 8.32 20.70
C SER B 114 21.78 8.03 19.49
N LYS B 115 20.98 9.00 19.12
CA LYS B 115 20.04 8.86 18.03
C LYS B 115 19.02 10.01 18.01
N CYS B 116 18.27 10.11 16.91
CA CYS B 116 17.24 11.13 16.72
C CYS B 116 16.40 11.25 17.99
N THR B 117 16.25 12.49 18.38
CA THR B 117 15.61 12.96 19.58
C THR B 117 14.23 13.64 19.43
N PHE B 118 13.69 13.68 18.21
CA PHE B 118 12.50 14.46 17.83
C PHE B 118 12.73 15.94 18.27
N CYS B 119 13.99 16.35 18.44
CA CYS B 119 14.35 17.72 18.85
C CYS B 119 13.60 18.11 20.09
N ALA B 120 13.72 17.24 21.09
CA ALA B 120 13.10 17.41 22.38
C ALA B 120 13.51 18.78 22.95
N HIS B 121 14.75 19.19 22.71
CA HIS B 121 15.23 20.50 23.17
C HIS B 121 14.36 21.66 22.58
N ARG B 122 14.01 21.58 21.30
CA ARG B 122 13.14 22.60 20.69
C ARG B 122 11.65 22.43 21.06
N LEU B 123 11.20 21.19 21.27
CA LEU B 123 9.78 20.86 21.57
C LEU B 123 9.26 21.42 22.89
N GLU B 124 10.15 21.34 23.85
CA GLU B 124 10.00 21.80 25.21
C GLU B 124 9.87 23.33 25.19
N LYS B 125 10.62 24.03 24.36
CA LYS B 125 10.43 25.48 24.31
C LYS B 125 9.45 25.94 23.19
N GLY B 126 8.53 25.07 22.78
CA GLY B 126 7.51 25.40 21.78
C GLY B 126 7.86 25.57 20.31
N LYS B 127 8.98 25.02 19.88
CA LYS B 127 9.43 25.10 18.49
C LYS B 127 9.19 23.75 17.74
N VAL B 128 9.26 23.77 16.41
CA VAL B 128 9.13 22.58 15.59
C VAL B 128 10.57 22.11 15.30
N PRO B 129 10.79 20.79 15.08
CA PRO B 129 12.13 20.26 14.80
C PRO B 129 12.89 20.88 13.60
N ALA B 130 14.23 20.91 13.71
CA ALA B 130 15.16 21.41 12.69
C ALA B 130 14.89 20.82 11.28
N CYS B 131 14.70 19.52 11.14
CA CYS B 131 14.37 18.92 9.82
C CYS B 131 13.11 19.56 9.21
N VAL B 132 12.10 19.77 10.04
CA VAL B 132 10.79 20.30 9.65
C VAL B 132 10.81 21.78 9.18
N GLU B 133 11.56 22.62 9.89
CA GLU B 133 11.73 24.04 9.55
C GLU B 133 12.50 24.24 8.19
N THR B 134 13.72 23.72 8.06
CA THR B 134 14.54 23.76 6.80
C THR B 134 14.07 22.65 5.84
N CYS B 135 13.22 22.97 4.89
CA CYS B 135 12.72 21.99 3.92
C CYS B 135 12.02 22.73 2.81
N PRO B 136 12.76 22.92 1.72
CA PRO B 136 12.32 23.61 0.52
C PRO B 136 10.96 23.11 -0.01
N THR B 137 10.79 21.80 -0.06
CA THR B 137 9.57 21.20 -0.61
C THR B 137 8.28 21.12 0.25
N TYR B 138 8.42 21.38 1.55
CA TYR B 138 7.32 21.30 2.53
C TYR B 138 6.67 19.89 2.58
N CYS B 139 7.47 18.83 2.49
CA CYS B 139 6.88 17.49 2.54
C CYS B 139 6.78 16.88 3.96
N ARG B 140 7.54 17.39 4.95
CA ARG B 140 7.40 16.89 6.33
C ARG B 140 6.45 17.72 7.24
N THR B 141 5.70 17.00 8.05
CA THR B 141 4.74 17.56 8.98
C THR B 141 4.92 16.87 10.32
N PHE B 142 4.64 17.61 11.38
CA PHE B 142 4.83 17.15 12.74
C PHE B 142 3.66 17.61 13.60
N GLY B 143 3.47 16.95 14.75
CA GLY B 143 2.42 17.30 15.70
C GLY B 143 1.92 16.22 16.65
N ASP B 144 0.81 16.53 17.31
CA ASP B 144 0.10 15.63 18.24
C ASP B 144 -0.94 14.93 17.33
N LEU B 145 -0.86 13.60 17.34
CA LEU B 145 -1.68 12.74 16.51
C LEU B 145 -3.16 12.85 16.93
N GLU B 146 -3.38 13.18 18.21
CA GLU B 146 -4.70 13.32 18.82
C GLU B 146 -5.39 14.67 18.56
N ASP B 147 -4.66 15.65 18.06
CA ASP B 147 -5.29 16.94 17.78
C ASP B 147 -5.63 16.98 16.28
N PRO B 148 -6.95 17.00 15.94
CA PRO B 148 -7.45 17.04 14.55
C PRO B 148 -6.96 18.23 13.69
N GLU B 149 -6.43 19.22 14.37
CA GLU B 149 -5.93 20.44 13.75
C GLU B 149 -4.43 20.47 13.45
N SER B 150 -3.67 19.64 14.15
CA SER B 150 -2.23 19.63 13.98
C SER B 150 -1.79 19.33 12.56
N PRO B 151 -0.61 19.86 12.15
CA PRO B 151 -0.21 19.54 10.77
C PRO B 151 -0.11 18.00 10.39
N VAL B 152 0.37 17.09 11.27
CA VAL B 152 0.45 15.62 10.91
C VAL B 152 -0.93 15.01 10.73
N ALA B 153 -1.84 15.36 11.64
CA ALA B 153 -3.19 14.85 11.60
C ALA B 153 -3.89 15.15 10.27
N LYS B 154 -3.72 16.39 9.81
CA LYS B 154 -4.26 16.91 8.54
C LYS B 154 -3.64 16.17 7.34
N ALA B 155 -2.31 16.10 7.35
CA ALA B 155 -1.53 15.42 6.32
C ALA B 155 -2.01 13.96 6.11
N LEU B 156 -2.15 13.20 7.20
CA LEU B 156 -2.66 11.80 7.20
C LEU B 156 -4.11 11.76 6.67
N LYS B 157 -4.95 12.68 7.14
CA LYS B 157 -6.33 12.75 6.64
C LYS B 157 -6.39 13.00 5.11
N ALA B 158 -5.49 13.79 4.56
CA ALA B 158 -5.55 14.08 3.12
C ALA B 158 -4.78 13.14 2.18
N ALA B 159 -4.06 12.19 2.75
CA ALA B 159 -3.27 11.23 1.98
C ALA B 159 -4.03 10.17 1.15
N GLU B 160 -3.49 9.83 -0.03
CA GLU B 160 -4.02 8.80 -0.94
C GLU B 160 -3.62 7.37 -0.35
N ARG B 161 -2.43 7.23 0.21
CA ARG B 161 -2.02 5.98 0.89
C ARG B 161 -1.10 6.29 2.08
N VAL B 162 -1.03 5.41 3.07
CA VAL B 162 -0.15 5.56 4.22
C VAL B 162 0.66 4.24 4.46
N ASP B 163 1.99 4.35 4.61
CA ASP B 163 2.92 3.21 4.84
C ASP B 163 3.98 3.46 5.94
N VAL B 164 4.53 2.36 6.41
CA VAL B 164 5.43 2.36 7.56
C VAL B 164 6.46 1.25 7.26
N LEU B 165 7.69 1.38 7.75
CA LEU B 165 8.74 0.40 7.47
C LEU B 165 8.55 -0.86 8.34
N ARG B 166 8.93 -2.03 7.80
CA ARG B 166 8.80 -3.34 8.47
C ARG B 166 7.59 -3.38 9.43
N PRO B 167 6.34 -3.29 8.90
CA PRO B 167 5.18 -3.33 9.79
C PRO B 167 4.99 -4.67 10.55
N GLU B 168 5.54 -5.74 9.99
CA GLU B 168 5.44 -7.08 10.57
C GLU B 168 6.32 -7.36 11.84
N GLN B 169 7.20 -6.42 12.23
CA GLN B 169 7.90 -6.55 13.53
C GLN B 169 6.66 -5.93 14.23
N GLY B 170 6.55 -5.74 15.52
CA GLY B 170 5.26 -5.16 15.85
C GLY B 170 5.46 -3.85 16.54
N THR B 171 6.37 -3.05 16.02
CA THR B 171 6.72 -1.84 16.73
C THR B 171 5.82 -0.62 16.70
N ARG B 172 4.85 -0.58 15.80
CA ARG B 172 3.97 0.58 15.65
C ARG B 172 4.73 1.93 15.52
N PRO B 173 5.42 2.13 14.36
CA PRO B 173 6.18 3.36 14.10
C PRO B 173 5.30 4.62 14.15
N LYS B 174 5.86 5.75 14.52
CA LYS B 174 5.12 7.00 14.53
C LYS B 174 5.74 7.98 13.51
N LEU B 175 6.26 7.43 12.41
CA LEU B 175 6.80 8.21 11.28
C LEU B 175 6.13 7.47 10.11
N PHE B 176 5.23 8.24 9.49
CA PHE B 176 4.36 7.84 8.42
C PHE B 176 4.76 8.39 7.06
N TYR B 177 4.75 7.50 6.08
CA TYR B 177 5.07 7.85 4.71
C TYR B 177 3.78 7.97 3.91
N LEU B 178 3.61 9.12 3.27
CA LEU B 178 2.43 9.41 2.46
C LEU B 178 2.66 9.25 0.93
N ASN B 179 1.61 8.85 0.26
CA ASN B 179 1.58 8.72 -1.18
C ASN B 179 2.83 8.12 -1.88
N ALA B 180 3.32 6.97 -1.43
CA ALA B 180 4.47 6.30 -2.04
C ALA B 180 4.33 6.19 -3.58
N PRO B 181 5.41 6.51 -4.34
CA PRO B 181 5.50 6.49 -5.81
C PRO B 181 5.18 5.15 -6.50
N SER B 182 5.66 4.04 -5.93
CA SER B 182 5.41 2.70 -6.49
C SER B 182 4.04 2.07 -6.07
N LYS B 183 3.27 1.51 -7.01
CA LYS B 183 1.94 0.88 -6.73
C LYS B 183 1.95 -0.21 -5.66
N LYS B 184 3.07 -0.94 -5.59
CA LYS B 184 3.30 -2.03 -4.65
C LYS B 184 3.77 -1.57 -3.28
N GLY B 185 3.95 -0.28 -3.13
CA GLY B 185 4.38 0.28 -1.86
C GLY B 185 5.86 0.59 -1.61
N LEU B 186 6.23 0.78 -0.35
CA LEU B 186 7.60 1.08 -0.03
C LEU B 186 8.50 -0.03 -0.60
N THR B 187 9.60 0.41 -1.16
CA THR B 187 10.65 -0.39 -1.74
C THR B 187 11.45 -1.29 -0.70
N ARG B 188 11.74 -2.57 -0.99
CA ARG B 188 12.55 -3.44 -0.10
C ARG B 188 13.72 -4.00 -0.92
N GLU B 189 14.84 -4.33 -0.28
CA GLU B 189 16.01 -4.89 -0.99
C GLU B 189 15.64 -6.28 -1.55
N SER B 190 14.78 -7.02 -0.83
CA SER B 190 14.30 -8.36 -1.24
C SER B 190 13.51 -8.38 -2.58
N GLU B 191 12.85 -7.28 -2.96
CA GLU B 191 12.15 -7.25 -4.26
C GLU B 191 13.13 -6.85 -5.38
N VAL B 192 14.43 -6.75 -5.08
CA VAL B 192 15.44 -6.47 -6.11
C VAL B 192 16.07 -7.83 -6.52
N HIS B 193 16.86 -7.86 -7.60
CA HIS B 193 17.51 -9.08 -8.19
C HIS B 193 16.97 -10.50 -7.79
N HIS B 194 16.11 -11.00 -8.55
N ALA C 2 19.28 1.66 -2.50
CA ALA C 2 20.50 1.30 -3.28
C ALA C 2 21.57 2.42 -3.10
N GLU C 3 21.21 3.70 -3.29
CA GLU C 3 22.09 4.90 -3.08
C GLU C 3 21.69 5.70 -1.81
N PHE C 4 22.63 6.28 -1.08
CA PHE C 4 22.32 7.09 0.13
C PHE C 4 22.97 8.49 0.17
N TYR C 5 22.44 9.36 1.05
CA TYR C 5 23.07 10.65 1.40
C TYR C 5 23.23 10.42 2.89
N GLY C 6 24.49 10.32 3.26
CA GLY C 6 24.85 9.95 4.61
C GLY C 6 24.77 8.41 4.48
N LEU C 7 24.56 7.74 5.61
CA LEU C 7 24.48 6.26 5.72
C LEU C 7 23.67 5.78 6.94
N PRO C 8 23.00 4.59 6.85
CA PRO C 8 22.24 4.08 8.01
C PRO C 8 23.35 3.54 8.94
N ASN C 9 23.08 3.45 10.24
CA ASN C 9 24.03 2.94 11.23
C ASN C 9 23.92 1.40 11.30
N ALA C 10 24.38 0.71 10.25
CA ALA C 10 24.29 -0.74 10.14
C ALA C 10 25.60 -1.51 10.31
N GLN C 11 26.56 -0.89 10.97
CA GLN C 11 27.88 -1.49 11.23
C GLN C 11 27.90 -2.37 12.51
N GLU C 12 28.86 -3.28 12.56
CA GLU C 12 29.07 -4.20 13.68
C GLU C 12 29.12 -3.45 15.04
N PHE C 13 28.22 -3.80 15.96
CA PHE C 13 28.14 -3.20 17.29
C PHE C 13 28.83 -4.06 18.39
N TRP C 14 29.02 -5.37 18.12
CA TRP C 14 29.70 -6.32 19.04
C TRP C 14 30.91 -6.92 18.29
N HIS C 15 32.12 -6.57 18.74
CA HIS C 15 33.41 -6.93 18.16
C HIS C 15 34.04 -8.27 18.58
N TRP C 16 35.25 -8.55 18.10
CA TRP C 16 35.99 -9.76 18.46
C TRP C 16 36.13 -9.76 20.00
N THR C 17 36.22 -8.55 20.56
CA THR C 17 36.37 -8.31 21.99
C THR C 17 35.21 -8.92 22.78
N ASN C 18 33.99 -8.60 22.33
CA ASN C 18 32.78 -9.14 22.96
C ASN C 18 32.56 -10.65 22.72
N ALA C 19 32.90 -11.15 21.52
CA ALA C 19 32.76 -12.57 21.19
C ALA C 19 33.60 -13.42 22.17
N LEU C 20 34.72 -12.81 22.62
CA LEU C 20 35.62 -13.38 23.61
C LEU C 20 34.80 -13.43 24.94
N HIS C 21 34.16 -12.33 25.31
CA HIS C 21 33.32 -12.31 26.54
C HIS C 21 32.32 -13.48 26.45
N PHE C 22 31.75 -13.69 25.25
CA PHE C 22 30.80 -14.77 25.04
C PHE C 22 31.35 -16.18 25.29
N VAL C 23 32.59 -16.44 24.87
CA VAL C 23 33.19 -17.74 25.12
C VAL C 23 33.47 -17.88 26.64
N LEU C 24 33.92 -16.79 27.25
CA LEU C 24 34.27 -16.80 28.68
C LEU C 24 33.09 -17.01 29.68
N VAL C 25 32.01 -16.25 29.52
CA VAL C 25 30.84 -16.39 30.40
C VAL C 25 30.25 -17.85 30.30
N GLY C 26 30.55 -18.56 29.20
CA GLY C 26 30.14 -19.94 29.01
C GLY C 26 30.88 -20.82 30.02
N LEU C 27 32.21 -20.66 30.00
CA LEU C 27 33.18 -21.29 30.92
C LEU C 27 32.82 -20.94 32.36
N ALA C 28 32.71 -19.63 32.62
CA ALA C 28 32.41 -19.16 33.96
C ALA C 28 31.16 -19.87 34.52
N GLY C 29 30.01 -19.69 33.86
CA GLY C 29 28.75 -20.30 34.25
C GLY C 29 28.68 -21.81 34.43
N GLY C 30 29.24 -22.53 33.46
CA GLY C 30 29.33 -23.98 33.51
C GLY C 30 30.32 -24.52 34.56
N VAL C 31 31.35 -23.77 34.91
CA VAL C 31 32.24 -24.27 35.97
C VAL C 31 31.55 -24.01 37.34
N ALA C 32 30.77 -22.94 37.44
CA ALA C 32 30.00 -22.65 38.65
C ALA C 32 28.89 -23.74 38.82
N LEU C 33 28.45 -24.37 37.71
CA LEU C 33 27.44 -25.45 37.80
C LEU C 33 28.14 -26.72 38.36
N LEU C 34 29.34 -27.00 37.85
CA LEU C 34 30.16 -28.11 38.31
C LEU C 34 30.46 -27.98 39.83
N ALA C 35 30.92 -26.81 40.27
CA ALA C 35 31.20 -26.60 41.69
C ALA C 35 29.93 -26.81 42.56
N ALA C 36 28.76 -26.38 42.06
CA ALA C 36 27.48 -26.53 42.79
C ALA C 36 27.04 -28.01 42.94
N LEU C 37 27.05 -28.75 41.83
CA LEU C 37 26.71 -30.17 41.79
C LEU C 37 27.72 -31.02 42.62
N LEU C 38 28.95 -30.53 42.76
CA LEU C 38 30.00 -31.21 43.53
C LEU C 38 29.74 -31.01 45.03
N HIS C 39 29.51 -29.77 45.44
CA HIS C 39 29.16 -29.51 46.84
C HIS C 39 27.93 -30.34 47.21
N LEU C 40 27.04 -30.54 46.25
CA LEU C 40 25.81 -31.28 46.49
C LEU C 40 25.99 -32.82 46.65
N LYS C 41 26.99 -33.41 45.98
CA LYS C 41 27.29 -34.86 46.17
C LYS C 41 28.20 -35.01 47.40
N GLY C 42 28.61 -33.88 47.97
CA GLY C 42 29.54 -33.92 49.07
C GLY C 42 30.94 -34.39 48.65
N ASP C 43 31.24 -34.35 47.34
CA ASP C 43 32.56 -34.77 46.80
C ASP C 43 33.68 -33.78 47.22
N ALA C 44 34.89 -34.29 47.48
CA ALA C 44 36.08 -33.52 47.93
C ALA C 44 36.61 -32.40 47.00
N GLU C 45 36.42 -32.56 45.70
CA GLU C 45 36.85 -31.61 44.67
C GLU C 45 35.98 -30.34 44.60
N ALA C 46 34.93 -30.30 45.40
CA ALA C 46 34.02 -29.18 45.37
C ALA C 46 34.67 -27.83 45.73
N ARG C 47 35.77 -27.88 46.47
CA ARG C 47 36.45 -26.68 46.94
C ARG C 47 37.28 -25.88 45.94
N ARG C 48 38.03 -26.58 45.12
CA ARG C 48 38.85 -25.95 44.12
C ARG C 48 38.02 -25.64 42.86
N TYR C 49 36.93 -26.38 42.63
CA TYR C 49 36.10 -26.02 41.47
C TYR C 49 35.40 -24.68 41.78
N THR C 50 35.18 -24.41 43.06
CA THR C 50 34.57 -23.18 43.48
C THR C 50 35.58 -22.00 43.30
N LEU C 51 36.86 -22.25 43.60
CA LEU C 51 37.88 -21.20 43.41
C LEU C 51 37.90 -20.71 41.94
N TYR C 52 37.91 -21.68 41.01
CA TYR C 52 37.91 -21.53 39.53
C TYR C 52 36.69 -20.80 38.94
N ALA C 53 35.51 -21.18 39.41
CA ALA C 53 34.27 -20.54 38.97
C ALA C 53 34.33 -19.08 39.45
N LEU C 54 34.98 -18.84 40.60
CA LEU C 54 35.14 -17.47 41.12
C LEU C 54 36.15 -16.68 40.22
N MET C 55 37.21 -17.36 39.79
CA MET C 55 38.25 -16.75 38.98
C MET C 55 37.77 -16.37 37.58
N LEU C 56 37.03 -17.30 36.97
CA LEU C 56 36.45 -17.12 35.64
C LEU C 56 35.32 -16.07 35.72
N ILE C 57 34.67 -15.94 36.88
CA ILE C 57 33.62 -14.92 37.04
C ILE C 57 34.32 -13.54 37.13
N ALA C 58 35.44 -13.49 37.85
CA ALA C 58 36.22 -12.26 37.98
C ALA C 58 36.83 -11.86 36.61
N LEU C 59 37.45 -12.80 35.91
CA LEU C 59 38.03 -12.58 34.59
C LEU C 59 36.94 -12.13 33.59
N ASP C 60 35.72 -12.64 33.70
CA ASP C 60 34.65 -12.21 32.79
C ASP C 60 34.08 -10.82 33.13
N LEU C 61 33.91 -10.49 34.41
CA LEU C 61 33.44 -9.13 34.74
C LEU C 61 34.56 -8.11 34.37
N PHE C 62 35.84 -8.47 34.56
CA PHE C 62 36.94 -7.57 34.20
C PHE C 62 36.95 -7.27 32.68
N ILE C 63 36.79 -8.26 31.80
CA ILE C 63 36.77 -7.92 30.39
C ILE C 63 35.40 -7.32 29.87
N LEU C 64 34.32 -7.45 30.65
CA LEU C 64 33.00 -6.83 30.31
C LEU C 64 33.14 -5.30 30.56
N TRP C 65 33.95 -4.96 31.55
CA TRP C 65 34.21 -3.59 31.95
C TRP C 65 35.38 -2.94 31.13
N ALA C 66 36.46 -3.69 30.87
CA ALA C 66 37.60 -3.21 30.11
C ALA C 66 37.33 -3.02 28.61
N GLU C 67 36.18 -3.48 28.16
CA GLU C 67 35.78 -3.38 26.75
C GLU C 67 34.59 -2.43 26.56
N SER C 68 34.08 -1.88 27.66
CA SER C 68 32.96 -0.94 27.61
C SER C 68 33.36 0.49 27.27
N PRO C 69 32.72 1.09 26.25
CA PRO C 69 33.02 2.47 25.86
C PRO C 69 32.79 3.43 27.07
N ALA C 70 32.02 2.99 28.05
CA ALA C 70 31.74 3.78 29.25
C ALA C 70 32.52 3.25 30.47
N ARG C 71 33.68 2.65 30.19
CA ARG C 71 34.56 2.08 31.21
C ARG C 71 35.05 3.15 32.24
N PHE C 72 35.27 4.39 31.82
CA PHE C 72 35.73 5.44 32.75
C PHE C 72 34.63 6.45 33.17
N ARG C 73 33.41 6.25 32.69
CA ARG C 73 32.28 7.10 33.07
C ARG C 73 31.58 6.57 34.35
N PHE C 74 31.98 5.38 34.76
CA PHE C 74 31.47 4.66 35.93
C PHE C 74 29.96 4.74 36.09
N THR C 75 29.26 4.12 35.16
CA THR C 75 27.80 4.04 35.15
C THR C 75 27.26 2.59 35.41
N HIS C 76 28.14 1.56 35.46
CA HIS C 76 27.68 0.20 35.72
C HIS C 76 27.00 0.04 37.08
N ILE C 77 27.19 1.02 37.93
CA ILE C 77 26.54 0.95 39.22
C ILE C 77 24.99 0.85 39.02
N TRP C 78 24.43 1.42 37.94
CA TRP C 78 22.96 1.37 37.66
C TRP C 78 22.41 0.00 37.34
N LEU C 79 23.31 -0.90 36.97
CA LEU C 79 23.01 -2.30 36.69
C LEU C 79 22.41 -2.93 37.99
N PHE C 80 22.92 -2.44 39.11
CA PHE C 80 22.61 -2.90 40.47
C PHE C 80 21.69 -2.07 41.35
N LEU C 81 21.24 -0.92 40.86
CA LEU C 81 20.33 -0.08 41.62
C LEU C 81 18.93 -0.03 40.96
N SER C 82 18.63 -0.95 40.06
CA SER C 82 17.32 -0.95 39.42
C SER C 82 16.82 -2.37 39.14
N PHE C 83 15.57 -2.45 38.71
CA PHE C 83 14.89 -3.71 38.42
C PHE C 83 14.43 -3.79 36.94
N HIS C 84 15.14 -4.55 36.08
CA HIS C 84 14.77 -4.72 34.69
C HIS C 84 14.67 -6.20 34.31
N PRO C 85 13.58 -6.87 34.78
CA PRO C 85 13.29 -8.29 34.54
C PRO C 85 13.14 -8.75 33.06
N THR C 86 12.82 -7.81 32.18
CA THR C 86 12.63 -8.06 30.74
C THR C 86 13.95 -8.06 29.95
N SER C 87 15.04 -7.69 30.60
CA SER C 87 16.35 -7.58 29.95
C SER C 87 17.41 -8.71 30.18
N PRO C 88 17.72 -9.57 29.16
CA PRO C 88 18.76 -10.55 29.45
C PRO C 88 20.06 -10.13 30.12
N ILE C 89 20.60 -9.00 29.70
CA ILE C 89 21.87 -8.50 30.27
C ILE C 89 21.71 -8.12 31.74
N TRP C 90 20.50 -7.74 32.14
CA TRP C 90 20.25 -7.42 33.54
C TRP C 90 20.28 -8.77 34.33
N TRP C 91 19.59 -9.79 33.82
CA TRP C 91 19.60 -11.12 34.45
C TRP C 91 21.07 -11.57 34.59
N GLY C 92 21.83 -11.51 33.49
CA GLY C 92 23.23 -11.90 33.53
C GLY C 92 24.13 -11.23 34.56
N ALA C 93 23.88 -9.94 34.83
CA ALA C 93 24.66 -9.17 35.81
C ALA C 93 24.39 -9.63 37.24
N TRP C 94 23.13 -9.91 37.54
CA TRP C 94 22.73 -10.39 38.86
C TRP C 94 23.08 -11.89 39.13
N GLY C 95 23.01 -12.78 38.13
CA GLY C 95 23.36 -14.18 38.30
C GLY C 95 24.83 -14.45 38.64
N LEU C 96 25.71 -13.87 37.83
CA LEU C 96 27.19 -13.93 37.98
C LEU C 96 27.56 -13.25 39.34
N GLY C 97 27.19 -11.97 39.48
CA GLY C 97 27.41 -11.18 40.69
C GLY C 97 27.07 -11.90 42.00
N LEU C 98 25.80 -12.27 42.19
CA LEU C 98 25.32 -13.03 43.36
C LEU C 98 25.96 -14.44 43.39
N GLY C 99 26.21 -15.03 42.22
CA GLY C 99 26.86 -16.33 42.14
C GLY C 99 28.31 -16.28 42.62
N PHE C 100 28.90 -15.09 42.59
CA PHE C 100 30.29 -14.84 43.02
C PHE C 100 30.35 -14.60 44.56
N LEU C 101 29.27 -14.08 45.14
CA LEU C 101 29.17 -13.91 46.61
C LEU C 101 28.88 -15.30 47.19
N THR C 102 27.83 -15.94 46.67
CA THR C 102 27.41 -17.30 47.09
C THR C 102 28.62 -18.25 47.07
N GLY C 103 29.41 -18.22 45.99
CA GLY C 103 30.61 -19.03 45.89
C GLY C 103 31.79 -18.48 46.71
N GLY C 104 31.67 -17.23 47.15
CA GLY C 104 32.68 -16.62 47.98
C GLY C 104 32.56 -17.18 49.41
N LEU C 105 31.33 -17.21 49.94
CA LEU C 105 31.07 -17.74 51.29
C LEU C 105 31.35 -19.27 51.41
N LEU C 106 31.10 -20.00 50.33
CA LEU C 106 31.35 -21.44 50.23
C LEU C 106 32.85 -21.72 50.43
N TYR C 107 33.67 -20.87 49.83
CA TYR C 107 35.11 -20.95 49.92
C TYR C 107 35.64 -20.62 51.34
N LEU C 108 34.97 -19.68 52.01
CA LEU C 108 35.28 -19.21 53.36
C LEU C 108 34.48 -19.86 54.48
N GLY C 109 33.78 -20.96 54.18
CA GLY C 109 32.95 -21.60 55.17
C GLY C 109 32.29 -20.67 56.16
N LYS C 110 31.43 -19.77 55.67
CA LYS C 110 30.67 -18.76 56.46
C LYS C 110 29.20 -18.57 55.86
N GLY C 111 28.17 -18.22 56.66
CA GLY C 111 26.82 -18.07 56.10
C GLY C 111 26.04 -19.29 55.56
N SER C 112 26.20 -20.47 56.18
CA SER C 112 25.58 -21.80 55.82
C SER C 112 26.35 -22.72 54.76
N GLN C 113 25.76 -23.78 54.16
CA GLN C 113 26.45 -24.72 53.18
C GLN C 113 25.85 -25.72 52.14
N ARG C 114 24.52 -25.86 52.12
CA ARG C 114 23.84 -26.77 51.19
C ARG C 114 22.87 -25.73 50.59
N ALA C 115 22.37 -24.87 51.49
CA ALA C 115 21.44 -23.75 51.21
C ALA C 115 22.17 -22.65 50.40
N LEU C 116 23.50 -22.76 50.41
CA LEU C 116 24.42 -21.91 49.64
C LEU C 116 24.77 -22.73 48.36
N ALA C 117 24.80 -24.07 48.42
CA ALA C 117 25.09 -24.87 47.22
C ALA C 117 23.90 -24.95 46.22
N TRP C 118 22.66 -24.80 46.71
CA TRP C 118 21.44 -24.81 45.87
C TRP C 118 21.32 -23.41 45.23
N ALA C 119 21.71 -22.39 45.99
CA ALA C 119 21.74 -21.01 45.50
C ALA C 119 22.75 -20.96 44.33
N LEU C 120 23.98 -21.44 44.55
CA LEU C 120 24.98 -21.46 43.47
C LEU C 120 24.38 -22.23 42.32
N LEU C 121 23.58 -23.26 42.60
CA LEU C 121 22.97 -23.98 41.48
C LEU C 121 22.02 -23.09 40.67
N VAL C 122 21.15 -22.33 41.33
CA VAL C 122 20.19 -21.48 40.62
C VAL C 122 20.81 -20.27 39.90
N PHE C 123 21.84 -19.66 40.48
CA PHE C 123 22.53 -18.50 39.87
C PHE C 123 23.39 -18.91 38.69
N SER C 124 23.87 -20.16 38.72
CA SER C 124 24.69 -20.66 37.62
C SER C 124 23.74 -21.08 36.47
N LEU C 125 22.45 -21.25 36.73
CA LEU C 125 21.52 -21.60 35.64
C LEU C 125 21.07 -20.27 34.96
N VAL C 126 20.99 -19.20 35.74
CA VAL C 126 20.67 -17.86 35.22
C VAL C 126 21.85 -17.44 34.27
N ALA C 127 23.10 -17.53 34.73
CA ALA C 127 24.31 -17.20 33.93
C ALA C 127 24.58 -18.04 32.65
N LEU C 128 24.09 -19.28 32.62
CA LEU C 128 24.21 -20.24 31.48
C LEU C 128 23.12 -19.97 30.43
N SER C 129 22.04 -19.39 30.91
CA SER C 129 20.84 -19.08 30.14
C SER C 129 20.75 -17.68 29.50
N TYR C 130 21.35 -16.67 30.09
CA TYR C 130 21.23 -15.32 29.58
C TYR C 130 21.90 -14.97 28.21
N PRO C 131 23.07 -15.58 27.88
CA PRO C 131 23.69 -15.28 26.59
C PRO C 131 22.83 -15.62 25.33
N GLY C 132 22.30 -16.82 25.25
CA GLY C 132 21.47 -17.23 24.12
C GLY C 132 20.22 -16.36 24.00
N LEU C 133 19.71 -15.90 25.14
CA LEU C 133 18.53 -15.01 25.14
C LEU C 133 18.93 -13.54 24.82
N ALA C 134 20.19 -13.14 25.08
CA ALA C 134 20.65 -11.78 24.74
C ALA C 134 20.64 -11.65 23.20
N LEU C 135 20.86 -12.78 22.53
CA LEU C 135 20.81 -12.88 21.06
C LEU C 135 19.35 -13.02 20.55
N ALA C 136 18.73 -14.12 20.94
CA ALA C 136 17.36 -14.56 20.59
C ALA C 136 16.13 -13.65 20.75
N VAL C 137 16.22 -12.65 21.62
CA VAL C 137 15.12 -11.68 21.83
C VAL C 137 15.01 -10.65 20.69
N ASN C 138 16.07 -10.56 19.89
CA ASN C 138 16.16 -9.63 18.73
C ASN C 138 15.59 -10.33 17.52
N LEU C 139 14.27 -10.33 17.46
CA LEU C 139 13.52 -10.95 16.39
C LEU C 139 13.67 -10.26 15.01
N ASN C 140 14.40 -9.15 14.96
CA ASN C 140 14.67 -8.40 13.73
C ASN C 140 15.91 -8.97 13.00
N ARG C 141 16.77 -9.64 13.78
CA ARG C 141 18.00 -10.29 13.27
C ARG C 141 17.64 -11.74 12.87
N PRO C 142 17.44 -12.04 11.56
CA PRO C 142 17.12 -13.42 11.16
C PRO C 142 18.00 -14.64 11.61
N LEU C 143 19.29 -14.45 11.87
CA LEU C 143 20.14 -15.59 12.27
C LEU C 143 20.00 -15.94 13.76
N TRP C 144 19.62 -14.96 14.60
CA TRP C 144 19.46 -15.21 16.03
C TRP C 144 18.10 -15.73 16.41
N ASN C 145 17.74 -16.88 15.86
CA ASN C 145 16.43 -17.44 16.14
C ASN C 145 16.41 -18.24 17.46
N GLY C 146 15.25 -18.85 17.74
CA GLY C 146 15.05 -19.64 18.94
C GLY C 146 16.13 -20.64 19.34
N LEU C 147 16.74 -21.33 18.39
CA LEU C 147 17.82 -22.31 18.66
C LEU C 147 19.02 -21.74 19.48
N MET C 148 19.20 -20.41 19.43
CA MET C 148 20.28 -19.71 20.14
C MET C 148 20.08 -19.93 21.65
N ALA C 149 18.83 -20.09 22.06
CA ALA C 149 18.49 -20.36 23.45
C ALA C 149 18.82 -21.85 23.78
N GLY C 150 19.07 -22.67 22.76
CA GLY C 150 19.43 -24.06 22.95
C GLY C 150 20.92 -24.29 22.75
N LEU C 151 21.48 -23.66 21.71
CA LEU C 151 22.89 -23.74 21.38
C LEU C 151 23.81 -23.09 22.43
N PHE C 152 23.40 -21.97 23.03
CA PHE C 152 24.29 -21.38 23.99
C PHE C 152 24.44 -22.14 25.34
N PRO C 153 23.33 -22.63 25.96
CA PRO C 153 23.46 -23.40 27.21
C PRO C 153 24.29 -24.73 27.05
N LEU C 154 24.00 -25.52 26.00
CA LEU C 154 24.71 -26.78 25.74
C LEU C 154 26.20 -26.58 25.44
N THR C 155 26.54 -25.46 24.81
CA THR C 155 27.91 -25.18 24.45
C THR C 155 28.78 -24.70 25.62
N ALA C 156 28.14 -24.04 26.59
CA ALA C 156 28.81 -23.56 27.80
C ALA C 156 29.20 -24.78 28.68
N LEU C 157 28.43 -25.87 28.54
CA LEU C 157 28.68 -27.12 29.24
C LEU C 157 29.86 -27.89 28.60
N VAL C 158 29.93 -27.93 27.27
CA VAL C 158 31.06 -28.56 26.61
C VAL C 158 32.39 -27.82 27.03
N LEU C 159 32.35 -26.51 27.23
CA LEU C 159 33.53 -25.73 27.68
C LEU C 159 33.96 -26.09 29.12
N ALA C 160 33.01 -26.10 30.06
CA ALA C 160 33.33 -26.44 31.44
C ALA C 160 33.86 -27.90 31.62
N LEU C 161 33.15 -28.87 31.03
CA LEU C 161 33.53 -30.29 31.12
C LEU C 161 34.83 -30.62 30.36
N GLY C 162 35.08 -29.88 29.27
CA GLY C 162 36.29 -30.02 28.49
C GLY C 162 37.52 -29.58 29.30
N LEU C 163 37.33 -28.54 30.12
CA LEU C 163 38.34 -27.96 31.03
C LEU C 163 38.60 -28.96 32.21
N ALA C 164 37.51 -29.42 32.83
CA ALA C 164 37.53 -30.40 33.93
C ALA C 164 38.32 -31.66 33.55
N ALA C 165 38.17 -32.11 32.29
CA ALA C 165 38.87 -33.31 31.78
C ALA C 165 40.37 -33.08 31.48
N LEU C 166 40.77 -31.83 31.21
CA LEU C 166 42.18 -31.50 30.97
C LEU C 166 42.89 -31.51 32.36
N LEU C 167 42.16 -31.05 33.39
CA LEU C 167 42.61 -31.03 34.79
C LEU C 167 42.52 -32.48 35.39
N LYS C 168 42.28 -33.46 34.52
CA LYS C 168 42.20 -34.89 34.84
C LYS C 168 41.11 -35.41 35.81
N SER C 169 40.01 -34.66 35.99
CA SER C 169 38.91 -35.13 36.85
C SER C 169 38.31 -36.33 36.05
N PRO C 170 38.20 -37.55 36.68
CA PRO C 170 37.65 -38.79 36.10
C PRO C 170 36.17 -38.83 35.57
N TRP C 171 35.29 -38.13 36.29
CA TRP C 171 33.83 -37.93 36.03
C TRP C 171 33.69 -36.66 35.13
N ALA C 172 33.44 -36.77 33.83
CA ALA C 172 33.36 -35.58 32.97
C ALA C 172 33.68 -36.01 31.52
N LEU C 173 34.62 -36.93 31.33
CA LEU C 173 34.93 -37.39 29.94
C LEU C 173 33.78 -38.20 29.31
N PHE C 174 32.83 -38.67 30.12
CA PHE C 174 31.63 -39.36 29.56
C PHE C 174 30.55 -38.25 29.36
N PRO C 175 30.25 -37.42 30.40
CA PRO C 175 29.25 -36.36 30.18
C PRO C 175 29.73 -35.40 29.04
N LEU C 176 31.03 -35.17 28.94
CA LEU C 176 31.57 -34.30 27.86
C LEU C 176 31.21 -34.87 26.45
N ARG C 177 31.21 -36.19 26.27
CA ARG C 177 30.87 -36.82 24.97
C ARG C 177 29.34 -36.81 24.64
N VAL C 178 28.52 -36.94 25.67
CA VAL C 178 27.04 -36.91 25.56
C VAL C 178 26.63 -35.46 25.17
N LEU C 179 27.04 -34.49 25.97
CA LEU C 179 26.75 -33.06 25.71
C LEU C 179 27.39 -32.48 24.43
N ALA C 180 28.51 -33.04 24.00
CA ALA C 180 29.18 -32.60 22.77
C ALA C 180 28.45 -33.20 21.54
N GLY C 181 27.84 -34.38 21.73
CA GLY C 181 27.06 -35.03 20.68
C GLY C 181 25.75 -34.26 20.46
N ALA C 182 25.14 -33.80 21.55
CA ALA C 182 23.92 -33.00 21.52
C ALA C 182 24.19 -31.66 20.79
N SER C 183 25.18 -30.90 21.28
CA SER C 183 25.61 -29.62 20.69
C SER C 183 25.93 -29.74 19.18
N LEU C 184 26.66 -30.77 18.78
CA LEU C 184 27.00 -30.89 17.36
C LEU C 184 25.81 -31.33 16.51
N LEU C 185 24.86 -32.06 17.08
CA LEU C 185 23.70 -32.44 16.29
C LEU C 185 22.84 -31.17 16.04
N LEU C 186 22.51 -30.41 17.10
CA LEU C 186 21.72 -29.16 16.98
C LEU C 186 22.45 -28.09 16.06
N ALA C 187 23.77 -28.04 16.12
CA ALA C 187 24.58 -27.10 15.31
C ALA C 187 24.53 -27.44 13.81
N LEU C 188 24.41 -28.73 13.50
CA LEU C 188 24.31 -29.24 12.13
C LEU C 188 22.89 -29.00 11.55
N LEU C 189 21.86 -29.06 12.40
CA LEU C 189 20.48 -28.82 11.96
C LEU C 189 20.12 -27.32 12.02
N TYR C 190 20.99 -26.50 12.60
CA TYR C 190 20.75 -25.08 12.70
C TYR C 190 20.44 -24.35 11.36
N PRO C 191 21.36 -24.44 10.34
CA PRO C 191 21.13 -23.80 9.03
C PRO C 191 19.81 -24.17 8.31
N LEU C 192 19.34 -25.38 8.58
CA LEU C 192 18.12 -25.95 7.97
C LEU C 192 16.83 -25.39 8.59
N THR C 193 17.04 -24.63 9.66
CA THR C 193 15.99 -23.99 10.44
C THR C 193 15.81 -22.52 10.00
N LEU C 194 16.59 -22.06 9.03
CA LEU C 194 16.54 -20.67 8.58
C LEU C 194 15.83 -20.39 7.26
N PRO C 195 15.28 -19.14 7.07
CA PRO C 195 14.59 -18.85 5.81
C PRO C 195 15.78 -18.93 4.77
N PRO C 196 15.50 -19.34 3.51
CA PRO C 196 16.50 -19.44 2.44
C PRO C 196 17.63 -18.36 2.35
N GLU C 197 17.21 -17.10 2.31
CA GLU C 197 18.10 -15.92 2.22
C GLU C 197 19.07 -15.74 3.42
N ALA C 198 18.61 -16.11 4.62
CA ALA C 198 19.42 -16.07 5.85
C ALA C 198 20.43 -17.24 5.86
N ARG C 199 20.01 -18.43 5.45
CA ARG C 199 20.93 -19.58 5.37
C ARG C 199 22.03 -19.26 4.34
N GLY C 200 21.62 -18.67 3.21
CA GLY C 200 22.54 -18.26 2.16
C GLY C 200 23.47 -17.16 2.64
N HIS C 201 22.98 -16.29 3.52
CA HIS C 201 23.84 -15.24 4.09
C HIS C 201 24.87 -15.91 5.07
N LEU C 202 24.43 -16.78 5.98
CA LEU C 202 25.34 -17.52 6.90
C LEU C 202 26.41 -18.29 6.07
N LEU C 203 26.00 -19.03 5.04
CA LEU C 203 26.94 -19.79 4.20
C LEU C 203 27.97 -18.87 3.47
N GLU C 204 27.53 -17.78 2.83
CA GLU C 204 28.49 -16.86 2.19
C GLU C 204 29.53 -16.27 3.20
N GLU C 205 29.05 -15.56 4.24
CA GLU C 205 29.92 -14.90 5.24
C GLU C 205 30.75 -15.80 6.17
N ALA C 206 30.20 -16.97 6.50
CA ALA C 206 30.88 -17.95 7.34
C ALA C 206 30.72 -19.33 6.68
N GLY C 207 30.50 -20.37 7.48
CA GLY C 207 30.35 -21.73 6.99
C GLY C 207 31.68 -22.44 6.97
N PHE C 208 32.34 -22.42 5.81
CA PHE C 208 33.66 -23.02 5.73
C PHE C 208 34.39 -23.04 7.11
N TRP C 209 34.10 -22.03 7.95
CA TRP C 209 34.60 -21.92 9.34
C TRP C 209 33.70 -22.80 10.21
N TYR C 210 32.41 -22.66 9.96
CA TYR C 210 31.29 -23.41 10.59
C TYR C 210 31.51 -24.92 10.35
N GLY C 211 31.56 -25.31 9.08
CA GLY C 211 31.79 -26.69 8.68
C GLY C 211 33.08 -27.26 9.23
N LEU C 212 34.08 -26.40 9.45
CA LEU C 212 35.39 -26.80 10.03
C LEU C 212 35.23 -27.04 11.55
N PHE C 213 34.36 -26.25 12.20
CA PHE C 213 34.08 -26.39 13.63
C PHE C 213 33.21 -27.63 13.96
N LEU C 214 32.36 -28.02 13.00
CA LEU C 214 31.51 -29.22 13.06
C LEU C 214 32.47 -30.45 12.96
N LEU C 215 33.33 -30.51 11.94
CA LEU C 215 34.31 -31.61 11.83
C LEU C 215 35.18 -31.67 13.12
N LEU C 216 35.90 -30.60 13.40
CA LEU C 216 36.73 -30.50 14.61
C LEU C 216 36.13 -31.26 15.84
N GLY C 217 34.96 -30.82 16.26
CA GLY C 217 34.26 -31.38 17.39
C GLY C 217 34.02 -32.88 17.38
N LEU C 218 34.15 -33.51 16.21
CA LEU C 218 33.99 -34.97 16.04
C LEU C 218 35.17 -35.75 16.65
N GLY C 219 36.29 -35.05 16.88
CA GLY C 219 37.47 -35.60 17.49
C GLY C 219 37.29 -35.76 18.99
N THR C 220 36.13 -35.38 19.50
CA THR C 220 35.82 -35.57 20.92
C THR C 220 35.45 -37.08 21.18
N PHE C 221 35.19 -37.87 20.13
CA PHE C 221 34.83 -39.31 20.19
C PHE C 221 35.89 -40.35 19.73
N TRP C 222 37.09 -39.83 19.43
CA TRP C 222 38.32 -40.52 18.94
C TRP C 222 39.43 -40.87 19.98
N GLN C 223 40.58 -40.19 19.89
CA GLN C 223 41.74 -40.38 20.79
C GLN C 223 41.51 -39.61 22.14
N GLU C 224 41.68 -40.35 23.25
CA GLU C 224 41.54 -39.90 24.64
C GLU C 224 42.06 -38.46 24.94
N ARG C 225 43.35 -38.15 24.74
CA ARG C 225 43.79 -36.78 25.05
C ARG C 225 43.70 -35.67 23.95
N LEU C 226 43.00 -35.93 22.83
CA LEU C 226 42.69 -34.92 21.76
C LEU C 226 41.26 -34.47 22.06
N ALA C 227 40.46 -35.42 22.55
CA ALA C 227 39.05 -35.24 22.87
C ALA C 227 38.67 -33.90 23.61
N PRO C 228 39.38 -33.48 24.72
CA PRO C 228 38.98 -32.19 25.32
C PRO C 228 39.39 -30.93 24.49
N TRP C 229 40.51 -30.97 23.79
CA TRP C 229 40.94 -29.82 22.99
C TRP C 229 39.95 -29.60 21.86
N ALA C 230 39.69 -30.64 21.10
CA ALA C 230 38.75 -30.62 19.99
C ALA C 230 37.34 -30.14 20.40
N GLY C 231 36.84 -30.62 21.54
CA GLY C 231 35.55 -30.22 22.08
C GLY C 231 35.49 -28.77 22.53
N LEU C 232 36.59 -28.29 23.12
CA LEU C 232 36.77 -26.88 23.59
C LEU C 232 36.79 -25.91 22.39
N LEU C 233 37.63 -26.19 21.40
CA LEU C 233 37.75 -25.35 20.22
C LEU C 233 36.46 -25.38 19.35
N ALA C 234 35.75 -26.49 19.26
CA ALA C 234 34.52 -26.51 18.48
C ALA C 234 33.45 -25.64 19.16
N ALA C 235 33.26 -25.85 20.46
CA ALA C 235 32.28 -25.08 21.25
C ALA C 235 32.56 -23.55 21.32
N ALA C 236 33.83 -23.13 21.32
CA ALA C 236 34.20 -21.70 21.38
C ALA C 236 34.19 -21.07 19.98
N GLY C 237 34.63 -21.84 19.00
CA GLY C 237 34.57 -21.35 17.64
C GLY C 237 33.10 -21.15 17.27
N LEU C 238 32.23 -22.10 17.60
CA LEU C 238 30.82 -21.97 17.24
C LEU C 238 30.10 -20.77 17.90
N ARG C 239 30.41 -20.50 19.17
CA ARG C 239 29.86 -19.35 19.93
C ARG C 239 30.28 -17.98 19.33
N ALA C 240 31.57 -17.82 19.03
CA ALA C 240 32.08 -16.56 18.51
C ALA C 240 31.61 -16.28 17.07
N LEU C 241 31.54 -17.32 16.25
CA LEU C 241 31.09 -17.21 14.85
C LEU C 241 29.59 -16.78 14.76
N LEU C 242 28.74 -17.29 15.65
CA LEU C 242 27.33 -16.92 15.64
C LEU C 242 27.13 -15.47 16.12
N VAL C 243 28.01 -15.01 17.01
CA VAL C 243 27.94 -13.65 17.55
C VAL C 243 28.36 -12.58 16.52
N LEU C 244 29.39 -12.87 15.73
CA LEU C 244 29.87 -11.96 14.70
C LEU C 244 29.01 -12.00 13.42
N ALA C 245 28.62 -13.19 12.97
CA ALA C 245 27.83 -13.35 11.76
C ALA C 245 26.32 -13.05 11.86
N GLY C 246 25.77 -12.98 13.05
CA GLY C 246 24.35 -12.74 13.21
C GLY C 246 23.85 -11.30 13.33
N GLN C 247 24.77 -10.34 13.26
CA GLN C 247 24.49 -8.88 13.38
C GLN C 247 24.08 -8.34 12.01
N TRP C 248 22.93 -8.80 11.55
CA TRP C 248 22.42 -8.49 10.22
C TRP C 248 20.87 -8.37 10.32
N GLN C 249 20.30 -7.35 9.68
CA GLN C 249 18.84 -7.04 9.67
C GLN C 249 18.19 -7.66 8.43
N GLY C 250 19.04 -7.52 7.42
CA GLY C 250 18.84 -7.86 6.05
C GLY C 250 17.60 -8.28 5.33
N LEU C 251 17.27 -7.60 4.24
CA LEU C 251 16.14 -8.01 3.39
C LEU C 251 16.76 -8.68 2.06
N GLY C 252 15.99 -8.78 1.09
N ALA D 30 -14.99 -39.70 -13.30
CA ALA D 30 -16.04 -39.42 -12.28
C ALA D 30 -16.57 -37.95 -12.24
N PRO D 31 -15.88 -36.91 -12.84
CA PRO D 31 -16.47 -35.56 -12.76
C PRO D 31 -17.61 -35.33 -13.78
N TRP D 32 -18.71 -34.67 -13.39
CA TRP D 32 -19.81 -34.43 -14.32
C TRP D 32 -19.40 -33.92 -15.73
N TYR D 33 -18.35 -33.11 -15.83
CA TYR D 33 -17.92 -32.58 -17.14
C TYR D 33 -17.08 -33.51 -18.14
N ALA D 34 -16.54 -34.64 -17.65
CA ALA D 34 -15.82 -35.67 -18.48
C ALA D 34 -16.61 -37.00 -18.15
N GLN D 35 -17.85 -36.92 -18.67
CA GLN D 35 -19.11 -37.77 -18.67
C GLN D 35 -20.25 -37.08 -19.59
N GLU D 36 -21.41 -37.77 -19.66
CA GLU D 36 -22.68 -37.41 -20.36
C GLU D 36 -23.23 -36.05 -19.89
N VAL D 37 -23.53 -35.20 -20.85
CA VAL D 37 -24.06 -33.89 -20.55
C VAL D 37 -25.22 -33.71 -21.61
N LYS D 38 -26.24 -32.90 -21.28
CA LYS D 38 -27.38 -32.55 -22.19
C LYS D 38 -27.59 -31.10 -21.73
N SER D 39 -27.64 -30.14 -22.65
CA SER D 39 -27.75 -28.71 -22.32
C SER D 39 -28.97 -27.94 -22.84
N VAL D 40 -29.97 -27.67 -22.01
CA VAL D 40 -31.14 -26.91 -22.46
C VAL D 40 -31.11 -25.40 -22.15
N TYR D 41 -31.89 -24.61 -22.86
CA TYR D 41 -31.99 -23.19 -22.52
C TYR D 41 -33.00 -23.20 -21.37
N GLN D 42 -32.73 -22.47 -20.29
CA GLN D 42 -33.63 -22.42 -19.13
C GLN D 42 -33.96 -20.96 -18.68
N ILE D 43 -34.66 -20.83 -17.54
CA ILE D 43 -35.00 -19.55 -16.90
C ILE D 43 -34.83 -19.77 -15.39
N CYS D 44 -34.12 -18.89 -14.68
CA CYS D 44 -33.88 -19.11 -13.25
C CYS D 44 -35.11 -18.85 -12.34
N GLU D 45 -35.47 -19.80 -11.48
CA GLU D 45 -36.56 -19.61 -10.52
C GLU D 45 -35.91 -19.29 -9.14
N GLY D 46 -34.72 -18.70 -9.13
CA GLY D 46 -34.04 -18.37 -7.88
C GLY D 46 -34.72 -17.21 -7.13
N CYS D 47 -35.28 -16.27 -7.88
CA CYS D 47 -36.02 -15.16 -7.32
C CYS D 47 -36.88 -14.70 -8.51
N PHE D 48 -37.57 -13.55 -8.46
CA PHE D 48 -38.43 -13.12 -9.56
C PHE D 48 -37.82 -12.28 -10.68
N TRP D 49 -36.50 -12.20 -10.66
CA TRP D 49 -35.78 -11.48 -11.67
C TRP D 49 -35.78 -12.38 -12.94
N ARG D 50 -35.98 -13.68 -12.74
CA ARG D 50 -36.04 -14.72 -13.77
C ARG D 50 -34.94 -14.51 -14.89
N CYS D 51 -33.67 -14.59 -14.50
CA CYS D 51 -32.49 -14.46 -15.38
C CYS D 51 -32.54 -15.62 -16.39
N GLY D 52 -32.12 -15.40 -17.65
CA GLY D 52 -32.07 -16.44 -18.66
C GLY D 52 -30.81 -17.27 -18.45
N ILE D 53 -30.90 -18.59 -18.46
CA ILE D 53 -29.74 -19.43 -18.16
C ILE D 53 -29.57 -20.63 -19.10
N VAL D 54 -28.45 -21.34 -18.97
CA VAL D 54 -28.24 -22.61 -19.70
C VAL D 54 -28.10 -23.65 -18.57
N ALA D 55 -28.79 -24.78 -18.68
CA ALA D 55 -28.74 -25.85 -17.67
C ALA D 55 -27.99 -27.07 -18.28
N HIS D 56 -27.01 -27.62 -17.56
CA HIS D 56 -26.18 -28.77 -17.98
C HIS D 56 -26.44 -29.99 -17.07
N ALA D 57 -27.10 -31.01 -17.59
CA ALA D 57 -27.43 -32.23 -16.85
C ALA D 57 -26.66 -33.46 -17.36
N VAL D 58 -26.52 -34.48 -16.52
CA VAL D 58 -25.88 -35.76 -16.85
C VAL D 58 -26.91 -36.73 -16.23
N GLY D 59 -27.75 -37.32 -17.09
CA GLY D 59 -28.84 -38.17 -16.64
C GLY D 59 -29.98 -37.26 -16.17
N ASN D 60 -30.50 -37.50 -14.95
CA ASN D 60 -31.58 -36.73 -14.27
C ASN D 60 -30.99 -35.90 -13.10
N ARG D 61 -30.00 -35.07 -13.36
CA ARG D 61 -29.35 -34.26 -12.34
C ARG D 61 -28.67 -33.12 -13.10
N VAL D 62 -29.09 -31.89 -12.81
CA VAL D 62 -28.49 -30.70 -13.41
C VAL D 62 -27.31 -30.41 -12.47
N TYR D 63 -26.07 -30.43 -12.98
CA TYR D 63 -24.86 -30.18 -12.16
C TYR D 63 -24.37 -28.73 -12.13
N LYS D 64 -24.56 -27.99 -13.22
CA LYS D 64 -24.12 -26.59 -13.31
C LYS D 64 -25.16 -25.82 -14.13
N VAL D 65 -25.30 -24.53 -13.85
CA VAL D 65 -26.21 -23.66 -14.55
C VAL D 65 -25.36 -22.40 -14.91
N GLU D 66 -25.61 -21.75 -16.04
CA GLU D 66 -24.78 -20.61 -16.46
C GLU D 66 -25.59 -19.50 -17.16
N GLY D 67 -25.16 -18.25 -17.03
CA GLY D 67 -25.83 -17.17 -17.72
C GLY D 67 -25.43 -17.25 -19.19
N TYR D 68 -26.06 -16.53 -20.10
CA TYR D 68 -25.62 -16.55 -21.51
C TYR D 68 -25.72 -15.14 -22.16
N GLU D 69 -24.71 -14.71 -22.94
CA GLU D 69 -24.88 -13.38 -23.60
C GLU D 69 -25.96 -13.63 -24.61
N ALA D 70 -26.71 -12.61 -24.98
CA ALA D 70 -27.84 -12.77 -25.89
C ALA D 70 -29.09 -12.85 -25.00
N ASN D 71 -28.87 -12.90 -23.68
CA ASN D 71 -29.98 -12.79 -22.76
C ASN D 71 -29.69 -11.44 -22.05
N PRO D 72 -30.52 -10.40 -22.30
CA PRO D 72 -30.31 -9.09 -21.66
C PRO D 72 -30.26 -9.04 -20.11
N LYS D 73 -30.72 -10.09 -19.45
CA LYS D 73 -30.73 -10.13 -17.98
C LYS D 73 -29.45 -10.75 -17.41
N SER D 74 -29.08 -11.96 -17.81
CA SER D 74 -27.83 -12.51 -17.29
C SER D 74 -26.49 -12.15 -18.03
N ARG D 75 -26.54 -11.83 -19.33
CA ARG D 75 -25.36 -11.51 -20.21
C ARG D 75 -24.05 -12.23 -19.84
N GLY D 76 -24.11 -13.55 -19.68
CA GLY D 76 -22.98 -14.38 -19.32
C GLY D 76 -22.68 -14.62 -17.83
N ARG D 77 -23.21 -13.74 -16.98
CA ARG D 77 -22.99 -13.78 -15.53
C ARG D 77 -24.20 -14.32 -14.71
N LEU D 78 -23.99 -14.64 -13.43
CA LEU D 78 -25.06 -15.15 -12.58
C LEU D 78 -24.81 -14.77 -11.12
N CYS D 79 -25.84 -14.69 -10.29
CA CYS D 79 -25.58 -14.36 -8.89
C CYS D 79 -25.37 -15.67 -8.08
N PRO D 80 -25.01 -15.58 -6.76
CA PRO D 80 -24.80 -16.79 -5.94
C PRO D 80 -26.00 -17.78 -5.84
N ARG D 81 -27.20 -17.22 -5.65
CA ARG D 81 -28.46 -17.95 -5.54
C ARG D 81 -28.83 -18.69 -6.85
N GLY D 82 -28.56 -18.07 -7.99
CA GLY D 82 -28.81 -18.73 -9.25
C GLY D 82 -27.92 -19.96 -9.41
N GLN D 83 -26.66 -19.86 -8.97
CA GLN D 83 -25.70 -20.97 -9.07
C GLN D 83 -26.06 -22.14 -8.15
N GLY D 84 -26.60 -21.83 -6.98
CA GLY D 84 -26.99 -22.82 -6.00
C GLY D 84 -28.44 -23.29 -6.03
N ALA D 85 -29.28 -22.55 -6.76
CA ALA D 85 -30.73 -22.85 -6.91
C ALA D 85 -31.01 -24.31 -7.30
N PRO D 86 -30.18 -24.91 -8.18
CA PRO D 86 -30.47 -26.32 -8.53
C PRO D 86 -30.62 -27.35 -7.35
N GLN D 87 -29.98 -27.11 -6.21
CA GLN D 87 -30.02 -28.07 -5.11
C GLN D 87 -31.41 -28.52 -4.64
N THR D 88 -32.40 -27.63 -4.62
CA THR D 88 -33.74 -28.03 -4.15
C THR D 88 -34.30 -29.29 -4.86
N THR D 89 -34.04 -29.43 -6.15
CA THR D 89 -34.45 -30.61 -6.89
C THR D 89 -33.81 -31.93 -6.30
N TYR D 90 -32.58 -31.83 -5.83
CA TYR D 90 -31.82 -32.94 -5.25
C TYR D 90 -31.73 -32.83 -3.73
N ASP D 91 -32.79 -32.29 -3.14
CA ASP D 91 -32.88 -32.16 -1.67
C ASP D 91 -33.56 -33.45 -1.15
N PRO D 92 -33.02 -34.13 -0.09
CA PRO D 92 -33.81 -35.30 0.33
C PRO D 92 -35.10 -34.50 0.75
N ASP D 93 -35.39 -34.29 2.03
CA ASP D 93 -36.54 -33.45 2.46
C ASP D 93 -37.61 -32.83 1.45
N ARG D 94 -37.33 -32.67 0.15
CA ARG D 94 -38.32 -32.13 -0.82
C ARG D 94 -39.66 -32.95 -0.88
N LEU D 95 -40.77 -32.35 -1.31
CA LEU D 95 -42.08 -33.05 -1.41
C LEU D 95 -42.15 -33.99 -2.60
N LYS D 96 -42.64 -35.21 -2.36
CA LYS D 96 -42.69 -36.28 -3.36
C LYS D 96 -43.99 -36.81 -4.03
N ARG D 97 -45.07 -36.89 -3.25
CA ARG D 97 -46.38 -37.41 -3.66
C ARG D 97 -47.53 -36.57 -3.05
N PRO D 98 -48.74 -36.54 -3.65
CA PRO D 98 -49.81 -35.75 -3.02
C PRO D 98 -50.09 -36.29 -1.58
N LEU D 99 -50.67 -35.48 -0.69
CA LEU D 99 -51.02 -35.87 0.70
C LEU D 99 -52.38 -35.31 1.17
N ILE D 100 -53.16 -36.08 1.92
CA ILE D 100 -54.45 -35.58 2.41
C ILE D 100 -54.49 -35.66 3.94
N ARG D 101 -54.92 -34.57 4.56
CA ARG D 101 -55.03 -34.49 5.99
C ARG D 101 -55.90 -35.65 6.48
N VAL D 102 -55.45 -36.34 7.53
CA VAL D 102 -56.16 -37.47 8.16
C VAL D 102 -57.48 -36.95 8.79
N GLU D 103 -58.65 -37.43 8.33
CA GLU D 103 -59.92 -36.92 8.89
C GLU D 103 -59.97 -37.07 10.42
N GLY D 104 -60.50 -36.03 11.06
CA GLY D 104 -60.58 -36.01 12.52
C GLY D 104 -59.41 -35.27 13.16
N SER D 105 -58.29 -35.13 12.45
CA SER D 105 -57.16 -34.41 13.04
C SER D 105 -57.14 -32.91 12.70
N GLN D 106 -56.69 -32.20 13.72
CA GLN D 106 -56.53 -30.76 13.85
C GLN D 106 -55.47 -30.17 12.85
N ARG D 107 -55.81 -29.07 12.16
CA ARG D 107 -54.90 -28.41 11.18
C ARG D 107 -53.48 -28.19 11.76
N GLY D 108 -53.34 -27.65 12.96
CA GLY D 108 -52.00 -27.58 13.53
C GLY D 108 -51.19 -28.89 13.32
N GLU D 109 -51.53 -29.99 14.04
CA GLU D 109 -50.93 -31.38 14.00
C GLU D 109 -50.38 -31.78 12.63
N GLY D 110 -49.54 -32.78 12.52
CA GLY D 110 -48.99 -33.10 11.21
C GLY D 110 -49.35 -34.39 10.53
N LYS D 111 -50.56 -34.88 10.78
CA LYS D 111 -51.01 -36.16 10.25
C LYS D 111 -51.68 -36.10 8.88
N TYR D 112 -51.00 -36.74 7.94
CA TYR D 112 -51.35 -36.83 6.52
C TYR D 112 -51.30 -38.29 6.04
N ARG D 113 -51.95 -38.58 4.92
CA ARG D 113 -51.90 -39.91 4.32
C ARG D 113 -51.66 -39.73 2.82
N VAL D 114 -50.83 -40.60 2.23
CA VAL D 114 -50.57 -40.40 0.81
C VAL D 114 -51.76 -40.77 -0.09
N ALA D 115 -52.05 -39.84 -0.98
CA ALA D 115 -53.14 -39.90 -1.92
C ALA D 115 -52.63 -40.04 -3.34
N THR D 116 -53.59 -40.18 -4.23
CA THR D 116 -53.33 -40.37 -5.64
C THR D 116 -53.51 -38.98 -6.27
N TRP D 117 -52.92 -38.70 -7.42
CA TRP D 117 -53.13 -37.37 -8.00
C TRP D 117 -54.63 -37.18 -8.26
N GLU D 118 -55.27 -38.28 -8.64
CA GLU D 118 -56.70 -38.34 -8.95
C GLU D 118 -57.59 -38.16 -7.71
N GLU D 119 -57.26 -38.86 -6.64
CA GLU D 119 -58.06 -38.77 -5.44
C GLU D 119 -57.93 -37.35 -4.82
N ALA D 120 -56.73 -36.76 -4.84
CA ALA D 120 -56.49 -35.40 -4.34
C ALA D 120 -57.23 -34.31 -5.15
N LEU D 121 -57.16 -34.38 -6.47
CA LEU D 121 -57.84 -33.41 -7.32
C LEU D 121 -59.40 -33.46 -7.17
N ASP D 122 -59.96 -34.65 -6.92
CA ASP D 122 -61.42 -34.84 -6.73
C ASP D 122 -61.87 -34.32 -5.36
N HIS D 123 -61.06 -34.60 -4.35
CA HIS D 123 -61.32 -34.13 -2.99
C HIS D 123 -61.41 -32.57 -2.96
N ILE D 124 -60.50 -31.89 -3.67
CA ILE D 124 -60.41 -30.41 -3.78
C ILE D 124 -61.61 -29.81 -4.58
N ALA D 125 -61.90 -30.39 -5.75
CA ALA D 125 -63.02 -29.93 -6.58
C ALA D 125 -64.39 -30.14 -5.86
N LYS D 126 -64.47 -31.19 -5.03
CA LYS D 126 -65.68 -31.50 -4.24
C LYS D 126 -65.94 -30.34 -3.22
N LYS D 127 -64.97 -30.10 -2.35
CA LYS D 127 -64.99 -29.01 -1.34
C LYS D 127 -65.20 -27.56 -1.87
N MET D 128 -64.60 -27.27 -3.04
CA MET D 128 -64.70 -25.97 -3.71
C MET D 128 -66.14 -25.73 -4.22
N LEU D 129 -66.73 -26.75 -4.86
CA LEU D 129 -68.12 -26.63 -5.34
C LEU D 129 -69.12 -26.53 -4.14
N GLU D 130 -68.90 -27.26 -3.04
CA GLU D 130 -69.74 -27.13 -1.84
C GLU D 130 -69.82 -25.61 -1.45
N ILE D 131 -68.65 -25.00 -1.23
CA ILE D 131 -68.47 -23.54 -0.91
C ILE D 131 -69.11 -22.64 -2.01
N ARG D 132 -68.92 -22.98 -3.28
CA ARG D 132 -69.53 -22.20 -4.37
C ARG D 132 -71.06 -22.25 -4.28
N GLU D 133 -71.62 -23.45 -4.15
CA GLU D 133 -73.08 -23.59 -4.11
C GLU D 133 -73.73 -23.22 -2.74
N LYS D 134 -72.94 -22.71 -1.77
CA LYS D 134 -73.43 -22.25 -0.42
C LYS D 134 -73.13 -20.76 -0.08
N TYR D 135 -72.02 -20.25 -0.60
CA TYR D 135 -71.50 -18.89 -0.39
C TYR D 135 -71.18 -18.06 -1.67
N GLY D 136 -70.97 -18.72 -2.80
CA GLY D 136 -70.58 -18.04 -4.00
C GLY D 136 -69.08 -18.26 -4.28
N PRO D 137 -68.57 -18.02 -5.52
CA PRO D 137 -67.15 -18.21 -5.85
C PRO D 137 -66.14 -17.32 -5.04
N GLU D 138 -66.49 -16.04 -4.89
CA GLU D 138 -65.76 -15.01 -4.15
C GLU D 138 -65.39 -15.40 -2.72
N ALA D 139 -65.89 -16.54 -2.26
CA ALA D 139 -65.55 -16.99 -0.92
C ALA D 139 -64.29 -17.88 -0.94
N ILE D 140 -63.66 -18.05 -2.10
CA ILE D 140 -62.35 -18.74 -2.13
C ILE D 140 -61.28 -17.71 -2.53
N ALA D 141 -60.24 -17.61 -1.69
CA ALA D 141 -59.12 -16.69 -1.90
C ALA D 141 -57.92 -17.46 -2.47
N PHE D 142 -57.25 -16.81 -3.40
CA PHE D 142 -56.08 -17.34 -4.12
C PHE D 142 -54.77 -16.50 -3.88
N PHE D 143 -53.87 -16.99 -3.04
CA PHE D 143 -52.60 -16.31 -2.75
C PHE D 143 -51.48 -17.00 -3.51
N GLY D 144 -50.64 -16.24 -4.20
CA GLY D 144 -49.54 -16.83 -4.92
C GLY D 144 -48.33 -15.99 -5.28
N HIS D 145 -47.25 -16.68 -5.64
CA HIS D 145 -46.00 -16.06 -6.04
C HIS D 145 -45.24 -17.03 -7.00
N GLY D 146 -44.28 -16.54 -7.79
CA GLY D 146 -43.55 -17.40 -8.72
C GLY D 146 -44.05 -17.36 -10.18
N THR D 147 -43.37 -17.99 -11.12
CA THR D 147 -43.80 -18.00 -12.51
C THR D 147 -45.19 -18.64 -12.72
N GLY D 148 -45.43 -19.71 -11.97
CA GLY D 148 -46.67 -20.45 -12.01
C GLY D 148 -47.89 -19.70 -11.51
N ASP D 149 -47.66 -18.58 -10.83
CA ASP D 149 -48.75 -17.72 -10.31
C ASP D 149 -49.57 -17.06 -11.42
N TYR D 150 -49.20 -17.26 -12.68
CA TYR D 150 -50.03 -16.77 -13.76
C TYR D 150 -51.28 -17.69 -13.71
N TRP D 151 -51.08 -19.00 -13.50
CA TRP D 151 -52.20 -19.95 -13.39
C TRP D 151 -52.98 -19.78 -12.07
N PHE D 152 -52.32 -19.88 -10.93
CA PHE D 152 -53.02 -19.78 -9.65
C PHE D 152 -53.38 -18.41 -9.03
N VAL D 153 -53.06 -17.31 -9.70
CA VAL D 153 -53.45 -15.99 -9.23
C VAL D 153 -54.11 -15.12 -10.32
N ASP D 154 -53.58 -15.07 -11.53
CA ASP D 154 -54.14 -14.20 -12.58
C ASP D 154 -55.18 -14.69 -13.58
N PHE D 155 -55.36 -16.00 -13.67
CA PHE D 155 -56.21 -16.54 -14.72
C PHE D 155 -57.30 -17.45 -14.15
N LEU D 156 -56.86 -18.52 -13.46
CA LEU D 156 -57.72 -19.51 -12.85
C LEU D 156 -58.74 -18.93 -11.84
N PRO D 157 -58.32 -17.95 -10.98
CA PRO D 157 -59.33 -17.39 -10.04
C PRO D 157 -60.33 -16.47 -10.82
N ALA D 158 -59.92 -15.95 -11.97
CA ALA D 158 -60.78 -15.07 -12.77
C ALA D 158 -61.79 -15.83 -13.68
N ALA D 159 -61.48 -17.09 -13.96
CA ALA D 159 -62.31 -18.02 -14.74
C ALA D 159 -63.45 -18.50 -13.80
N TRP D 160 -63.06 -18.70 -12.55
CA TRP D 160 -63.92 -19.15 -11.46
C TRP D 160 -64.68 -18.01 -10.79
N GLY D 161 -64.43 -16.78 -11.22
CA GLY D 161 -65.12 -15.65 -10.64
C GLY D 161 -64.85 -15.16 -9.20
N SER D 162 -63.63 -15.32 -8.68
CA SER D 162 -63.26 -14.78 -7.35
C SER D 162 -62.42 -13.49 -7.53
N PRO D 163 -62.75 -12.39 -6.84
CA PRO D 163 -61.90 -11.21 -7.03
C PRO D 163 -60.76 -11.17 -5.94
N ASN D 164 -60.78 -12.15 -5.04
CA ASN D 164 -59.86 -12.22 -3.92
C ASN D 164 -58.55 -12.99 -4.14
N ALA D 165 -57.86 -12.60 -5.23
CA ALA D 165 -56.57 -13.15 -5.67
C ALA D 165 -55.45 -12.12 -5.31
N ALA D 166 -54.39 -12.56 -4.64
CA ALA D 166 -53.34 -11.64 -4.16
C ALA D 166 -51.88 -12.15 -4.18
N LYS D 167 -50.91 -11.27 -4.44
CA LYS D 167 -49.47 -11.61 -4.43
C LYS D 167 -48.78 -10.76 -3.36
N PRO D 168 -47.78 -11.31 -2.61
CA PRO D 168 -47.14 -10.44 -1.61
C PRO D 168 -46.22 -9.32 -2.22
N SER D 169 -45.80 -9.49 -3.48
CA SER D 169 -44.97 -8.50 -4.17
C SER D 169 -45.71 -7.15 -4.42
N VAL D 170 -46.98 -7.08 -4.05
CA VAL D 170 -47.80 -5.86 -4.18
C VAL D 170 -47.89 -5.12 -2.82
N SER D 171 -48.80 -5.51 -1.92
CA SER D 171 -48.92 -4.80 -0.65
C SER D 171 -47.83 -5.06 0.40
N LEU D 172 -46.94 -6.03 0.16
CA LEU D 172 -45.80 -6.27 1.05
C LEU D 172 -44.42 -5.89 0.42
N CYS D 173 -44.46 -5.15 -0.68
CA CYS D 173 -43.24 -4.72 -1.36
C CYS D 173 -43.36 -3.39 -2.14
N THR D 174 -43.90 -3.58 -3.31
CA THR D 174 -43.97 -2.61 -4.38
C THR D 174 -45.12 -1.61 -4.56
N ALA D 175 -46.24 -1.89 -3.93
CA ALA D 175 -47.44 -1.09 -4.08
C ALA D 175 -47.30 0.44 -3.91
N PRO D 176 -46.54 0.93 -2.91
CA PRO D 176 -46.47 2.41 -2.84
C PRO D 176 -45.78 3.11 -4.04
N ARG D 177 -44.84 2.41 -4.68
CA ARG D 177 -44.11 3.00 -5.80
C ARG D 177 -44.91 2.86 -7.11
N GLU D 178 -45.67 1.78 -7.27
CA GLU D 178 -46.50 1.61 -8.47
C GLU D 178 -47.71 2.59 -8.46
N VAL D 179 -48.29 2.84 -7.30
CA VAL D 179 -49.39 3.78 -7.21
C VAL D 179 -48.83 5.17 -7.60
N ALA D 180 -47.76 5.61 -6.91
CA ALA D 180 -47.09 6.90 -7.16
C ALA D 180 -46.62 7.13 -8.61
N SER D 181 -46.11 6.09 -9.25
CA SER D 181 -45.66 6.14 -10.66
C SER D 181 -46.84 6.18 -11.65
N GLN D 182 -47.97 5.57 -11.29
CA GLN D 182 -49.16 5.62 -12.16
C GLN D 182 -49.81 7.03 -12.05
N TRP D 183 -49.60 7.73 -10.93
CA TRP D 183 -50.16 9.08 -10.71
C TRP D 183 -49.38 10.21 -11.41
N VAL D 184 -48.05 10.14 -11.32
CA VAL D 184 -47.07 11.06 -11.89
C VAL D 184 -46.68 11.01 -13.42
N PHE D 185 -46.58 9.85 -14.05
CA PHE D 185 -46.20 9.61 -15.43
C PHE D 185 -47.48 8.86 -15.65
N GLY D 186 -47.75 8.14 -16.70
CA GLY D 186 -48.94 7.34 -16.54
C GLY D 186 -48.48 5.91 -16.71
N ARG D 187 -47.35 5.58 -16.10
CA ARG D 187 -46.75 4.26 -16.27
C ARG D 187 -46.25 3.57 -15.03
N PRO D 188 -45.99 2.25 -15.13
CA PRO D 188 -45.49 1.34 -14.10
C PRO D 188 -43.93 1.54 -13.94
N ILE D 189 -43.32 1.19 -12.80
CA ILE D 189 -41.85 1.21 -12.69
C ILE D 189 -41.58 -0.25 -13.15
N GLY D 190 -42.31 -1.21 -12.60
CA GLY D 190 -42.20 -2.59 -13.06
C GLY D 190 -41.13 -3.54 -12.55
N GLY D 191 -41.10 -4.75 -13.11
CA GLY D 191 -40.17 -5.77 -12.67
C GLY D 191 -38.67 -5.57 -12.80
N HIS D 192 -38.25 -5.13 -13.97
CA HIS D 192 -36.83 -4.89 -14.29
C HIS D 192 -36.82 -3.37 -14.40
N GLU D 193 -36.55 -2.66 -13.29
CA GLU D 193 -36.68 -1.22 -13.37
C GLU D 193 -35.79 -0.46 -14.35
N PRO D 194 -36.42 0.45 -15.14
CA PRO D 194 -35.80 1.28 -16.18
C PRO D 194 -34.85 2.44 -15.89
N ILE D 195 -33.75 2.14 -15.20
CA ILE D 195 -32.72 3.09 -14.84
C ILE D 195 -31.58 2.93 -15.88
N ASP D 196 -31.23 4.02 -16.56
CA ASP D 196 -30.16 4.04 -17.56
C ASP D 196 -28.85 4.20 -16.78
N TRP D 197 -28.49 3.14 -16.04
CA TRP D 197 -27.28 3.09 -15.20
C TRP D 197 -25.94 3.49 -15.87
N GLU D 198 -25.69 3.00 -17.08
CA GLU D 198 -24.44 3.25 -17.82
C GLU D 198 -24.01 4.71 -18.09
N ASN D 199 -24.97 5.61 -18.29
CA ASN D 199 -24.70 7.02 -18.55
C ASN D 199 -24.93 7.95 -17.33
N ALA D 200 -25.28 7.37 -16.18
CA ALA D 200 -25.51 8.16 -14.95
C ALA D 200 -24.18 8.68 -14.40
N ARG D 201 -24.17 9.90 -13.89
CA ARG D 201 -22.96 10.54 -13.42
C ARG D 201 -23.01 10.82 -11.93
N TYR D 202 -24.21 10.72 -11.38
CA TYR D 202 -24.50 11.01 -9.98
C TYR D 202 -25.72 10.15 -9.57
N ILE D 203 -25.52 9.20 -8.67
CA ILE D 203 -26.60 8.30 -8.23
C ILE D 203 -26.94 8.49 -6.73
N VAL D 204 -28.21 8.78 -6.41
CA VAL D 204 -28.64 8.89 -5.00
C VAL D 204 -29.54 7.68 -4.61
N LEU D 205 -29.11 6.92 -3.58
CA LEU D 205 -29.80 5.73 -3.07
C LEU D 205 -30.46 5.93 -1.70
N ILE D 206 -31.78 5.89 -1.67
CA ILE D 206 -32.54 6.03 -0.43
C ILE D 206 -33.07 4.60 -0.15
N GLY D 207 -32.43 3.89 0.79
CA GLY D 207 -32.71 2.49 1.10
C GLY D 207 -31.88 1.81 0.04
N HIS D 208 -32.46 0.92 -0.76
CA HIS D 208 -31.77 0.32 -1.91
C HIS D 208 -30.40 -0.32 -1.62
N HIS D 209 -30.33 -1.25 -0.67
CA HIS D 209 -29.08 -1.91 -0.30
C HIS D 209 -28.43 -2.85 -1.37
N ILE D 210 -28.10 -2.31 -2.56
CA ILE D 210 -27.45 -3.08 -3.68
C ILE D 210 -26.17 -3.83 -3.18
N GLY D 211 -25.92 -5.06 -3.63
CA GLY D 211 -24.78 -5.83 -3.12
C GLY D 211 -25.24 -6.82 -2.03
N GLU D 212 -26.34 -6.49 -1.35
CA GLU D 212 -26.99 -7.35 -0.33
C GLU D 212 -28.18 -7.93 -1.10
N ASP D 213 -28.89 -7.01 -1.76
CA ASP D 213 -29.98 -7.28 -2.72
C ASP D 213 -29.03 -7.57 -3.91
N THR D 214 -29.06 -8.81 -4.34
CA THR D 214 -28.16 -9.36 -5.30
C THR D 214 -28.84 -9.70 -6.69
N HIS D 215 -29.85 -8.90 -7.05
CA HIS D 215 -30.55 -9.03 -8.35
C HIS D 215 -29.41 -8.85 -9.36
N ASN D 216 -29.29 -9.82 -10.26
CA ASN D 216 -28.20 -9.91 -11.23
C ASN D 216 -27.84 -8.72 -12.17
N THR D 217 -28.71 -8.31 -13.07
CA THR D 217 -28.40 -7.21 -13.96
C THR D 217 -28.19 -5.86 -13.21
N GLN D 218 -28.82 -5.73 -12.05
CA GLN D 218 -28.74 -4.49 -11.28
C GLN D 218 -27.35 -4.28 -10.66
N LEU D 219 -26.76 -5.38 -10.24
CA LEU D 219 -25.46 -5.39 -9.64
C LEU D 219 -24.40 -5.12 -10.75
N GLN D 220 -24.57 -5.73 -11.93
CA GLN D 220 -23.68 -5.53 -13.09
C GLN D 220 -23.72 -4.04 -13.54
N ASP D 221 -24.91 -3.48 -13.54
CA ASP D 221 -25.13 -2.09 -13.95
C ASP D 221 -24.59 -1.06 -12.94
N PHE D 222 -24.64 -1.44 -11.67
CA PHE D 222 -24.15 -0.58 -10.61
C PHE D 222 -22.59 -0.64 -10.61
N ALA D 223 -22.04 -1.83 -10.82
CA ALA D 223 -20.59 -2.00 -10.82
C ALA D 223 -19.95 -1.20 -11.97
N LEU D 224 -20.55 -1.33 -13.14
CA LEU D 224 -20.15 -0.64 -14.34
C LEU D 224 -20.14 0.88 -14.14
N ALA D 225 -21.20 1.42 -13.55
CA ALA D 225 -21.31 2.86 -13.29
C ALA D 225 -20.26 3.37 -12.28
N LEU D 226 -19.84 2.49 -11.38
CA LEU D 226 -18.79 2.85 -10.42
C LEU D 226 -17.49 2.96 -11.24
N LYS D 227 -17.31 1.98 -12.12
CA LYS D 227 -16.14 1.91 -13.02
C LYS D 227 -15.99 3.15 -13.96
N ASN D 228 -17.09 3.65 -14.55
CA ASN D 228 -17.08 4.85 -15.44
C ASN D 228 -16.96 6.20 -14.69
N GLY D 229 -16.67 6.18 -13.40
CA GLY D 229 -16.52 7.39 -12.62
C GLY D 229 -17.77 7.99 -11.97
N ALA D 230 -18.86 7.26 -11.93
CA ALA D 230 -20.14 7.81 -11.38
C ALA D 230 -20.04 7.95 -9.87
N LYS D 231 -20.64 8.92 -9.26
CA LYS D 231 -20.56 9.22 -7.88
C LYS D 231 -21.85 8.71 -7.17
N VAL D 232 -21.77 8.03 -6.00
CA VAL D 232 -22.91 7.48 -5.29
C VAL D 232 -23.12 8.13 -3.89
N VAL D 233 -24.38 8.40 -3.53
CA VAL D 233 -24.73 8.92 -2.20
C VAL D 233 -25.75 7.94 -1.64
N VAL D 234 -25.49 7.37 -0.48
CA VAL D 234 -26.39 6.42 0.13
C VAL D 234 -27.05 7.08 1.35
N VAL D 235 -28.38 7.06 1.43
CA VAL D 235 -29.18 7.62 2.56
C VAL D 235 -29.75 6.37 3.25
N ASP D 236 -29.41 6.16 4.53
CA ASP D 236 -29.74 4.91 5.22
C ASP D 236 -29.14 4.96 6.65
N PRO D 237 -29.91 4.53 7.70
CA PRO D 237 -29.38 4.56 9.08
C PRO D 237 -28.30 3.49 9.36
N ARG D 238 -28.08 2.60 8.39
CA ARG D 238 -27.11 1.49 8.54
C ARG D 238 -25.95 1.64 7.52
N PHE D 239 -24.69 1.42 7.91
CA PHE D 239 -23.58 1.49 6.90
C PHE D 239 -23.65 0.18 6.18
N SER D 240 -24.23 0.12 5.05
CA SER D 240 -24.49 -1.09 4.36
C SER D 240 -23.34 -1.31 3.26
N THR D 241 -23.42 -2.40 2.48
CA THR D 241 -22.55 -2.69 1.33
C THR D 241 -22.52 -1.56 0.25
N ALA D 242 -23.68 -1.00 -0.09
CA ALA D 242 -23.77 0.09 -1.07
C ALA D 242 -23.18 1.39 -0.49
N ALA D 243 -23.31 1.58 0.83
CA ALA D 243 -22.70 2.74 1.50
C ALA D 243 -21.17 2.53 1.50
N ALA D 244 -20.70 1.28 1.58
CA ALA D 244 -19.25 1.00 1.55
C ALA D 244 -18.58 1.46 0.22
N LYS D 245 -19.36 1.67 -0.84
CA LYS D 245 -18.86 2.05 -2.19
C LYS D 245 -19.20 3.49 -2.59
N ALA D 246 -19.82 4.20 -1.64
CA ALA D 246 -20.34 5.55 -1.82
C ALA D 246 -19.43 6.73 -1.49
N HIS D 247 -19.64 7.86 -2.15
CA HIS D 247 -18.80 9.02 -1.91
C HIS D 247 -19.34 9.84 -0.73
N ARG D 248 -20.63 9.71 -0.43
CA ARG D 248 -21.24 10.32 0.76
C ARG D 248 -22.24 9.31 1.39
N TRP D 249 -22.22 9.16 2.72
CA TRP D 249 -23.17 8.31 3.43
C TRP D 249 -23.97 9.27 4.33
N LEU D 250 -25.29 9.36 4.20
CA LEU D 250 -26.05 10.23 5.12
C LEU D 250 -26.73 9.29 6.15
N PRO D 251 -26.22 9.23 7.41
CA PRO D 251 -26.92 8.31 8.31
C PRO D 251 -28.23 8.86 8.90
N ILE D 252 -29.26 8.91 8.06
CA ILE D 252 -30.55 9.48 8.40
C ILE D 252 -31.31 8.83 9.56
N LYS D 253 -32.08 9.63 10.29
CA LYS D 253 -32.87 9.10 11.38
C LYS D 253 -34.05 8.35 10.74
N PRO D 254 -34.31 7.09 11.17
CA PRO D 254 -35.41 6.35 10.56
C PRO D 254 -36.82 7.01 10.50
N GLY D 255 -37.50 6.83 9.36
CA GLY D 255 -38.83 7.33 9.05
C GLY D 255 -38.99 8.81 8.67
N THR D 256 -37.84 9.41 8.39
CA THR D 256 -37.58 10.84 8.17
C THR D 256 -37.15 11.28 6.73
N ASP D 257 -37.17 10.32 5.83
CA ASP D 257 -36.77 10.49 4.44
C ASP D 257 -37.57 11.52 3.62
N THR D 258 -38.85 11.68 3.96
CA THR D 258 -39.73 12.60 3.27
C THR D 258 -39.37 14.05 3.60
N ALA D 259 -38.90 14.29 4.81
CA ALA D 259 -38.46 15.62 5.17
C ALA D 259 -37.20 15.99 4.35
N LEU D 260 -36.29 15.03 4.15
CA LEU D 260 -35.07 15.28 3.36
C LEU D 260 -35.45 15.62 1.88
N LEU D 261 -36.37 14.85 1.30
CA LEU D 261 -36.80 14.98 -0.10
C LEU D 261 -37.54 16.31 -0.42
N LEU D 262 -38.36 16.76 0.53
CA LEU D 262 -39.05 18.04 0.43
C LEU D 262 -38.00 19.19 0.49
N ALA D 263 -36.95 19.08 1.33
CA ALA D 263 -35.90 20.11 1.39
C ALA D 263 -35.04 20.10 0.11
N TRP D 264 -35.00 18.97 -0.58
CA TRP D 264 -34.31 18.94 -1.86
C TRP D 264 -35.22 19.63 -2.92
N ILE D 265 -36.52 19.38 -2.93
CA ILE D 265 -37.43 20.04 -3.88
C ILE D 265 -37.35 21.58 -3.68
N HIS D 266 -37.25 22.02 -2.44
CA HIS D 266 -37.09 23.45 -2.10
C HIS D 266 -35.73 24.03 -2.59
N VAL D 267 -34.59 23.36 -2.40
CA VAL D 267 -33.35 23.93 -2.92
C VAL D 267 -33.41 23.92 -4.48
N LEU D 268 -33.93 22.86 -5.10
CA LEU D 268 -34.02 22.83 -6.57
C LEU D 268 -34.91 23.97 -7.15
N ILE D 269 -36.00 24.33 -6.47
CA ILE D 269 -36.90 25.39 -6.94
C ILE D 269 -36.46 26.81 -6.51
N TYR D 270 -36.29 27.02 -5.21
CA TYR D 270 -35.89 28.33 -4.71
C TYR D 270 -34.48 28.83 -5.05
N GLU D 271 -33.53 27.95 -5.32
CA GLU D 271 -32.22 28.40 -5.76
C GLU D 271 -32.22 28.36 -7.30
N ASP D 272 -33.36 27.95 -7.86
CA ASP D 272 -33.55 27.96 -9.29
C ASP D 272 -32.59 27.09 -10.09
N LEU D 273 -32.47 25.84 -9.69
CA LEU D 273 -31.55 24.91 -10.33
C LEU D 273 -32.21 23.85 -11.23
N TYR D 274 -33.54 23.78 -11.26
CA TYR D 274 -34.26 22.80 -12.07
C TYR D 274 -34.19 23.07 -13.58
N ASP D 275 -34.59 22.06 -14.34
CA ASP D 275 -34.61 22.08 -15.81
C ASP D 275 -35.93 22.77 -16.25
N LYS D 276 -35.89 24.04 -16.65
CA LYS D 276 -37.13 24.75 -16.98
C LYS D 276 -37.92 24.33 -18.20
N GLU D 277 -37.26 24.01 -19.29
CA GLU D 277 -38.04 23.64 -20.43
C GLU D 277 -38.65 22.24 -20.34
N TYR D 278 -38.01 21.37 -19.57
CA TYR D 278 -38.53 20.04 -19.33
C TYR D 278 -39.79 20.31 -18.50
N VAL D 279 -39.66 21.09 -17.45
CA VAL D 279 -40.86 21.39 -16.68
C VAL D 279 -41.89 21.97 -17.67
N ALA D 280 -41.62 23.13 -18.29
CA ALA D 280 -42.53 23.77 -19.26
C ALA D 280 -43.18 22.89 -20.37
N LYS D 281 -42.47 21.90 -20.90
CA LYS D 281 -43.11 21.09 -21.94
C LYS D 281 -43.69 19.69 -21.67
N TYR D 282 -43.35 19.01 -20.59
CA TYR D 282 -43.89 17.65 -20.35
C TYR D 282 -44.64 17.47 -19.05
N THR D 283 -44.88 18.60 -18.42
CA THR D 283 -45.46 18.71 -17.10
C THR D 283 -46.70 19.60 -17.01
N VAL D 284 -47.56 19.28 -16.06
CA VAL D 284 -48.80 20.00 -15.82
C VAL D 284 -48.97 20.19 -14.29
N GLY D 285 -49.19 21.43 -13.83
CA GLY D 285 -49.37 21.69 -12.41
C GLY D 285 -48.24 21.97 -11.43
N PHE D 286 -47.05 22.42 -11.85
CA PHE D 286 -45.93 22.72 -10.89
C PHE D 286 -46.09 24.00 -10.06
N GLU D 287 -47.04 24.85 -10.46
CA GLU D 287 -47.35 26.15 -9.85
C GLU D 287 -48.09 26.02 -8.57
N GLU D 288 -48.05 24.76 -8.12
CA GLU D 288 -48.68 24.30 -6.92
C GLU D 288 -47.54 23.71 -6.10
N LEU D 289 -46.53 23.08 -6.74
CA LEU D 289 -45.43 22.52 -5.96
C LEU D 289 -44.55 23.58 -5.28
N LYS D 290 -44.31 24.71 -5.94
CA LYS D 290 -43.46 25.78 -5.38
C LYS D 290 -43.99 26.41 -4.08
N ALA D 291 -45.30 26.65 -4.05
CA ALA D 291 -46.00 27.23 -2.90
C ALA D 291 -46.09 26.24 -1.72
N HIS D 292 -46.26 24.97 -2.04
CA HIS D 292 -46.35 23.87 -1.05
C HIS D 292 -45.07 23.73 -0.23
N VAL D 293 -43.95 23.82 -0.92
CA VAL D 293 -42.63 23.61 -0.35
C VAL D 293 -41.91 24.83 0.25
N LYS D 294 -42.63 25.94 0.31
CA LYS D 294 -42.08 27.20 0.75
C LYS D 294 -41.29 27.24 2.08
N ASP D 295 -41.83 26.61 3.11
CA ASP D 295 -41.25 26.53 4.43
C ASP D 295 -40.37 25.28 4.71
N PHE D 296 -40.25 24.38 3.73
CA PHE D 296 -39.50 23.11 3.84
C PHE D 296 -38.06 23.28 3.41
N THR D 297 -37.36 23.85 4.35
CA THR D 297 -36.01 24.30 4.29
C THR D 297 -34.90 23.36 4.80
N PRO D 298 -33.66 23.50 4.25
CA PRO D 298 -32.58 22.64 4.74
C PRO D 298 -32.42 22.77 6.29
N GLU D 299 -32.93 23.84 6.92
CA GLU D 299 -32.80 24.00 8.38
C GLU D 299 -34.02 23.31 9.08
N TRP D 300 -35.18 23.35 8.42
CA TRP D 300 -36.40 22.69 8.91
C TRP D 300 -36.12 21.14 8.83
N ALA D 301 -35.69 20.66 7.66
CA ALA D 301 -35.30 19.25 7.43
C ALA D 301 -34.22 18.77 8.41
N GLU D 302 -33.23 19.61 8.71
CA GLU D 302 -32.18 19.20 9.64
C GLU D 302 -32.66 18.87 11.07
N LYS D 303 -33.71 19.53 11.54
CA LYS D 303 -34.23 19.29 12.88
C LYS D 303 -34.74 17.84 13.05
N HIS D 304 -35.45 17.38 12.03
CA HIS D 304 -36.11 16.07 11.99
C HIS D 304 -35.28 14.87 11.53
N THR D 305 -34.37 15.21 10.64
CA THR D 305 -33.51 14.33 9.91
C THR D 305 -32.16 13.98 10.56
N GLU D 306 -31.60 15.00 11.20
CA GLU D 306 -30.31 15.00 11.86
C GLU D 306 -29.18 15.07 10.80
N ILE D 307 -29.52 15.30 9.53
CA ILE D 307 -28.51 15.49 8.47
C ILE D 307 -28.23 17.04 8.50
N PRO D 308 -26.95 17.46 8.64
CA PRO D 308 -26.67 18.91 8.69
C PRO D 308 -27.14 19.71 7.44
N ALA D 309 -27.76 20.87 7.68
CA ALA D 309 -28.32 21.77 6.64
C ALA D 309 -27.40 21.98 5.46
N GLN D 310 -26.13 22.09 5.79
CA GLN D 310 -25.10 22.30 4.81
C GLN D 310 -24.91 21.09 3.87
N VAL D 311 -24.96 19.85 4.40
CA VAL D 311 -24.81 18.63 3.57
C VAL D 311 -26.05 18.42 2.69
N ILE D 312 -27.21 18.81 3.22
CA ILE D 312 -28.48 18.75 2.50
C ILE D 312 -28.46 19.68 1.26
N ARG D 313 -27.95 20.89 1.47
CA ARG D 313 -27.87 21.91 0.43
C ARG D 313 -26.88 21.51 -0.65
N GLU D 314 -25.75 21.01 -0.19
CA GLU D 314 -24.64 20.53 -1.01
C GLU D 314 -25.04 19.35 -1.95
N VAL D 315 -25.77 18.36 -1.45
CA VAL D 315 -26.16 17.24 -2.31
C VAL D 315 -27.14 17.74 -3.44
N ALA D 316 -28.07 18.62 -3.11
CA ALA D 316 -29.04 19.20 -4.08
C ALA D 316 -28.33 19.91 -5.25
N ARG D 317 -27.37 20.76 -4.89
CA ARG D 317 -26.48 21.47 -5.83
C ARG D 317 -25.63 20.52 -6.69
N GLU D 318 -25.13 19.46 -6.07
CA GLU D 318 -24.31 18.46 -6.79
C GLU D 318 -25.13 17.65 -7.81
N MET D 319 -26.38 17.28 -7.50
CA MET D 319 -27.17 16.54 -8.51
C MET D 319 -27.63 17.50 -9.65
N ALA D 320 -27.94 18.77 -9.33
CA ALA D 320 -28.30 19.81 -10.31
C ALA D 320 -27.08 20.02 -11.28
N ALA D 321 -25.87 20.19 -10.75
CA ALA D 321 -24.66 20.35 -11.56
C ALA D 321 -24.49 19.23 -12.62
N HIS D 322 -25.07 18.06 -12.39
CA HIS D 322 -24.97 16.93 -13.34
C HIS D 322 -26.25 16.77 -14.19
N LYS D 323 -27.15 17.81 -14.09
CA LYS D 323 -28.47 17.85 -14.90
C LYS D 323 -28.50 17.27 -16.43
N PRO D 324 -28.99 15.88 -16.47
CA PRO D 324 -30.23 15.09 -17.14
C PRO D 324 -29.25 13.69 -16.89
N ARG D 325 -28.15 13.73 -16.09
CA ARG D 325 -27.35 12.54 -15.77
C ARG D 325 -27.13 12.33 -14.24
N ALA D 326 -28.16 12.73 -13.49
CA ALA D 326 -28.29 12.55 -12.04
C ALA D 326 -29.68 11.87 -11.85
N VAL D 327 -29.70 10.77 -11.09
CA VAL D 327 -30.92 10.00 -10.79
C VAL D 327 -31.05 9.62 -9.31
N LEU D 328 -32.30 9.49 -8.88
CA LEU D 328 -32.66 8.91 -7.59
C LEU D 328 -33.53 7.72 -8.02
N PRO D 329 -32.91 6.56 -8.31
CA PRO D 329 -33.61 5.34 -8.73
C PRO D 329 -34.55 4.93 -7.57
N PRO D 330 -35.87 4.73 -7.82
CA PRO D 330 -36.73 4.33 -6.70
C PRO D 330 -36.45 2.90 -6.19
N THR D 331 -36.44 2.67 -4.87
CA THR D 331 -36.20 1.30 -4.39
C THR D 331 -37.41 0.36 -4.65
N ARG D 332 -37.23 -0.94 -4.46
CA ARG D 332 -38.26 -1.96 -4.67
C ARG D 332 -39.07 -2.21 -3.39
N HIS D 333 -38.45 -2.69 -2.32
CA HIS D 333 -39.27 -2.91 -1.12
C HIS D 333 -39.56 -1.53 -0.49
N ASN D 334 -40.79 -1.06 -0.59
CA ASN D 334 -41.19 0.29 -0.12
C ASN D 334 -42.18 0.42 1.06
N VAL D 335 -42.56 -0.70 1.58
CA VAL D 335 -43.57 -0.81 2.58
C VAL D 335 -43.01 -0.66 4.04
N TRP D 336 -42.63 0.58 4.37
CA TRP D 336 -42.01 1.01 5.67
C TRP D 336 -42.90 2.03 6.44
N TYR D 337 -43.03 2.09 7.74
CA TYR D 337 -43.85 3.23 8.25
C TYR D 337 -45.32 3.60 7.79
N GLY D 338 -45.84 3.16 6.64
CA GLY D 338 -47.22 3.51 6.34
C GLY D 338 -47.72 4.85 5.74
N ASP D 339 -46.82 5.70 5.30
CA ASP D 339 -47.14 6.95 4.59
C ASP D 339 -46.25 6.93 3.34
N ASP D 340 -45.90 5.71 2.92
CA ASP D 340 -44.99 5.43 1.82
C ASP D 340 -45.24 5.93 0.38
N THR D 341 -46.50 6.09 -0.05
CA THR D 341 -46.77 6.58 -1.40
C THR D 341 -46.29 8.04 -1.45
N TYR D 342 -46.36 8.74 -0.33
CA TYR D 342 -45.92 10.13 -0.22
C TYR D 342 -44.42 10.26 -0.41
N ARG D 343 -43.69 9.34 0.20
CA ARG D 343 -42.25 9.33 0.09
C ARG D 343 -41.85 9.08 -1.38
N VAL D 344 -42.51 8.15 -2.07
CA VAL D 344 -42.15 7.87 -3.47
C VAL D 344 -42.55 9.01 -4.42
N MET D 345 -43.73 9.60 -4.25
CA MET D 345 -44.13 10.76 -5.06
C MET D 345 -43.02 11.85 -5.03
N ALA D 346 -42.68 12.32 -3.84
CA ALA D 346 -41.65 13.33 -3.59
C ALA D 346 -40.30 13.10 -4.30
N LEU D 347 -39.87 11.84 -4.30
CA LEU D 347 -38.63 11.38 -4.90
C LEU D 347 -38.75 11.38 -6.44
N LEU D 348 -39.94 11.05 -6.94
CA LEU D 348 -40.20 11.07 -8.38
C LEU D 348 -40.21 12.57 -8.84
N TYR D 349 -40.74 13.50 -8.04
CA TYR D 349 -40.65 14.93 -8.40
C TYR D 349 -39.19 15.40 -8.50
N VAL D 350 -38.30 14.92 -7.61
CA VAL D 350 -36.91 15.38 -7.70
C VAL D 350 -36.40 15.00 -9.11
N ASN D 351 -36.63 13.76 -9.51
CA ASN D 351 -36.23 13.26 -10.84
C ASN D 351 -36.82 14.16 -11.99
N VAL D 352 -38.10 14.52 -11.92
CA VAL D 352 -38.77 15.37 -12.92
C VAL D 352 -38.05 16.73 -13.01
N LEU D 353 -37.76 17.30 -11.84
CA LEU D 353 -37.03 18.57 -11.67
C LEU D 353 -35.56 18.55 -12.19
N LEU D 354 -34.98 17.36 -12.40
CA LEU D 354 -33.65 17.23 -12.96
C LEU D 354 -33.87 16.93 -14.47
N GLY D 355 -35.14 16.84 -14.87
CA GLY D 355 -35.53 16.57 -16.24
C GLY D 355 -34.87 15.36 -16.87
N ASN D 356 -34.80 14.28 -16.08
CA ASN D 356 -34.14 13.03 -16.44
C ASN D 356 -34.97 11.86 -16.97
N TYR D 357 -36.29 12.00 -16.93
CA TYR D 357 -37.21 10.94 -17.35
C TYR D 357 -37.36 10.82 -18.89
N GLY D 358 -36.79 9.76 -19.43
CA GLY D 358 -36.80 9.51 -20.86
C GLY D 358 -35.56 10.03 -21.57
N ARG D 359 -34.48 10.26 -20.84
CA ARG D 359 -33.21 10.75 -21.39
C ARG D 359 -32.02 9.90 -20.95
N PRO D 360 -30.89 9.94 -21.69
CA PRO D 360 -29.75 9.13 -21.23
C PRO D 360 -29.24 9.60 -19.86
N GLY D 361 -28.98 8.68 -18.95
CA GLY D 361 -28.47 9.06 -17.65
C GLY D 361 -29.43 8.99 -16.46
N GLY D 362 -30.69 8.74 -16.72
CA GLY D 362 -31.66 8.64 -15.65
C GLY D 362 -32.57 7.43 -15.87
N PHE D 363 -33.61 7.59 -16.64
CA PHE D 363 -34.63 6.64 -16.84
C PHE D 363 -34.84 6.47 -18.35
N TYR D 364 -34.99 5.27 -18.92
CA TYR D 364 -35.35 5.12 -20.33
C TYR D 364 -36.85 4.72 -20.31
N ILE D 365 -37.53 4.74 -21.45
CA ILE D 365 -38.92 4.31 -21.57
C ILE D 365 -38.96 2.78 -21.90
N ALA D 366 -39.57 1.99 -21.03
CA ALA D 366 -39.69 0.54 -21.19
C ALA D 366 -41.03 0.14 -21.85
N GLN D 367 -40.94 -0.59 -22.97
CA GLN D 367 -42.12 -1.06 -23.72
C GLN D 367 -42.21 -2.59 -23.61
N SER D 368 -43.42 -3.11 -23.45
CA SER D 368 -43.67 -4.54 -23.38
C SER D 368 -43.52 -5.11 -24.77
N PRO D 369 -43.10 -6.39 -24.89
CA PRO D 369 -42.91 -7.07 -26.16
C PRO D 369 -44.23 -7.64 -26.71
N TYR D 370 -44.31 -7.80 -28.04
CA TYR D 370 -45.48 -8.40 -28.68
C TYR D 370 -45.42 -9.96 -28.69
N LEU D 371 -46.45 -10.62 -28.16
CA LEU D 371 -46.58 -12.11 -28.20
C LEU D 371 -48.07 -12.26 -27.96
N GLU D 372 -48.74 -12.86 -28.92
CA GLU D 372 -50.17 -13.02 -28.83
C GLU D 372 -50.61 -14.09 -27.85
N LYS D 373 -51.61 -13.75 -27.04
CA LYS D 373 -52.21 -14.62 -26.04
C LYS D 373 -52.88 -15.83 -26.70
N TYR D 374 -53.17 -16.86 -25.92
CA TYR D 374 -53.86 -18.00 -26.49
C TYR D 374 -55.34 -17.52 -26.73
N PRO D 375 -55.96 -17.79 -27.92
CA PRO D 375 -57.34 -17.36 -28.21
C PRO D 375 -58.39 -18.05 -27.30
N LEU D 376 -59.17 -17.25 -26.58
CA LEU D 376 -60.17 -17.76 -25.65
C LEU D 376 -61.35 -16.81 -25.48
N PRO D 377 -62.46 -17.30 -24.90
CA PRO D 377 -63.60 -16.41 -24.68
C PRO D 377 -63.19 -15.42 -23.56
N PRO D 378 -63.84 -14.22 -23.43
CA PRO D 378 -63.41 -13.36 -22.33
C PRO D 378 -63.60 -14.07 -20.95
N LEU D 379 -62.92 -13.57 -19.91
CA LEU D 379 -63.01 -14.11 -18.56
C LEU D 379 -64.18 -13.50 -17.78
N PRO D 380 -64.75 -14.23 -16.77
CA PRO D 380 -65.85 -13.67 -15.97
C PRO D 380 -65.38 -12.30 -15.39
N LEU D 381 -64.16 -12.25 -14.85
CA LEU D 381 -63.51 -11.02 -14.31
C LEU D 381 -62.13 -10.76 -15.00
N GLU D 382 -61.91 -9.53 -15.46
CA GLU D 382 -60.66 -9.06 -16.09
C GLU D 382 -60.37 -7.71 -15.39
N PRO D 383 -59.21 -7.58 -14.69
CA PRO D 383 -58.98 -6.30 -14.01
C PRO D 383 -58.13 -5.23 -14.74
N ALA D 384 -58.08 -4.01 -14.19
CA ALA D 384 -57.20 -2.93 -14.68
C ALA D 384 -56.21 -2.71 -13.49
N ALA D 385 -54.92 -2.54 -13.79
CA ALA D 385 -53.86 -2.39 -12.79
C ALA D 385 -53.06 -1.06 -12.67
N GLY D 386 -53.75 0.02 -12.32
CA GLY D 386 -53.14 1.32 -12.16
C GLY D 386 -53.74 2.56 -12.84
N GLY D 387 -54.06 2.44 -14.12
CA GLY D 387 -54.63 3.48 -14.97
C GLY D 387 -56.06 3.90 -14.72
N CYS D 388 -55.84 5.21 -14.02
CA CYS D 388 -57.09 5.45 -13.48
C CYS D 388 -58.18 6.30 -13.86
N SER D 389 -58.22 7.33 -13.11
CA SER D 389 -59.21 8.38 -13.15
C SER D 389 -60.58 7.57 -13.20
N GLY D 390 -61.05 7.27 -11.98
CA GLY D 390 -62.19 6.43 -11.66
C GLY D 390 -61.38 5.19 -11.23
N PRO D 391 -60.56 5.29 -10.13
CA PRO D 391 -59.72 4.18 -9.63
C PRO D 391 -60.40 2.94 -9.03
N SER D 392 -60.79 3.05 -7.76
CA SER D 392 -61.44 1.94 -7.06
C SER D 392 -62.99 2.00 -7.08
N GLY D 393 -63.55 3.11 -6.59
CA GLY D 393 -64.99 3.33 -6.53
C GLY D 393 -65.76 3.30 -7.84
N GLY D 394 -65.32 4.10 -8.81
CA GLY D 394 -65.90 4.16 -10.13
C GLY D 394 -65.35 3.08 -11.06
N ASP D 395 -64.87 1.99 -10.46
CA ASP D 395 -64.31 0.82 -11.16
C ASP D 395 -64.09 -0.51 -10.35
N HIS D 396 -65.19 -1.10 -9.89
CA HIS D 396 -65.26 -2.42 -9.21
C HIS D 396 -66.70 -2.84 -8.77
N GLU D 397 -67.62 -1.87 -8.65
CA GLU D 397 -69.01 -2.09 -8.16
C GLU D 397 -70.05 -3.01 -8.93
N PRO D 398 -71.24 -2.50 -9.42
CA PRO D 398 -72.10 -3.49 -10.11
C PRO D 398 -71.74 -3.74 -11.61
N GLU D 399 -71.06 -4.86 -11.91
CA GLU D 399 -70.61 -5.25 -13.27
C GLU D 399 -70.32 -6.79 -13.46
N GLY D 400 -69.49 -7.41 -12.61
CA GLY D 400 -69.24 -8.86 -12.62
C GLY D 400 -70.19 -9.31 -11.51
N PHE D 401 -69.69 -9.66 -10.31
CA PHE D 401 -70.61 -9.78 -9.15
C PHE D 401 -70.03 -9.21 -7.80
N LYS D 402 -69.59 -9.98 -6.80
CA LYS D 402 -69.09 -9.34 -5.54
C LYS D 402 -67.73 -8.62 -5.59
N PRO D 403 -67.60 -7.47 -4.89
CA PRO D 403 -66.28 -6.85 -5.00
C PRO D 403 -65.14 -7.46 -4.13
N ARG D 404 -63.88 -7.15 -4.46
CA ARG D 404 -62.72 -7.64 -3.71
C ARG D 404 -63.03 -7.37 -2.24
N ALA D 405 -62.84 -8.35 -1.37
CA ALA D 405 -63.20 -8.17 0.03
C ALA D 405 -62.48 -7.09 0.87
N ASP D 406 -61.52 -6.37 0.29
CA ASP D 406 -60.77 -5.30 0.98
C ASP D 406 -61.09 -3.93 0.37
N LYS D 407 -62.00 -3.96 -0.59
CA LYS D 407 -62.48 -2.80 -1.36
C LYS D 407 -62.54 -1.42 -0.67
N GLY D 408 -62.98 -1.28 0.56
CA GLY D 408 -62.99 0.08 1.06
C GLY D 408 -61.87 0.56 1.98
N LYS D 409 -60.84 -0.24 2.21
CA LYS D 409 -59.80 0.12 3.17
C LYS D 409 -58.68 1.11 2.87
N PHE D 410 -58.49 1.40 1.60
CA PHE D 410 -57.50 2.32 1.12
C PHE D 410 -57.97 2.79 -0.24
N PHE D 411 -57.37 3.87 -0.74
CA PHE D 411 -57.79 4.46 -1.99
C PHE D 411 -57.53 3.69 -3.28
N ALA D 412 -56.37 3.06 -3.40
CA ALA D 412 -55.99 2.33 -4.62
C ALA D 412 -56.83 1.07 -4.91
N ARG D 413 -56.90 0.67 -6.19
CA ARG D 413 -57.66 -0.50 -6.65
C ARG D 413 -56.92 -1.86 -6.50
N SER D 414 -55.61 -1.87 -6.24
CA SER D 414 -54.93 -3.15 -6.10
C SER D 414 -55.41 -3.88 -4.86
N THR D 415 -55.45 -5.20 -4.93
CA THR D 415 -55.82 -6.08 -3.83
C THR D 415 -54.64 -6.18 -2.85
N ALA D 416 -54.89 -6.05 -1.54
CA ALA D 416 -53.85 -6.14 -0.52
C ALA D 416 -53.88 -7.48 0.27
N ILE D 417 -52.93 -8.39 0.00
CA ILE D 417 -52.88 -9.71 0.65
C ILE D 417 -53.16 -9.77 2.17
N GLN D 418 -52.61 -8.84 2.94
CA GLN D 418 -52.86 -8.85 4.39
C GLN D 418 -54.28 -8.32 4.78
N GLU D 419 -55.05 -7.76 3.82
CA GLU D 419 -56.44 -7.28 4.06
C GLU D 419 -57.54 -8.34 3.75
N LEU D 420 -57.21 -9.36 2.97
CA LEU D 420 -58.11 -10.49 2.71
C LEU D 420 -58.19 -11.67 3.80
N ILE D 421 -57.55 -11.59 4.93
CA ILE D 421 -57.45 -12.61 5.92
C ILE D 421 -58.30 -12.17 7.20
N GLU D 422 -59.02 -11.02 7.00
CA GLU D 422 -59.81 -10.61 8.19
C GLU D 422 -61.20 -11.30 7.85
N PRO D 423 -61.67 -11.26 6.57
CA PRO D 423 -62.94 -11.92 6.30
C PRO D 423 -62.94 -13.42 6.76
N MET D 424 -61.76 -14.05 6.76
CA MET D 424 -61.59 -15.45 7.16
C MET D 424 -61.94 -15.73 8.65
N ILE D 425 -61.93 -14.66 9.43
CA ILE D 425 -62.20 -14.72 10.86
C ILE D 425 -63.56 -14.12 11.26
N THR D 426 -63.72 -12.82 11.10
CA THR D 426 -64.97 -12.16 11.46
C THR D 426 -66.09 -12.42 10.44
N GLY D 427 -65.72 -13.07 9.33
CA GLY D 427 -66.66 -13.27 8.26
C GLY D 427 -67.29 -11.93 7.88
N GLU D 428 -66.76 -10.79 8.32
CA GLU D 428 -67.46 -9.54 7.94
C GLU D 428 -67.79 -9.02 6.48
N PRO D 429 -67.13 -7.94 5.85
CA PRO D 429 -67.72 -7.70 4.51
C PRO D 429 -68.59 -8.80 3.98
N TYR D 430 -67.98 -9.97 3.88
CA TYR D 430 -68.64 -11.24 3.58
C TYR D 430 -67.66 -12.35 3.94
N PRO D 431 -68.14 -13.61 4.11
CA PRO D 431 -67.29 -14.77 4.44
C PRO D 431 -66.30 -15.35 3.44
N ILE D 432 -65.06 -15.59 3.88
CA ILE D 432 -64.05 -16.25 3.07
C ILE D 432 -63.76 -17.61 3.76
N LYS D 433 -64.27 -18.66 3.10
CA LYS D 433 -64.11 -20.08 3.50
C LYS D 433 -63.22 -20.60 2.36
N GLY D 434 -62.27 -21.49 2.59
CA GLY D 434 -61.44 -21.89 1.47
C GLY D 434 -60.39 -20.88 0.98
N LEU D 435 -59.14 -21.30 1.01
CA LEU D 435 -57.92 -20.55 0.60
C LEU D 435 -56.87 -21.43 -0.13
N PHE D 436 -56.28 -20.92 -1.22
CA PHE D 436 -55.19 -21.59 -1.96
C PHE D 436 -53.86 -20.88 -1.67
N ALA D 437 -52.77 -21.64 -1.51
CA ALA D 437 -51.47 -21.03 -1.29
C ALA D 437 -50.49 -21.66 -2.28
N TYR D 438 -50.33 -21.01 -3.43
CA TYR D 438 -49.40 -21.51 -4.45
C TYR D 438 -47.99 -20.81 -4.33
N GLY D 439 -46.93 -21.56 -4.01
CA GLY D 439 -45.60 -21.02 -3.85
C GLY D 439 -45.53 -19.68 -3.14
N ILE D 440 -46.15 -19.59 -1.96
CA ILE D 440 -46.17 -18.35 -1.18
C ILE D 440 -46.16 -18.74 0.31
N ASN D 441 -45.18 -18.18 1.02
CA ASN D 441 -44.95 -18.41 2.46
C ASN D 441 -45.94 -17.69 3.34
N LEU D 442 -46.93 -18.41 3.89
CA LEU D 442 -47.94 -17.77 4.74
C LEU D 442 -47.40 -17.27 6.10
N PHE D 443 -46.49 -18.02 6.71
CA PHE D 443 -45.99 -17.60 8.01
C PHE D 443 -44.69 -16.79 7.99
N HIS D 444 -44.14 -16.48 6.80
CA HIS D 444 -42.94 -15.67 6.72
C HIS D 444 -43.11 -14.37 5.93
N SER D 445 -44.04 -14.41 5.00
CA SER D 445 -44.32 -13.28 4.14
C SER D 445 -45.49 -12.35 4.52
N ILE D 446 -46.37 -12.76 5.44
CA ILE D 446 -47.51 -11.90 5.84
C ILE D 446 -47.33 -11.53 7.34
N PRO D 447 -47.43 -10.21 7.70
CA PRO D 447 -47.24 -9.92 9.13
C PRO D 447 -48.35 -10.50 9.99
N ASN D 448 -48.13 -10.49 11.29
CA ASN D 448 -49.08 -10.96 12.29
C ASN D 448 -49.40 -12.48 12.18
N VAL D 449 -48.41 -13.33 12.40
CA VAL D 449 -48.59 -14.77 12.31
C VAL D 449 -49.74 -15.41 13.16
N PRO D 450 -49.98 -14.95 14.42
CA PRO D 450 -51.09 -15.55 15.18
C PRO D 450 -52.49 -15.36 14.52
N ARG D 451 -52.68 -14.22 13.86
CA ARG D 451 -53.95 -13.94 13.18
C ARG D 451 -54.11 -14.86 11.94
N THR D 452 -53.04 -15.06 11.18
CA THR D 452 -53.07 -15.91 10.00
C THR D 452 -53.42 -17.38 10.41
N LYS D 453 -52.86 -17.87 11.51
CA LYS D 453 -53.10 -19.21 12.07
C LYS D 453 -54.60 -19.35 12.48
N GLU D 454 -55.14 -18.34 13.14
CA GLU D 454 -56.55 -18.33 13.53
C GLU D 454 -57.47 -18.44 12.29
N ALA D 455 -57.12 -17.70 11.24
CA ALA D 455 -57.84 -17.67 9.96
C ALA D 455 -57.85 -19.04 9.28
N LEU D 456 -56.71 -19.74 9.28
CA LEU D 456 -56.62 -21.09 8.70
C LEU D 456 -57.58 -22.10 9.41
N LYS D 457 -57.54 -22.19 10.74
CA LYS D 457 -58.44 -23.12 11.45
C LYS D 457 -59.95 -22.96 11.07
N ASN D 458 -60.36 -21.70 10.90
CA ASN D 458 -61.72 -21.31 10.55
C ASN D 458 -62.23 -21.65 9.13
N LEU D 459 -61.29 -21.98 8.26
CA LEU D 459 -61.55 -22.37 6.89
C LEU D 459 -62.26 -23.74 6.71
N ASP D 460 -63.05 -23.82 5.63
CA ASP D 460 -63.82 -24.98 5.14
C ASP D 460 -62.86 -25.78 4.23
N LEU D 461 -62.02 -25.07 3.47
CA LEU D 461 -60.97 -25.67 2.61
C LEU D 461 -59.63 -24.90 2.67
N TYR D 462 -58.53 -25.64 2.66
CA TYR D 462 -57.18 -25.06 2.59
C TYR D 462 -56.34 -26.02 1.75
N VAL D 463 -55.68 -25.46 0.74
CA VAL D 463 -54.81 -26.16 -0.19
C VAL D 463 -53.39 -25.51 -0.11
N ALA D 464 -52.33 -26.28 -0.35
CA ALA D 464 -50.95 -25.77 -0.33
C ALA D 464 -50.08 -26.47 -1.40
N ILE D 465 -49.80 -25.78 -2.52
CA ILE D 465 -49.01 -26.25 -3.67
C ILE D 465 -47.57 -25.71 -3.61
N ASP D 466 -46.56 -26.60 -3.56
CA ASP D 466 -45.20 -26.15 -3.40
C ASP D 466 -44.24 -27.28 -3.02
N VAL D 467 -43.00 -27.08 -3.45
CA VAL D 467 -41.78 -27.91 -3.38
C VAL D 467 -41.11 -28.59 -2.14
N LEU D 468 -40.81 -27.91 -1.06
CA LEU D 468 -40.21 -28.62 0.11
C LEU D 468 -41.35 -28.68 1.19
N PRO D 469 -41.05 -29.07 2.47
CA PRO D 469 -42.06 -29.12 3.53
C PRO D 469 -41.70 -27.95 4.51
N GLN D 470 -42.55 -26.92 4.54
CA GLN D 470 -42.39 -25.69 5.37
C GLN D 470 -43.58 -25.52 6.33
N GLU D 471 -43.35 -25.11 7.56
CA GLU D 471 -44.46 -24.90 8.51
C GLU D 471 -45.92 -24.69 7.97
N HIS D 472 -46.12 -23.69 7.09
CA HIS D 472 -47.47 -23.36 6.52
C HIS D 472 -48.06 -24.47 5.64
N VAL D 473 -47.22 -25.18 4.90
CA VAL D 473 -47.71 -26.28 4.07
C VAL D 473 -48.27 -27.44 4.94
N MET D 474 -47.60 -27.78 6.02
CA MET D 474 -48.06 -28.88 6.84
C MET D 474 -49.50 -28.69 7.46
N TRP D 475 -49.94 -27.45 7.63
CA TRP D 475 -51.27 -27.08 8.14
C TRP D 475 -52.45 -27.26 7.16
N ALA D 476 -52.16 -27.71 5.94
CA ALA D 476 -53.20 -27.87 4.91
C ALA D 476 -54.00 -29.18 4.88
N ASP D 477 -55.11 -29.20 4.12
CA ASP D 477 -56.02 -30.35 4.00
C ASP D 477 -55.60 -31.26 2.84
N VAL D 478 -54.83 -30.79 1.92
CA VAL D 478 -54.44 -31.63 0.85
C VAL D 478 -53.39 -30.69 0.16
N ILE D 479 -52.18 -31.22 0.18
CA ILE D 479 -50.88 -30.74 -0.24
C ILE D 479 -50.67 -31.24 -1.69
N LEU D 480 -49.95 -30.50 -2.53
CA LEU D 480 -49.64 -30.90 -3.91
C LEU D 480 -48.15 -30.57 -4.26
N PRO D 481 -47.30 -31.63 -4.50
CA PRO D 481 -45.87 -31.43 -4.84
C PRO D 481 -45.86 -30.88 -6.28
N GLU D 482 -45.14 -29.79 -6.53
CA GLU D 482 -45.05 -29.19 -7.87
C GLU D 482 -43.68 -29.37 -8.55
N ALA D 483 -43.63 -29.91 -9.77
CA ALA D 483 -42.37 -30.06 -10.51
C ALA D 483 -41.48 -28.77 -10.44
N THR D 484 -40.23 -28.99 -10.00
CA THR D 484 -39.14 -28.01 -9.81
C THR D 484 -38.86 -27.20 -11.11
N TYR D 485 -38.39 -25.94 -11.06
CA TYR D 485 -38.21 -25.19 -12.31
C TYR D 485 -37.42 -25.95 -13.41
N LEU D 486 -36.44 -26.77 -13.04
CA LEU D 486 -35.64 -27.52 -14.02
C LEU D 486 -36.41 -28.74 -14.64
N GLU D 487 -37.53 -29.13 -14.05
CA GLU D 487 -38.30 -30.29 -14.51
C GLU D 487 -39.62 -29.97 -15.28
N ARG D 488 -39.92 -28.70 -15.49
CA ARG D 488 -41.14 -28.35 -16.16
C ARG D 488 -41.04 -27.30 -17.28
N TYR D 489 -42.12 -27.20 -18.10
CA TYR D 489 -42.31 -26.22 -19.20
C TYR D 489 -43.26 -25.16 -18.58
N ASP D 490 -42.92 -23.88 -18.70
CA ASP D 490 -43.71 -22.74 -18.21
C ASP D 490 -44.07 -21.74 -19.31
N ASP D 491 -45.30 -21.25 -19.32
CA ASP D 491 -45.75 -20.26 -20.31
C ASP D 491 -44.74 -19.08 -20.43
N PHE D 492 -44.47 -18.59 -21.63
CA PHE D 492 -43.49 -17.50 -21.83
C PHE D 492 -43.42 -16.36 -20.82
N VAL D 493 -42.18 -15.94 -20.51
CA VAL D 493 -41.89 -14.79 -19.63
C VAL D 493 -41.57 -13.57 -20.58
N LEU D 494 -42.30 -12.44 -20.40
CA LEU D 494 -42.19 -11.16 -21.17
C LEU D 494 -41.84 -10.01 -20.19
N VAL D 495 -40.66 -9.39 -20.40
CA VAL D 495 -40.11 -8.31 -19.60
C VAL D 495 -40.05 -6.92 -20.33
N ALA D 496 -40.74 -5.88 -19.86
CA ALA D 496 -40.68 -4.54 -20.49
C ALA D 496 -39.25 -4.00 -20.32
N HIS D 497 -38.67 -3.49 -21.41
CA HIS D 497 -37.25 -3.10 -21.42
C HIS D 497 -36.88 -2.20 -22.60
N LYS D 498 -35.69 -1.62 -22.54
CA LYS D 498 -35.14 -0.73 -23.60
C LYS D 498 -35.62 -1.47 -24.86
N THR D 499 -35.06 -2.67 -24.96
CA THR D 499 -35.26 -3.71 -25.94
C THR D 499 -36.22 -4.75 -25.35
N PRO D 500 -37.42 -4.92 -25.93
CA PRO D 500 -38.37 -5.91 -25.41
C PRO D 500 -38.05 -7.34 -25.85
N PHE D 501 -37.96 -8.27 -24.89
CA PHE D 501 -37.62 -9.65 -25.15
C PHE D 501 -38.54 -10.71 -24.55
N ILE D 502 -38.45 -11.95 -25.06
CA ILE D 502 -39.25 -13.03 -24.54
C ILE D 502 -38.35 -14.25 -24.16
N GLN D 503 -38.69 -14.92 -23.07
CA GLN D 503 -37.95 -16.08 -22.57
C GLN D 503 -38.79 -17.37 -22.60
N LEU D 504 -38.09 -18.50 -22.71
CA LEU D 504 -38.67 -19.85 -22.76
C LEU D 504 -37.84 -20.86 -21.92
N ARG D 505 -38.49 -21.60 -21.02
CA ARG D 505 -37.81 -22.62 -20.20
C ARG D 505 -38.30 -24.03 -20.62
N THR D 506 -37.36 -24.88 -21.04
CA THR D 506 -37.59 -26.28 -21.46
C THR D 506 -37.16 -27.20 -20.27
N PRO D 507 -37.79 -28.41 -20.06
CA PRO D 507 -37.33 -29.23 -18.92
C PRO D 507 -36.00 -29.99 -19.18
N ALA D 508 -34.96 -29.70 -18.39
CA ALA D 508 -33.66 -30.35 -18.54
C ALA D 508 -33.73 -31.88 -18.42
N HIS D 509 -34.60 -32.34 -17.52
CA HIS D 509 -34.89 -33.76 -17.28
C HIS D 509 -36.33 -33.79 -16.68
N GLU D 510 -37.00 -34.93 -16.79
CA GLU D 510 -38.39 -35.16 -16.32
C GLU D 510 -38.63 -35.10 -14.81
N PRO D 511 -39.85 -34.67 -14.36
CA PRO D 511 -40.15 -34.59 -12.92
C PRO D 511 -39.62 -35.84 -12.15
N LEU D 512 -39.32 -35.66 -10.86
CA LEU D 512 -38.82 -36.74 -10.00
C LEU D 512 -39.89 -37.17 -8.93
N PHE D 513 -40.01 -38.47 -8.72
CA PHE D 513 -40.95 -39.10 -7.79
C PHE D 513 -42.40 -39.07 -8.42
N ASP D 514 -43.40 -38.58 -7.64
CA ASP D 514 -44.79 -38.43 -8.10
C ASP D 514 -45.08 -36.92 -8.10
N THR D 515 -44.24 -36.18 -8.82
CA THR D 515 -44.29 -34.73 -8.92
C THR D 515 -44.90 -34.23 -10.26
N LYS D 516 -45.59 -33.09 -10.27
CA LYS D 516 -46.21 -32.57 -11.50
C LYS D 516 -45.94 -31.06 -11.78
N PRO D 517 -46.00 -30.64 -13.08
CA PRO D 517 -45.77 -29.23 -13.46
C PRO D 517 -47.08 -28.43 -13.07
N GLY D 518 -47.01 -27.12 -12.82
CA GLY D 518 -48.14 -26.26 -12.47
C GLY D 518 -49.21 -26.02 -13.54
N TRP D 519 -48.83 -25.95 -14.81
CA TRP D 519 -49.80 -25.77 -15.91
C TRP D 519 -50.73 -27.00 -16.00
N TRP D 520 -50.21 -28.16 -15.63
CA TRP D 520 -50.96 -29.43 -15.62
C TRP D 520 -51.96 -29.52 -14.45
N ILE D 521 -51.56 -29.03 -13.29
CA ILE D 521 -52.41 -29.03 -12.10
C ILE D 521 -53.60 -28.05 -12.35
N ALA D 522 -53.32 -26.88 -12.92
CA ALA D 522 -54.34 -25.87 -13.24
C ALA D 522 -55.34 -26.39 -14.31
N ARG D 523 -54.84 -27.14 -15.28
CA ARG D 523 -55.68 -27.75 -16.32
C ARG D 523 -56.68 -28.78 -15.76
N GLU D 524 -56.24 -29.63 -14.84
CA GLU D 524 -57.07 -30.68 -14.24
C GLU D 524 -58.17 -30.07 -13.33
N LEU D 525 -57.79 -29.10 -12.50
CA LEU D 525 -58.66 -28.33 -11.57
C LEU D 525 -59.61 -27.39 -12.34
N GLY D 526 -59.33 -27.25 -13.64
CA GLY D 526 -60.12 -26.47 -14.55
C GLY D 526 -61.22 -27.35 -15.15
N LEU D 527 -60.84 -28.55 -15.60
CA LEU D 527 -61.76 -29.54 -16.16
C LEU D 527 -62.71 -30.12 -15.06
N ARG D 528 -62.18 -30.33 -13.86
CA ARG D 528 -62.96 -30.82 -12.72
C ARG D 528 -64.05 -29.77 -12.29
N LEU D 529 -63.80 -28.46 -12.48
CA LEU D 529 -64.76 -27.38 -12.12
C LEU D 529 -65.66 -26.88 -13.31
N GLY D 530 -65.58 -27.53 -14.48
CA GLY D 530 -66.37 -27.13 -15.65
C GLY D 530 -65.88 -25.89 -16.37
N LEU D 531 -64.60 -25.60 -16.26
CA LEU D 531 -64.00 -24.42 -16.91
C LEU D 531 -63.22 -24.88 -18.16
N GLU D 532 -63.69 -25.95 -18.80
CA GLU D 532 -63.01 -26.50 -19.97
C GLU D 532 -62.86 -25.56 -21.18
N GLN D 533 -63.75 -24.59 -21.35
CA GLN D 533 -63.66 -23.63 -22.43
C GLN D 533 -62.37 -22.75 -22.27
N TYR D 534 -61.88 -22.58 -21.04
CA TYR D 534 -60.68 -21.80 -20.82
C TYR D 534 -59.39 -22.60 -21.10
N PHE D 535 -59.51 -23.93 -21.03
CA PHE D 535 -58.43 -24.87 -21.29
C PHE D 535 -58.72 -25.76 -22.50
N PRO D 536 -58.91 -25.15 -23.68
CA PRO D 536 -59.17 -25.91 -24.91
C PRO D 536 -58.00 -26.70 -25.52
N TRP D 537 -56.78 -26.43 -25.05
CA TRP D 537 -55.51 -27.04 -25.52
C TRP D 537 -55.17 -28.26 -24.65
N LYS D 538 -54.90 -29.43 -25.25
CA LYS D 538 -54.57 -30.61 -24.44
C LYS D 538 -53.19 -30.65 -23.76
N THR D 539 -52.18 -30.13 -24.46
CA THR D 539 -50.76 -30.18 -24.03
C THR D 539 -50.01 -28.78 -23.96
N ILE D 540 -48.98 -28.56 -23.13
CA ILE D 540 -48.33 -27.21 -23.15
C ILE D 540 -47.47 -26.99 -24.40
N GLU D 541 -46.97 -28.06 -24.99
CA GLU D 541 -46.19 -27.88 -26.21
C GLU D 541 -47.17 -27.33 -27.27
N GLU D 542 -48.40 -27.86 -27.31
CA GLU D 542 -49.45 -27.40 -28.25
C GLU D 542 -49.78 -25.90 -28.00
N TYR D 543 -49.99 -25.57 -26.72
CA TYR D 543 -50.28 -24.22 -26.21
C TYR D 543 -49.17 -23.21 -26.62
N LEU D 544 -47.90 -23.59 -26.44
CA LEU D 544 -46.71 -22.78 -26.76
C LEU D 544 -46.58 -22.54 -28.29
N GLU D 545 -46.84 -23.57 -29.09
CA GLU D 545 -46.81 -23.47 -30.57
C GLU D 545 -47.84 -22.47 -31.11
N THR D 546 -49.09 -22.58 -30.68
CA THR D 546 -50.15 -21.67 -31.11
C THR D 546 -49.70 -20.19 -30.87
N ARG D 547 -49.15 -19.90 -29.69
CA ARG D 547 -48.65 -18.57 -29.34
C ARG D 547 -47.43 -18.17 -30.22
N LEU D 548 -46.52 -19.10 -30.40
CA LEU D 548 -45.32 -18.86 -31.20
C LEU D 548 -45.63 -18.51 -32.67
N GLN D 549 -46.69 -19.13 -33.23
CA GLN D 549 -47.18 -18.92 -34.62
C GLN D 549 -47.44 -17.43 -35.00
N SER D 550 -47.79 -16.58 -34.03
CA SER D 550 -48.09 -15.15 -34.24
C SER D 550 -46.84 -14.39 -34.71
N LEU D 551 -45.69 -14.75 -34.16
CA LEU D 551 -44.40 -14.20 -34.62
C LEU D 551 -43.92 -15.37 -35.52
N GLY D 552 -44.12 -15.30 -36.85
CA GLY D 552 -43.67 -16.39 -37.74
C GLY D 552 -42.62 -17.30 -37.13
N LEU D 553 -42.96 -18.01 -36.07
CA LEU D 553 -42.01 -18.85 -35.36
C LEU D 553 -42.54 -20.20 -34.91
N ASP D 554 -41.68 -21.21 -34.82
CA ASP D 554 -42.19 -22.47 -34.31
C ASP D 554 -41.37 -22.92 -33.04
N LEU D 555 -41.98 -23.70 -32.11
CA LEU D 555 -41.41 -24.22 -30.82
C LEU D 555 -39.92 -24.73 -30.88
N GLU D 556 -39.62 -25.59 -31.83
CA GLU D 556 -38.26 -26.14 -32.06
C GLU D 556 -37.22 -25.01 -32.19
N THR D 557 -37.58 -24.02 -32.98
CA THR D 557 -36.76 -22.84 -33.27
C THR D 557 -36.44 -21.98 -32.02
N MET D 558 -37.43 -21.78 -31.18
CA MET D 558 -37.25 -21.01 -29.94
C MET D 558 -36.35 -21.82 -28.97
N LYS D 559 -36.48 -23.15 -28.98
CA LYS D 559 -35.66 -24.01 -28.13
C LYS D 559 -34.15 -23.89 -28.44
N GLY D 560 -33.82 -23.54 -29.68
CA GLY D 560 -32.41 -23.33 -29.98
C GLY D 560 -31.90 -21.92 -29.67
N MET D 561 -32.80 -20.92 -29.50
CA MET D 561 -32.47 -19.49 -29.21
C MET D 561 -32.49 -19.06 -27.72
N GLY D 562 -33.54 -19.52 -27.05
CA GLY D 562 -33.86 -19.24 -25.66
C GLY D 562 -34.72 -17.98 -25.54
N THR D 563 -34.06 -16.87 -25.75
CA THR D 563 -34.47 -15.43 -25.73
C THR D 563 -34.69 -14.80 -27.14
N LEU D 564 -35.88 -14.25 -27.42
CA LEU D 564 -36.19 -13.60 -28.71
C LEU D 564 -36.31 -12.07 -28.44
N VAL D 565 -35.29 -11.27 -28.78
CA VAL D 565 -35.31 -9.83 -28.48
C VAL D 565 -35.91 -8.92 -29.60
N GLN D 566 -36.93 -8.13 -29.24
CA GLN D 566 -37.61 -7.20 -30.17
C GLN D 566 -37.09 -5.74 -30.02
N ARG D 567 -37.54 -4.81 -30.88
CA ARG D 567 -37.05 -3.41 -30.93
C ARG D 567 -37.28 -2.52 -29.68
N GLY D 568 -38.26 -1.64 -29.77
CA GLY D 568 -38.61 -0.80 -28.65
C GLY D 568 -38.04 0.59 -28.55
N LYS D 569 -38.92 1.52 -28.16
CA LYS D 569 -38.52 2.91 -28.01
C LYS D 569 -38.01 3.26 -26.59
N PRO D 570 -36.77 3.81 -26.45
CA PRO D 570 -36.14 4.22 -25.21
C PRO D 570 -36.13 5.72 -24.76
N TRP D 571 -35.95 6.65 -25.69
CA TRP D 571 -35.85 8.08 -25.34
C TRP D 571 -37.08 8.97 -25.71
N LEU D 572 -37.28 10.12 -25.05
CA LEU D 572 -38.42 11.01 -25.38
C LEU D 572 -38.43 11.41 -26.88
N GLU D 573 -37.24 11.72 -27.43
CA GLU D 573 -37.02 12.10 -28.85
C GLU D 573 -37.61 11.07 -29.86
N ASP D 574 -37.70 9.81 -29.47
CA ASP D 574 -38.23 8.73 -30.32
C ASP D 574 -39.78 8.83 -30.35
N TRP D 575 -40.36 9.32 -29.26
CA TRP D 575 -41.80 9.52 -29.08
C TRP D 575 -42.29 10.79 -29.78
N GLU D 576 -41.63 11.89 -29.42
CA GLU D 576 -41.89 13.20 -29.98
C GLU D 576 -41.73 13.34 -31.49
N LYS D 577 -40.64 12.85 -32.07
CA LYS D 577 -40.49 13.04 -33.50
C LYS D 577 -41.60 12.29 -34.30
N GLU D 578 -42.41 11.55 -33.53
CA GLU D 578 -43.53 10.67 -33.94
C GLU D 578 -44.93 11.27 -33.75
N GLY D 579 -44.97 12.36 -32.99
CA GLY D 579 -46.20 13.01 -32.69
C GLY D 579 -46.84 12.59 -31.37
N ARG D 580 -46.23 11.73 -30.58
CA ARG D 580 -46.82 11.36 -29.30
C ARG D 580 -45.89 11.32 -28.06
N LEU D 581 -46.54 11.49 -26.90
CA LEU D 581 -45.97 11.51 -25.53
C LEU D 581 -46.59 10.37 -24.74
N PRO D 582 -45.78 9.62 -23.93
CA PRO D 582 -46.27 8.42 -23.16
C PRO D 582 -47.20 8.29 -21.90
N PHE D 583 -47.08 9.10 -20.89
CA PHE D 583 -47.91 9.32 -19.73
C PHE D 583 -49.43 8.75 -19.33
N GLY D 584 -49.99 9.47 -18.34
CA GLY D 584 -51.34 9.44 -17.73
C GLY D 584 -51.96 10.88 -17.88
N THR D 585 -53.27 10.96 -18.08
CA THR D 585 -54.13 12.01 -18.55
C THR D 585 -53.20 12.63 -19.74
N ALA D 586 -52.78 13.88 -19.83
CA ALA D 586 -52.08 14.43 -20.93
C ALA D 586 -50.48 14.30 -20.75
N SER D 587 -49.92 15.06 -19.81
CA SER D 587 -48.48 15.04 -19.46
C SER D 587 -48.25 14.45 -18.02
N GLY D 588 -47.03 14.62 -17.47
CA GLY D 588 -46.69 14.18 -16.15
C GLY D 588 -47.39 15.05 -15.13
N LYS D 589 -48.19 14.43 -14.27
CA LYS D 589 -48.81 15.33 -13.33
C LYS D 589 -47.86 15.50 -12.11
N ILE D 590 -47.40 16.74 -11.84
CA ILE D 590 -46.55 17.04 -10.63
C ILE D 590 -47.50 17.43 -9.49
N GLU D 591 -47.27 16.80 -8.35
CA GLU D 591 -48.05 16.97 -7.12
C GLU D 591 -49.58 16.80 -7.39
N LEU D 592 -49.94 16.17 -8.51
CA LEU D 592 -51.34 15.95 -9.00
C LEU D 592 -51.92 14.58 -9.15
N TYR D 593 -53.21 14.55 -9.46
CA TYR D 593 -54.04 13.36 -9.75
C TYR D 593 -55.23 13.91 -9.26
N CYS D 594 -56.20 13.99 -10.09
CA CYS D 594 -57.38 14.63 -9.80
C CYS D 594 -58.60 14.13 -8.83
N GLN D 595 -59.04 12.96 -8.87
CA GLN D 595 -60.07 12.25 -8.23
C GLN D 595 -59.89 11.90 -6.67
N ARG D 596 -58.68 12.23 -6.20
CA ARG D 596 -58.17 11.98 -4.85
C ARG D 596 -58.37 13.30 -4.10
N PHE D 597 -57.97 14.39 -4.76
CA PHE D 597 -58.09 15.79 -4.27
C PHE D 597 -59.58 16.21 -4.32
N LYS D 598 -60.31 15.63 -5.28
CA LYS D 598 -61.75 15.83 -5.57
C LYS D 598 -62.60 15.12 -4.51
N GLU D 599 -62.22 13.89 -4.22
CA GLU D 599 -62.86 13.12 -3.18
C GLU D 599 -61.80 12.09 -2.65
N ALA D 600 -61.81 11.91 -1.34
CA ALA D 600 -60.85 11.05 -0.64
C ALA D 600 -59.34 11.44 -0.64
N GLY D 601 -59.02 12.29 0.34
CA GLY D 601 -57.71 12.80 0.63
C GLY D 601 -57.03 13.99 -0.01
N HIS D 602 -56.29 14.75 0.82
CA HIS D 602 -55.46 15.93 0.46
C HIS D 602 -54.35 15.41 -0.56
N GLN D 603 -54.06 16.21 -1.59
CA GLN D 603 -53.13 15.89 -2.71
C GLN D 603 -51.62 15.71 -2.69
N PRO D 604 -50.91 16.51 -1.88
CA PRO D 604 -49.46 16.36 -1.83
C PRO D 604 -48.78 15.65 -0.68
N LEU D 605 -47.47 15.61 -0.74
CA LEU D 605 -46.62 15.02 0.21
C LEU D 605 -46.20 15.99 1.31
N PRO D 606 -47.09 16.15 2.33
CA PRO D 606 -46.72 17.07 3.42
C PRO D 606 -46.37 15.99 4.48
N VAL D 607 -47.17 14.91 4.51
CA VAL D 607 -47.02 13.79 5.47
C VAL D 607 -45.57 13.43 5.74
N PHE D 608 -44.74 14.39 6.11
CA PHE D 608 -43.41 13.96 6.43
C PHE D 608 -43.68 13.08 7.76
N THR D 609 -44.71 13.51 8.52
CA THR D 609 -45.31 13.00 9.79
C THR D 609 -44.40 12.20 10.72
N PRO D 610 -43.66 12.89 11.63
CA PRO D 610 -42.74 12.24 12.58
C PRO D 610 -43.10 10.83 13.04
N PRO D 611 -42.26 9.83 12.70
CA PRO D 611 -42.53 8.46 13.11
C PRO D 611 -42.61 8.35 14.63
N GLU D 612 -43.37 7.37 15.10
CA GLU D 612 -43.50 7.06 16.52
C GLU D 612 -42.13 6.44 16.90
N GLU D 613 -41.49 6.96 17.95
CA GLU D 613 -40.17 6.48 18.34
C GLU D 613 -40.13 5.31 19.31
N PRO D 614 -39.10 4.45 19.22
CA PRO D 614 -39.04 3.31 20.14
C PRO D 614 -39.08 3.61 21.63
N PRO D 615 -39.80 2.78 22.46
CA PRO D 615 -39.90 2.98 23.91
C PRO D 615 -38.48 2.83 24.51
N GLU D 616 -38.30 3.21 25.77
CA GLU D 616 -37.00 3.04 26.41
C GLU D 616 -36.70 1.51 26.53
N GLY D 617 -35.44 1.16 26.24
CA GLY D 617 -34.94 -0.21 26.28
C GLY D 617 -35.20 -1.05 25.05
N PHE D 618 -35.65 -0.38 24.00
CA PHE D 618 -36.02 -0.99 22.74
C PHE D 618 -35.20 -0.31 21.59
N TYR D 619 -35.29 -0.91 20.41
CA TYR D 619 -34.65 -0.46 19.20
C TYR D 619 -35.71 -0.50 18.08
N ARG D 620 -35.58 0.28 17.01
CA ARG D 620 -36.58 0.16 15.93
C ARG D 620 -36.11 -1.02 15.02
N LEU D 621 -36.77 -2.16 15.06
CA LEU D 621 -36.40 -3.35 14.25
C LEU D 621 -36.19 -2.94 12.81
N LEU D 622 -35.20 -3.52 12.15
CA LEU D 622 -35.00 -3.24 10.73
C LEU D 622 -34.89 -4.66 10.08
N TYR D 623 -34.50 -4.76 8.82
CA TYR D 623 -34.36 -6.06 8.14
C TYR D 623 -33.91 -5.77 6.69
N GLY D 624 -33.36 -6.80 6.03
CA GLY D 624 -32.83 -6.71 4.67
C GLY D 624 -32.58 -8.08 4.03
N ARG D 625 -31.54 -8.19 3.21
CA ARG D 625 -31.19 -9.42 2.49
C ARG D 625 -29.70 -9.80 2.63
N SER D 626 -29.41 -11.12 2.64
CA SER D 626 -28.02 -11.65 2.70
C SER D 626 -27.76 -12.23 1.28
N PRO D 627 -26.81 -11.60 0.51
CA PRO D 627 -26.47 -11.99 -0.86
C PRO D 627 -26.62 -13.40 -1.32
N VAL D 628 -26.38 -14.33 -0.42
CA VAL D 628 -26.46 -15.73 -0.77
C VAL D 628 -27.92 -16.32 -0.75
N HIS D 629 -28.77 -15.81 0.17
CA HIS D 629 -30.19 -16.19 0.38
C HIS D 629 -31.32 -15.23 -0.20
N THR D 630 -32.30 -15.85 -0.85
CA THR D 630 -33.54 -15.29 -1.51
C THR D 630 -34.75 -15.61 -0.56
N PHE D 631 -35.30 -14.63 0.17
CA PHE D 631 -36.35 -14.87 1.18
C PHE D 631 -36.12 -16.19 1.95
N ALA D 632 -37.12 -16.67 2.70
CA ALA D 632 -37.03 -17.90 3.51
C ALA D 632 -36.98 -19.29 2.81
N ARG D 633 -37.12 -19.35 1.49
CA ARG D 633 -37.14 -20.64 0.74
C ARG D 633 -35.78 -21.24 0.40
N THR D 634 -34.72 -20.75 1.05
CA THR D 634 -33.41 -21.23 0.68
C THR D 634 -32.55 -21.70 1.85
N GLN D 635 -33.12 -21.66 3.06
CA GLN D 635 -32.45 -22.09 4.28
C GLN D 635 -32.08 -23.62 4.27
N ASN D 636 -32.91 -24.49 3.71
CA ASN D 636 -32.67 -25.98 3.64
C ASN D 636 -31.66 -26.42 2.54
N ASN D 637 -31.24 -25.44 1.74
CA ASN D 637 -30.26 -25.67 0.67
C ASN D 637 -28.86 -25.82 1.34
N TRP D 638 -28.19 -26.98 1.22
CA TRP D 638 -26.88 -27.15 1.88
C TRP D 638 -25.75 -26.31 1.23
N VAL D 639 -25.75 -26.21 -0.10
CA VAL D 639 -24.75 -25.40 -0.77
C VAL D 639 -24.82 -23.93 -0.28
N LEU D 640 -26.03 -23.38 -0.17
CA LEU D 640 -26.23 -22.01 0.26
C LEU D 640 -26.18 -21.80 1.82
N MET D 641 -26.59 -22.79 2.61
CA MET D 641 -26.56 -22.70 4.09
C MET D 641 -25.10 -22.76 4.64
N GLU D 642 -24.24 -23.42 3.86
CA GLU D 642 -22.81 -23.60 4.16
C GLU D 642 -22.07 -22.25 4.07
N MET D 643 -22.53 -21.38 3.15
CA MET D 643 -21.98 -20.05 2.97
C MET D 643 -22.51 -19.11 4.11
N ASP D 644 -23.76 -19.25 4.54
CA ASP D 644 -24.39 -18.41 5.61
C ASP D 644 -25.41 -19.25 6.43
N PRO D 645 -24.93 -20.04 7.44
CA PRO D 645 -25.74 -20.89 8.31
C PRO D 645 -26.74 -20.23 9.29
N GLU D 646 -26.62 -18.94 9.50
CA GLU D 646 -27.51 -18.26 10.47
C GLU D 646 -27.53 -16.73 10.25
N ASN D 647 -28.52 -16.03 10.78
CA ASN D 647 -28.45 -14.61 10.67
C ASN D 647 -27.77 -14.10 11.95
N GLU D 648 -27.51 -12.79 11.98
CA GLU D 648 -26.79 -12.14 13.06
C GLU D 648 -27.40 -10.71 13.37
N VAL D 649 -27.62 -10.33 14.63
CA VAL D 649 -28.18 -8.99 14.98
C VAL D 649 -27.14 -7.87 15.05
N TRP D 650 -27.35 -6.80 14.28
CA TRP D 650 -26.47 -5.64 14.24
C TRP D 650 -26.95 -4.61 15.34
N ILE D 651 -26.06 -4.22 16.27
CA ILE D 651 -26.29 -3.25 17.39
C ILE D 651 -24.98 -2.46 17.43
N HIS D 652 -25.06 -1.21 17.83
CA HIS D 652 -23.86 -0.40 17.93
C HIS D 652 -22.96 -0.92 19.07
N LYS D 653 -21.65 -0.88 18.80
CA LYS D 653 -20.58 -1.26 19.71
C LYS D 653 -20.78 -0.75 21.16
N GLU D 654 -21.11 0.52 21.29
CA GLU D 654 -21.31 1.16 22.59
C GLU D 654 -22.64 0.77 23.25
N GLU D 655 -23.62 0.38 22.45
CA GLU D 655 -24.90 -0.05 23.00
C GLU D 655 -24.71 -1.47 23.57
N ALA D 656 -24.04 -2.33 22.80
CA ALA D 656 -23.74 -3.70 23.19
C ALA D 656 -22.88 -3.73 24.46
N LYS D 657 -21.94 -2.80 24.56
CA LYS D 657 -21.06 -2.63 25.72
C LYS D 657 -21.87 -2.24 27.01
N ARG D 658 -22.86 -1.34 26.88
CA ARG D 658 -23.76 -0.94 27.98
C ARG D 658 -24.67 -2.09 28.46
N LEU D 659 -25.23 -2.86 27.51
CA LEU D 659 -26.01 -4.07 27.82
C LEU D 659 -24.74 -4.86 28.15
N GLY D 660 -24.69 -6.14 28.46
CA GLY D 660 -23.35 -6.65 28.72
C GLY D 660 -22.96 -7.66 27.67
N LEU D 661 -22.96 -7.26 26.41
CA LEU D 661 -22.74 -8.22 25.33
C LEU D 661 -21.43 -8.17 24.53
N LYS D 662 -20.88 -9.35 24.24
CA LYS D 662 -19.66 -9.43 23.47
C LYS D 662 -19.83 -10.23 22.17
N GLU D 663 -18.75 -10.34 21.42
CA GLU D 663 -18.76 -11.01 20.14
C GLU D 663 -19.17 -12.50 20.13
N GLY D 664 -18.96 -13.23 21.20
CA GLY D 664 -19.39 -14.61 21.15
C GLY D 664 -20.89 -14.84 21.46
N ASP D 665 -21.50 -13.86 22.09
CA ASP D 665 -22.87 -13.96 22.60
C ASP D 665 -24.11 -14.16 21.74
N TYR D 666 -25.11 -14.84 22.33
CA TYR D 666 -26.43 -15.08 21.73
C TYR D 666 -27.47 -14.32 22.57
N VAL D 667 -28.61 -14.07 21.96
CA VAL D 667 -29.60 -13.23 22.57
C VAL D 667 -30.97 -13.67 22.07
N MET D 668 -32.04 -13.35 22.80
CA MET D 668 -33.44 -13.57 22.35
C MET D 668 -33.89 -12.12 22.07
N LEU D 669 -34.70 -11.95 21.04
CA LEU D 669 -35.27 -10.65 20.69
C LEU D 669 -36.73 -10.76 21.12
N VAL D 670 -37.18 -9.82 21.92
CA VAL D 670 -38.56 -9.82 22.40
C VAL D 670 -39.20 -8.55 21.80
N ASN D 671 -40.37 -8.67 21.18
CA ASN D 671 -40.95 -7.46 20.62
C ASN D 671 -41.86 -6.72 21.62
N GLN D 672 -42.42 -5.58 21.23
CA GLN D 672 -43.23 -4.78 22.14
C GLN D 672 -44.44 -5.54 22.70
N ASP D 673 -44.90 -6.52 21.93
CA ASP D 673 -46.04 -7.37 22.29
C ASP D 673 -45.65 -8.68 23.01
N GLY D 674 -44.42 -8.80 23.50
CA GLY D 674 -43.99 -10.01 24.17
C GLY D 674 -43.53 -11.24 23.36
N VAL D 675 -43.64 -11.25 22.04
CA VAL D 675 -43.18 -12.41 21.24
C VAL D 675 -41.64 -12.48 21.25
N LYS D 676 -41.11 -13.69 21.45
CA LYS D 676 -39.69 -14.04 21.61
C LYS D 676 -39.13 -14.86 20.41
N GLU D 677 -37.95 -14.52 19.85
CA GLU D 677 -37.39 -15.27 18.70
C GLU D 677 -36.02 -15.97 18.99
N GLY D 678 -36.04 -17.32 18.84
CA GLY D 678 -34.96 -18.33 19.07
C GLY D 678 -33.58 -17.75 19.26
N PRO D 679 -32.60 -18.35 20.00
CA PRO D 679 -31.37 -17.54 20.02
C PRO D 679 -30.67 -17.10 18.70
N VAL D 680 -30.30 -15.80 18.57
CA VAL D 680 -29.54 -15.21 17.41
C VAL D 680 -28.18 -14.67 17.88
N ARG D 681 -27.12 -14.86 17.09
CA ARG D 681 -25.80 -14.33 17.43
C ARG D 681 -25.82 -12.78 17.40
N VAL D 682 -25.07 -12.18 18.33
CA VAL D 682 -24.92 -10.73 18.50
C VAL D 682 -23.73 -10.23 17.68
N LYS D 683 -23.95 -9.20 16.85
CA LYS D 683 -22.89 -8.56 16.06
C LYS D 683 -22.73 -7.05 16.45
N PRO D 684 -21.80 -6.70 17.41
CA PRO D 684 -21.58 -5.31 17.86
C PRO D 684 -21.06 -4.42 16.73
N THR D 685 -20.10 -4.91 16.03
CA THR D 685 -19.61 -4.20 14.90
C THR D 685 -20.49 -2.94 14.24
N ALA D 686 -20.05 -1.71 14.64
CA ALA D 686 -20.31 -0.23 14.36
C ALA D 686 -20.95 0.54 13.11
N ARG D 687 -21.54 -0.20 12.22
CA ARG D 687 -22.15 0.30 10.99
C ARG D 687 -23.66 0.61 11.18
N ILE D 688 -24.09 1.04 12.36
CA ILE D 688 -25.51 1.34 12.58
C ILE D 688 -25.78 2.40 13.66
N ARG D 689 -26.87 3.15 13.55
CA ARG D 689 -27.19 4.13 14.59
C ARG D 689 -27.56 3.37 15.91
N LYS D 690 -27.59 4.08 17.02
CA LYS D 690 -27.87 3.56 18.38
C LYS D 690 -29.37 3.38 18.65
N ASP D 691 -30.08 3.84 17.65
CA ASP D 691 -31.52 3.99 17.43
C ASP D 691 -32.30 2.75 16.94
N CYS D 692 -31.50 1.86 16.37
CA CYS D 692 -31.84 0.70 15.56
C CYS D 692 -31.16 -0.62 15.75
N VAL D 693 -31.71 -1.68 15.18
CA VAL D 693 -31.06 -2.98 15.21
C VAL D 693 -31.41 -3.58 13.81
N TYR D 694 -30.61 -4.51 13.28
CA TYR D 694 -30.84 -5.12 11.95
C TYR D 694 -30.68 -6.64 11.85
N ILE D 695 -31.64 -7.36 11.27
CA ILE D 695 -31.50 -8.79 11.02
C ILE D 695 -31.92 -9.15 9.59
N VAL D 696 -31.20 -10.08 8.97
CA VAL D 696 -31.55 -10.56 7.63
C VAL D 696 -32.85 -11.35 7.75
N HIS D 697 -33.72 -11.18 6.76
CA HIS D 697 -35.05 -11.81 6.69
C HIS D 697 -35.08 -13.27 6.25
N GLY D 698 -35.96 -14.06 6.83
CA GLY D 698 -36.12 -15.43 6.39
C GLY D 698 -35.53 -16.56 7.17
N PHE D 699 -35.01 -16.25 8.35
CA PHE D 699 -34.46 -17.30 9.20
C PHE D 699 -35.50 -17.68 10.26
N GLY D 700 -35.08 -18.43 11.27
CA GLY D 700 -35.98 -18.85 12.35
C GLY D 700 -37.15 -19.74 11.97
N HIS D 701 -36.93 -20.67 11.04
CA HIS D 701 -37.97 -21.58 10.64
C HIS D 701 -38.36 -22.53 11.76
N LYS D 702 -39.63 -22.92 11.82
CA LYS D 702 -40.01 -23.99 12.73
C LYS D 702 -40.73 -24.98 11.80
N ALA D 703 -39.93 -25.92 11.31
CA ALA D 703 -40.33 -26.88 10.32
C ALA D 703 -39.42 -28.10 10.51
N PRO D 704 -39.81 -29.04 11.40
CA PRO D 704 -38.91 -30.19 11.58
C PRO D 704 -38.53 -31.04 10.36
N LEU D 705 -39.36 -31.05 9.33
CA LEU D 705 -39.05 -31.84 8.13
C LEU D 705 -38.08 -31.14 7.17
N MET D 706 -37.86 -29.84 7.36
CA MET D 706 -36.82 -29.14 6.57
C MET D 706 -35.69 -29.23 7.61
N ARG D 707 -34.99 -30.36 7.55
CA ARG D 707 -33.97 -30.68 8.53
C ARG D 707 -32.79 -29.72 8.77
N LEU D 708 -32.34 -29.03 7.72
CA LEU D 708 -31.27 -28.01 7.83
C LEU D 708 -31.82 -26.65 8.33
N ALA D 709 -32.94 -26.22 7.76
CA ALA D 709 -33.54 -24.93 8.09
C ALA D 709 -34.04 -24.80 9.52
N HIS D 710 -34.44 -25.95 10.05
CA HIS D 710 -35.16 -25.99 11.32
C HIS D 710 -34.86 -25.09 12.51
N GLY D 711 -33.85 -25.19 13.34
CA GLY D 711 -33.98 -24.20 14.40
C GLY D 711 -33.02 -23.05 14.48
N ARG D 712 -32.70 -22.49 13.33
CA ARG D 712 -31.61 -21.53 13.23
C ARG D 712 -31.88 -20.04 13.01
N GLY D 713 -31.29 -19.18 13.84
CA GLY D 713 -31.50 -17.76 13.72
C GLY D 713 -32.81 -17.23 14.28
N ALA D 714 -33.12 -15.96 14.05
CA ALA D 714 -34.35 -15.31 14.51
C ALA D 714 -35.17 -14.89 13.29
N SER D 715 -36.49 -14.91 13.43
CA SER D 715 -37.40 -14.54 12.35
C SER D 715 -37.97 -13.12 12.51
N ASP D 716 -37.77 -12.24 11.54
CA ASP D 716 -38.31 -10.88 11.66
C ASP D 716 -39.86 -10.91 11.52
N ASN D 717 -40.40 -11.72 10.61
CA ASN D 717 -41.86 -11.76 10.45
C ASN D 717 -42.60 -12.15 11.75
N TYR D 718 -42.04 -13.08 12.55
CA TYR D 718 -42.63 -13.50 13.85
C TYR D 718 -42.52 -12.36 14.90
N LEU D 719 -41.56 -11.46 14.74
CA LEU D 719 -41.48 -10.30 15.65
C LEU D 719 -42.32 -9.12 15.08
N GLN D 720 -42.85 -9.26 13.86
CA GLN D 720 -43.63 -8.18 13.21
C GLN D 720 -45.10 -8.43 13.41
N THR D 721 -45.50 -8.16 14.63
CA THR D 721 -46.83 -8.40 15.10
C THR D 721 -47.79 -7.27 14.63
N ARG D 722 -47.25 -6.07 14.37
CA ARG D 722 -48.02 -4.91 13.90
C ARG D 722 -47.58 -4.39 12.54
N TYR D 723 -48.37 -3.52 11.96
CA TYR D 723 -48.01 -2.88 10.70
C TYR D 723 -48.89 -1.65 10.59
N LYS D 724 -48.41 -0.60 9.93
CA LYS D 724 -49.25 0.58 9.73
C LYS D 724 -49.67 0.60 8.25
N LEU D 725 -50.96 0.48 8.01
CA LEU D 725 -51.55 0.44 6.65
C LEU D 725 -51.44 1.79 5.89
N ASP D 726 -51.07 1.75 4.62
CA ASP D 726 -50.99 2.95 3.81
C ASP D 726 -52.44 3.22 3.25
N PRO D 727 -53.08 4.35 3.66
CA PRO D 727 -54.43 4.69 3.18
C PRO D 727 -54.53 4.89 1.66
N ILE D 728 -53.42 5.19 1.01
CA ILE D 728 -53.41 5.39 -0.44
C ILE D 728 -53.20 4.04 -1.18
N SER D 729 -52.01 3.44 -1.05
CA SER D 729 -51.72 2.13 -1.68
C SER D 729 -52.12 0.96 -0.74
N GLY D 730 -52.07 -0.28 -1.16
CA GLY D 730 -52.42 -1.26 -0.15
C GLY D 730 -51.40 -1.55 0.97
N GLY D 731 -50.21 -0.95 0.93
CA GLY D 731 -49.11 -1.26 1.85
C GLY D 731 -49.11 -1.61 3.34
N ALA D 732 -48.50 -2.71 3.76
CA ALA D 732 -48.40 -3.04 5.19
C ALA D 732 -47.07 -2.46 5.73
N GLY D 733 -47.09 -1.27 6.30
CA GLY D 733 -45.88 -0.66 6.84
C GLY D 733 -45.28 -1.44 7.99
N LEU D 734 -44.18 -2.16 7.72
CA LEU D 734 -43.46 -3.04 8.66
C LEU D 734 -42.41 -2.50 9.64
N ARG D 735 -41.76 -1.38 9.34
CA ARG D 735 -40.66 -0.86 10.19
C ARG D 735 -41.09 -0.04 11.39
N VAL D 736 -42.25 -0.41 11.85
CA VAL D 736 -42.98 0.25 12.90
C VAL D 736 -42.95 -0.61 14.20
N ASN D 737 -42.15 -1.69 14.16
CA ASN D 737 -42.01 -2.64 15.28
C ASN D 737 -40.71 -2.38 16.02
N PHE D 738 -40.71 -2.65 17.33
CA PHE D 738 -39.58 -2.46 18.22
C PHE D 738 -39.20 -3.78 18.91
N VAL D 739 -37.96 -3.88 19.31
CA VAL D 739 -37.42 -5.11 19.84
C VAL D 739 -36.42 -4.88 21.03
N ARG D 740 -36.38 -5.78 22.03
CA ARG D 740 -35.44 -5.71 23.18
C ARG D 740 -34.53 -6.97 23.21
N LEU D 741 -33.35 -6.87 23.84
CA LEU D 741 -32.39 -7.98 23.86
C LEU D 741 -32.27 -8.64 25.25
N GLU D 742 -32.49 -9.95 25.34
CA GLU D 742 -32.32 -10.70 26.60
C GLU D 742 -31.22 -11.68 26.34
N LYS D 743 -30.31 -11.81 27.30
CA LYS D 743 -29.21 -12.74 27.14
C LYS D 743 -29.72 -14.20 27.12
N ALA D 744 -29.08 -15.03 26.28
CA ALA D 744 -29.46 -16.43 26.11
C ALA D 744 -28.23 -17.30 25.89
N GLU D 745 -28.37 -18.60 26.13
CA GLU D 745 -27.29 -19.57 25.93
C GLU D 745 -27.13 -19.87 24.44
N ARG D 746 -25.88 -20.16 24.04
CA ARG D 746 -25.56 -20.53 22.66
C ARG D 746 -26.40 -21.80 22.35
N PRO D 747 -27.06 -21.87 21.17
CA PRO D 747 -27.88 -23.04 20.93
C PRO D 747 -27.21 -24.36 20.58
N ARG D 748 -27.92 -25.46 20.86
CA ARG D 748 -27.46 -26.83 20.60
C ARG D 748 -28.15 -27.24 19.30
N LEU D 749 -27.38 -27.54 18.25
CA LEU D 749 -27.99 -27.84 16.96
C LEU D 749 -27.28 -28.98 16.21
N PRO D 750 -28.01 -29.71 15.34
CA PRO D 750 -27.26 -30.76 14.65
C PRO D 750 -26.15 -30.23 13.72
N SER D 751 -25.16 -31.07 13.42
CA SER D 751 -24.10 -30.67 12.52
C SER D 751 -24.72 -30.54 11.14
N LEU D 752 -24.45 -29.40 10.53
CA LEU D 752 -24.93 -29.03 9.22
C LEU D 752 -24.20 -29.81 8.09
N THR D 753 -22.93 -30.12 8.29
CA THR D 753 -22.15 -30.87 7.30
C THR D 753 -22.68 -32.33 7.27
N GLY D 754 -22.96 -32.87 8.47
CA GLY D 754 -23.51 -34.20 8.63
C GLY D 754 -24.86 -34.31 7.92
N LEU D 755 -25.69 -33.28 8.06
CA LEU D 755 -26.96 -33.25 7.36
C LEU D 755 -26.70 -33.01 5.83
N ALA D 756 -25.72 -32.21 5.46
CA ALA D 756 -25.49 -31.96 4.01
C ALA D 756 -25.10 -33.21 3.21
N LYS D 757 -24.48 -34.15 3.90
CA LYS D 757 -23.97 -35.41 3.32
C LYS D 757 -24.95 -36.55 2.94
N ARG D 758 -26.13 -36.57 3.57
CA ARG D 758 -27.18 -37.52 3.24
C ARG D 758 -27.27 -37.48 1.74
N PRO D 759 -27.14 -38.65 1.08
CA PRO D 759 -27.21 -38.72 -0.38
C PRO D 759 -28.63 -38.56 -0.94
N PHE D 760 -28.73 -38.00 -2.14
CA PHE D 760 -30.01 -37.83 -2.80
C PHE D 760 -30.41 -39.10 -3.54
N ASP D 761 -31.45 -39.74 -3.02
CA ASP D 761 -32.03 -40.98 -3.54
C ASP D 761 -33.24 -40.65 -4.46
N GLU D 762 -33.00 -40.71 -5.76
CA GLU D 762 -33.96 -40.45 -6.86
C GLU D 762 -35.18 -41.39 -6.87
N ARG D 763 -35.15 -42.36 -5.94
CA ARG D 763 -36.04 -43.53 -5.82
C ARG D 763 -36.16 -44.21 -7.20
N ARG D 764 -37.13 -43.96 -7.94
N MET E 1 5.39 -22.13 -20.18
CA MET E 1 6.10 -20.91 -20.67
C MET E 1 5.42 -19.51 -20.34
N PRO E 2 4.05 -19.45 -20.10
CA PRO E 2 3.40 -18.18 -19.72
C PRO E 2 3.52 -18.19 -18.15
N ARG E 3 2.97 -17.17 -17.46
CA ARG E 3 2.91 -17.11 -15.98
C ARG E 3 1.45 -16.79 -15.60
N TYR E 4 0.67 -17.81 -15.28
CA TYR E 4 -0.75 -17.67 -14.95
C TYR E 4 -1.14 -16.90 -13.72
N ALA E 5 -2.01 -15.90 -13.88
CA ALA E 5 -2.47 -15.13 -12.72
C ALA E 5 -3.90 -14.58 -12.72
N MET E 6 -4.32 -14.24 -11.51
CA MET E 6 -5.65 -13.77 -11.16
C MET E 6 -5.54 -12.40 -10.48
N ALA E 7 -6.40 -11.45 -10.82
CA ALA E 7 -6.41 -10.17 -10.14
C ALA E 7 -7.84 -9.87 -9.69
N ILE E 8 -7.98 -9.31 -8.49
CA ILE E 8 -9.27 -8.95 -7.94
C ILE E 8 -9.31 -7.48 -7.55
N ASP E 9 -10.18 -6.75 -8.21
CA ASP E 9 -10.33 -5.32 -7.96
C ASP E 9 -11.26 -5.14 -6.76
N LEU E 10 -10.72 -4.91 -5.57
CA LEU E 10 -11.49 -4.75 -4.31
C LEU E 10 -12.36 -3.47 -4.26
N SER E 11 -12.14 -2.52 -5.17
CA SER E 11 -12.95 -1.30 -5.19
C SER E 11 -14.35 -1.65 -5.77
N LEU E 12 -14.43 -2.77 -6.49
CA LEU E 12 -15.69 -3.25 -7.11
C LEU E 12 -16.30 -4.51 -6.42
N CYS E 13 -15.49 -5.28 -5.69
CA CYS E 13 -16.00 -6.46 -4.98
C CYS E 13 -17.02 -6.00 -3.92
N VAL E 14 -18.20 -6.63 -3.94
CA VAL E 14 -19.28 -6.39 -3.00
C VAL E 14 -19.44 -7.64 -2.12
N GLY E 15 -18.63 -8.66 -2.34
CA GLY E 15 -18.70 -9.85 -1.51
C GLY E 15 -20.00 -10.66 -1.44
N CYS E 16 -20.75 -10.64 -2.55
CA CYS E 16 -22.00 -11.42 -2.80
C CYS E 16 -21.29 -12.79 -2.90
N ALA E 17 -21.73 -13.97 -2.56
CA ALA E 17 -20.64 -14.97 -2.83
C ALA E 17 -20.75 -15.81 -4.11
N ALA E 18 -20.93 -15.16 -5.25
CA ALA E 18 -21.17 -15.86 -6.52
C ALA E 18 -20.11 -16.77 -7.09
N CYS E 19 -18.88 -16.30 -6.99
CA CYS E 19 -17.65 -16.97 -7.42
C CYS E 19 -17.54 -18.21 -6.51
N ALA E 20 -17.64 -18.00 -5.20
CA ALA E 20 -17.59 -19.09 -4.24
C ALA E 20 -18.61 -20.19 -4.54
N VAL E 21 -19.85 -19.84 -4.88
CA VAL E 21 -20.87 -20.85 -5.18
C VAL E 21 -20.65 -21.48 -6.58
N ALA E 22 -20.23 -20.70 -7.56
CA ALA E 22 -19.93 -21.22 -8.91
C ALA E 22 -18.82 -22.34 -8.85
N CYS E 23 -17.78 -22.10 -8.04
CA CYS E 23 -16.68 -23.06 -7.74
C CYS E 23 -17.26 -24.41 -7.18
N LYS E 24 -17.98 -24.36 -6.06
CA LYS E 24 -18.64 -25.54 -5.44
C LYS E 24 -19.51 -26.41 -6.37
N MET E 25 -20.11 -25.80 -7.38
CA MET E 25 -20.98 -26.52 -8.30
C MET E 25 -20.19 -27.27 -9.37
N GLU E 26 -19.24 -26.53 -9.95
CA GLU E 26 -18.30 -26.96 -11.00
C GLU E 26 -17.35 -28.10 -10.61
N ASN E 27 -16.63 -27.91 -9.52
CA ASN E 27 -15.64 -28.84 -9.04
C ASN E 27 -16.21 -29.81 -8.01
N GLU E 28 -17.53 -29.76 -7.89
CA GLU E 28 -18.27 -30.60 -6.99
C GLU E 28 -17.47 -30.72 -5.69
N VAL E 29 -17.08 -29.59 -5.10
CA VAL E 29 -16.33 -29.57 -3.84
C VAL E 29 -17.36 -30.03 -2.79
N PRO E 30 -17.01 -31.05 -1.96
CA PRO E 30 -17.80 -31.69 -0.89
C PRO E 30 -18.19 -30.78 0.29
N PRO E 31 -19.29 -31.11 1.06
CA PRO E 31 -19.70 -30.29 2.22
C PRO E 31 -18.59 -30.13 3.30
N GLY E 32 -18.43 -28.94 3.88
CA GLY E 32 -17.45 -28.72 4.93
C GLY E 32 -16.08 -28.20 4.54
N VAL E 33 -15.80 -28.20 3.24
CA VAL E 33 -14.52 -27.72 2.75
C VAL E 33 -14.72 -26.78 1.54
N PHE E 34 -13.78 -25.87 1.35
CA PHE E 34 -13.89 -24.80 0.36
C PHE E 34 -12.63 -24.48 -0.46
N ASN E 35 -12.73 -24.39 -1.79
CA ASN E 35 -11.57 -23.98 -2.58
C ASN E 35 -11.46 -22.44 -2.48
N LEU E 36 -12.61 -21.80 -2.30
CA LEU E 36 -12.78 -20.34 -2.27
C LEU E 36 -13.80 -19.92 -1.22
N TRP E 37 -13.50 -18.85 -0.48
CA TRP E 37 -14.36 -18.27 0.56
C TRP E 37 -14.19 -16.72 0.57
N ILE E 38 -15.12 -15.98 1.17
CA ILE E 38 -15.07 -14.50 1.24
C ILE E 38 -14.81 -14.06 2.72
N ARG E 39 -14.02 -13.02 2.93
CA ARG E 39 -13.71 -12.49 4.27
C ARG E 39 -14.18 -11.04 4.20
N GLU E 40 -14.92 -10.57 5.20
CA GLU E 40 -15.48 -9.20 5.23
C GLU E 40 -15.08 -8.58 6.56
N ARG E 41 -14.44 -7.42 6.54
CA ARG E 41 -13.98 -6.76 7.76
C ARG E 41 -14.22 -5.22 7.73
N GLU E 42 -14.68 -4.65 8.85
CA GLU E 42 -14.89 -3.19 8.99
C GLU E 42 -13.65 -2.56 9.69
N VAL E 43 -13.28 -1.32 9.33
CA VAL E 43 -12.15 -0.54 9.88
C VAL E 43 -12.95 0.67 10.23
N GLY E 44 -12.93 1.00 11.51
CA GLY E 44 -13.95 1.90 11.94
C GLY E 44 -14.06 3.30 12.42
N GLU E 45 -15.26 3.65 12.87
CA GLU E 45 -15.65 4.99 13.38
C GLU E 45 -16.26 5.93 12.32
N TYR E 46 -17.55 6.25 12.47
CA TYR E 46 -18.40 7.07 11.56
C TYR E 46 -17.95 7.88 10.32
N PRO E 47 -17.37 9.12 10.50
CA PRO E 47 -16.94 9.92 9.35
C PRO E 47 -15.90 9.20 8.50
N ASN E 48 -15.37 8.15 9.09
CA ASN E 48 -14.28 7.36 8.52
C ASN E 48 -14.44 5.82 8.60
N LEU E 49 -15.61 5.31 8.20
CA LEU E 49 -15.92 3.88 8.18
C LEU E 49 -15.43 3.32 6.83
N VAL E 50 -14.77 2.14 6.83
CA VAL E 50 -14.31 1.44 5.62
C VAL E 50 -14.63 -0.10 5.74
N VAL E 51 -15.20 -0.73 4.70
CA VAL E 51 -15.48 -2.21 4.69
C VAL E 51 -14.73 -2.83 3.51
N GLU E 52 -13.95 -3.87 3.82
CA GLU E 52 -13.15 -4.60 2.86
C GLU E 52 -13.81 -5.96 2.61
N PHE E 53 -14.16 -6.23 1.35
CA PHE E 53 -14.74 -7.50 0.92
C PHE E 53 -13.57 -8.15 0.19
N ARG E 54 -13.16 -9.32 0.67
CA ARG E 54 -11.98 -9.99 0.15
C ARG E 54 -12.14 -11.50 -0.14
N PRO E 55 -12.14 -11.90 -1.44
CA PRO E 55 -12.27 -13.34 -1.68
C PRO E 55 -10.87 -14.01 -1.49
N GLU E 56 -10.80 -15.17 -0.82
CA GLU E 56 -9.52 -15.84 -0.61
C GLU E 56 -9.52 -17.26 -1.23
N GLN E 57 -8.37 -17.73 -1.71
CA GLN E 57 -8.21 -19.06 -2.34
C GLN E 57 -6.70 -19.28 -2.59
N CYS E 58 -6.33 -20.42 -3.19
CA CYS E 58 -4.92 -20.69 -3.54
C CYS E 58 -4.46 -19.54 -4.47
N LEU E 59 -3.31 -18.97 -4.13
CA LEU E 59 -2.69 -17.86 -4.84
C LEU E 59 -1.70 -18.40 -5.87
N HIS E 60 -1.55 -19.71 -5.91
CA HIS E 60 -0.65 -20.38 -6.84
C HIS E 60 0.67 -19.58 -6.84
N CYS E 61 1.27 -19.51 -5.64
CA CYS E 61 2.51 -18.80 -5.33
C CYS E 61 3.65 -19.14 -6.29
N GLU E 62 4.50 -18.20 -6.62
CA GLU E 62 5.57 -18.52 -7.57
C GLU E 62 6.71 -19.28 -6.91
N ASN E 63 6.75 -19.25 -5.60
CA ASN E 63 7.81 -19.88 -4.83
C ASN E 63 7.04 -20.54 -3.67
N PRO E 64 6.19 -21.58 -4.01
CA PRO E 64 5.35 -22.30 -3.04
C PRO E 64 5.91 -23.14 -1.92
N PRO E 65 5.65 -22.72 -0.67
CA PRO E 65 6.22 -23.57 0.37
C PRO E 65 5.64 -25.02 0.50
N CYS E 66 4.48 -25.28 -0.12
CA CYS E 66 3.77 -26.59 -0.06
C CYS E 66 4.29 -27.75 -0.95
N VAL E 67 5.09 -27.38 -1.95
CA VAL E 67 5.73 -28.29 -2.92
C VAL E 67 6.98 -29.01 -2.26
N PRO E 68 8.07 -28.27 -1.87
CA PRO E 68 9.30 -28.81 -1.24
C PRO E 68 9.17 -29.77 -0.04
N VAL E 69 8.05 -29.62 0.63
CA VAL E 69 7.70 -30.29 1.86
C VAL E 69 7.08 -31.70 1.69
N CYS E 70 6.58 -31.95 0.48
CA CYS E 70 5.94 -33.20 0.06
C CYS E 70 6.95 -34.38 -0.09
N PRO E 71 6.72 -35.53 0.59
CA PRO E 71 7.66 -36.66 0.47
C PRO E 71 7.48 -37.52 -0.79
N THR E 72 6.24 -37.57 -1.20
CA THR E 72 5.79 -38.35 -2.33
C THR E 72 6.05 -37.75 -3.74
N GLY E 73 5.91 -36.44 -3.88
CA GLY E 73 6.06 -35.77 -5.16
C GLY E 73 4.70 -35.47 -5.81
N ALA E 74 3.61 -35.70 -5.07
CA ALA E 74 2.23 -35.47 -5.54
C ALA E 74 1.88 -33.96 -5.67
N SER E 75 2.62 -33.15 -4.92
CA SER E 75 2.51 -31.68 -4.87
C SER E 75 3.57 -31.20 -5.85
N TYR E 76 3.19 -30.70 -7.02
CA TYR E 76 4.16 -30.27 -8.03
C TYR E 76 3.80 -28.90 -8.58
N GLN E 77 4.77 -28.18 -9.13
CA GLN E 77 4.54 -26.86 -9.69
C GLN E 77 4.76 -27.03 -11.19
N THR E 78 3.79 -26.58 -11.97
CA THR E 78 3.75 -26.72 -13.42
C THR E 78 4.60 -25.74 -14.24
N LYS E 79 4.84 -26.00 -15.52
CA LYS E 79 5.68 -25.08 -16.32
C LYS E 79 5.15 -23.63 -16.52
N ASP E 80 3.83 -23.43 -16.35
CA ASP E 80 3.18 -22.10 -16.46
C ASP E 80 2.76 -21.50 -15.12
N GLY E 81 3.09 -22.17 -14.02
CA GLY E 81 2.79 -21.65 -12.71
C GLY E 81 1.53 -22.02 -11.93
N LEU E 82 1.06 -23.25 -12.09
CA LEU E 82 -0.09 -23.75 -11.35
C LEU E 82 0.47 -24.71 -10.33
N VAL E 83 -0.03 -24.69 -9.11
CA VAL E 83 0.38 -25.66 -8.11
C VAL E 83 -0.84 -26.64 -8.14
N LEU E 84 -0.57 -27.92 -8.36
CA LEU E 84 -1.59 -28.98 -8.45
C LEU E 84 -1.23 -30.19 -7.58
N VAL E 85 -2.18 -31.10 -7.38
CA VAL E 85 -1.93 -32.34 -6.63
C VAL E 85 -2.31 -33.50 -7.53
N ASP E 86 -1.44 -34.51 -7.61
CA ASP E 86 -1.68 -35.75 -8.35
C ASP E 86 -2.11 -36.68 -7.20
N PRO E 87 -3.41 -37.05 -7.14
CA PRO E 87 -3.87 -37.91 -6.05
C PRO E 87 -3.39 -39.37 -5.99
N LYS E 88 -2.73 -39.77 -7.05
CA LYS E 88 -2.20 -41.11 -7.19
C LYS E 88 -1.00 -41.36 -6.29
N LYS E 89 -0.20 -40.33 -6.07
CA LYS E 89 0.97 -40.41 -5.20
C LYS E 89 0.71 -39.84 -3.78
N CYS E 90 -0.44 -39.21 -3.57
CA CYS E 90 -0.72 -38.60 -2.25
C CYS E 90 -0.97 -39.59 -1.08
N ILE E 91 -0.18 -39.47 -0.01
CA ILE E 91 -0.29 -40.31 1.17
C ILE E 91 -1.07 -39.64 2.32
N ALA E 92 -1.74 -38.52 2.00
CA ALA E 92 -2.53 -37.71 2.95
C ALA E 92 -1.84 -37.52 4.34
N CYS E 93 -0.59 -37.05 4.33
CA CYS E 93 0.24 -36.78 5.53
C CYS E 93 0.07 -35.35 6.11
N GLY E 94 -0.48 -34.43 5.33
CA GLY E 94 -0.68 -33.05 5.74
C GLY E 94 0.53 -32.10 5.76
N ALA E 95 1.70 -32.52 5.30
CA ALA E 95 2.86 -31.63 5.38
C ALA E 95 2.69 -30.30 4.65
N CYS E 96 1.97 -30.37 3.52
CA CYS E 96 1.66 -29.23 2.66
C CYS E 96 0.65 -28.26 3.35
N ILE E 97 -0.32 -28.82 4.08
CA ILE E 97 -1.29 -28.01 4.82
C ILE E 97 -0.49 -27.25 5.92
N ALA E 98 0.44 -27.92 6.60
CA ALA E 98 1.29 -27.26 7.60
C ALA E 98 2.16 -26.11 6.99
N ALA E 99 2.67 -26.31 5.78
CA ALA E 99 3.51 -25.32 5.11
C ALA E 99 2.74 -24.20 4.30
N CYS E 100 1.45 -24.39 4.05
CA CYS E 100 0.63 -23.39 3.34
C CYS E 100 0.30 -22.25 4.35
N PRO E 101 0.65 -20.97 4.04
CA PRO E 101 0.39 -19.83 4.94
C PRO E 101 -1.00 -19.18 4.91
N TYR E 102 -1.83 -19.69 4.00
CA TYR E 102 -3.13 -19.12 3.65
C TYR E 102 -4.44 -19.91 3.88
N ASP E 103 -4.32 -21.11 4.42
CA ASP E 103 -5.44 -22.03 4.69
C ASP E 103 -6.21 -22.44 3.42
N ALA E 104 -5.50 -22.54 2.30
CA ALA E 104 -6.12 -22.86 1.00
C ALA E 104 -6.34 -24.36 0.70
N ARG E 105 -5.69 -25.20 1.51
CA ARG E 105 -5.66 -26.67 1.41
C ARG E 105 -6.53 -27.52 2.34
N TYR E 106 -7.15 -28.58 1.84
CA TYR E 106 -7.93 -29.49 2.68
C TYR E 106 -7.79 -30.98 2.29
N LEU E 107 -8.15 -31.83 3.25
CA LEU E 107 -8.17 -33.27 3.08
C LEU E 107 -9.54 -33.62 2.44
N HIS E 108 -9.53 -34.17 1.24
CA HIS E 108 -10.77 -34.57 0.57
C HIS E 108 -11.29 -35.87 1.27
N PRO E 109 -12.63 -36.04 1.43
CA PRO E 109 -13.17 -37.26 2.07
C PRO E 109 -12.85 -38.58 1.32
N ALA E 110 -12.24 -38.46 0.14
CA ALA E 110 -11.81 -39.60 -0.65
C ALA E 110 -10.32 -39.95 -0.38
N GLY E 111 -9.76 -39.40 0.70
CA GLY E 111 -8.39 -39.67 1.13
C GLY E 111 -7.13 -39.07 0.53
N TYR E 112 -7.25 -37.87 0.00
CA TYR E 112 -6.14 -37.12 -0.60
C TYR E 112 -6.40 -35.61 -0.43
N VAL E 113 -5.33 -34.81 -0.49
CA VAL E 113 -5.38 -33.37 -0.29
C VAL E 113 -5.85 -32.63 -1.55
N SER E 114 -6.70 -31.63 -1.36
CA SER E 114 -7.26 -30.86 -2.48
C SER E 114 -7.28 -29.36 -2.20
N LYS E 115 -7.57 -28.57 -3.23
CA LYS E 115 -7.51 -27.12 -3.12
C LYS E 115 -7.87 -26.63 -4.51
N CYS E 116 -8.07 -25.33 -4.66
CA CYS E 116 -8.34 -24.65 -5.94
C CYS E 116 -7.24 -25.10 -6.92
N THR E 117 -7.64 -25.17 -8.17
CA THR E 117 -6.89 -25.77 -9.25
C THR E 117 -6.64 -24.87 -10.47
N PHE E 118 -6.99 -23.60 -10.33
CA PHE E 118 -7.04 -22.60 -11.40
C PHE E 118 -7.93 -23.13 -12.55
N CYS E 119 -8.86 -24.03 -12.23
CA CYS E 119 -9.74 -24.67 -13.21
C CYS E 119 -8.88 -25.24 -14.35
N ALA E 120 -7.88 -26.05 -13.99
CA ALA E 120 -6.98 -26.68 -14.96
C ALA E 120 -7.79 -27.33 -16.11
N HIS E 121 -8.85 -28.07 -15.76
CA HIS E 121 -9.74 -28.75 -16.72
C HIS E 121 -10.34 -27.82 -17.81
N ARG E 122 -10.49 -26.55 -17.49
CA ARG E 122 -11.03 -25.57 -18.43
C ARG E 122 -9.96 -24.84 -19.21
N LEU E 123 -8.82 -24.64 -18.56
CA LEU E 123 -7.70 -23.94 -19.16
C LEU E 123 -7.18 -24.71 -20.38
N GLU E 124 -7.18 -26.03 -20.32
CA GLU E 124 -6.72 -26.83 -21.46
C GLU E 124 -7.75 -26.77 -22.62
N LYS E 125 -9.05 -26.76 -22.35
CA LYS E 125 -10.01 -26.67 -23.45
C LYS E 125 -10.14 -25.19 -23.92
N GLY E 126 -9.27 -24.31 -23.42
CA GLY E 126 -9.29 -22.92 -23.82
C GLY E 126 -10.36 -21.99 -23.25
N LYS E 127 -10.81 -22.30 -22.04
CA LYS E 127 -11.82 -21.51 -21.34
C LYS E 127 -11.28 -20.80 -20.08
N VAL E 128 -12.02 -19.82 -19.58
CA VAL E 128 -11.64 -19.09 -18.37
C VAL E 128 -12.30 -19.78 -17.17
N PRO E 129 -11.66 -19.70 -15.98
CA PRO E 129 -12.19 -20.33 -14.76
C PRO E 129 -13.69 -19.98 -14.52
N ALA E 130 -14.39 -20.83 -13.78
CA ALA E 130 -15.81 -20.69 -13.43
C ALA E 130 -16.17 -19.47 -12.55
N CYS E 131 -15.27 -19.11 -11.63
CA CYS E 131 -15.45 -17.95 -10.75
C CYS E 131 -15.32 -16.61 -11.52
N VAL E 132 -14.42 -16.61 -12.49
CA VAL E 132 -14.12 -15.47 -13.37
C VAL E 132 -15.29 -15.29 -14.33
N GLU E 133 -15.87 -16.39 -14.77
CA GLU E 133 -17.02 -16.41 -15.69
C GLU E 133 -18.33 -15.82 -15.11
N THR E 134 -18.70 -16.27 -13.91
CA THR E 134 -19.93 -15.84 -13.24
C THR E 134 -19.97 -14.42 -12.65
N CYS E 135 -18.79 -13.84 -12.38
CA CYS E 135 -18.70 -12.54 -11.68
C CYS E 135 -19.54 -11.39 -12.24
N PRO E 136 -20.61 -11.01 -11.49
CA PRO E 136 -21.54 -9.95 -11.81
C PRO E 136 -20.87 -8.57 -11.85
N THR E 137 -19.96 -8.31 -10.91
CA THR E 137 -19.30 -7.02 -10.87
C THR E 137 -18.09 -6.80 -11.80
N TYR E 138 -17.69 -7.79 -12.58
CA TYR E 138 -16.55 -7.65 -13.51
C TYR E 138 -15.24 -7.29 -12.77
N CYS E 139 -15.16 -7.66 -11.50
CA CYS E 139 -13.98 -7.33 -10.75
C CYS E 139 -12.83 -8.35 -10.84
N ARG E 140 -13.08 -9.60 -11.22
CA ARG E 140 -11.94 -10.51 -11.35
C ARG E 140 -11.53 -10.77 -12.80
N THR E 141 -10.21 -10.74 -13.03
CA THR E 141 -9.56 -10.98 -14.32
C THR E 141 -8.51 -12.08 -14.24
N PHE E 142 -8.18 -12.66 -15.39
CA PHE E 142 -7.27 -13.78 -15.48
C PHE E 142 -6.43 -13.78 -16.77
N GLY E 143 -5.33 -14.52 -16.78
CA GLY E 143 -4.47 -14.62 -17.93
C GLY E 143 -3.01 -14.86 -17.66
N ASP E 144 -2.21 -14.73 -18.72
CA ASP E 144 -0.77 -14.88 -18.66
C ASP E 144 -0.17 -13.49 -18.39
N LEU E 145 0.51 -13.37 -17.25
CA LEU E 145 1.21 -12.16 -16.76
C LEU E 145 2.13 -11.54 -17.86
N GLU E 146 2.84 -12.38 -18.63
CA GLU E 146 3.78 -11.98 -19.72
C GLU E 146 3.16 -11.54 -21.05
N ASP E 147 1.89 -11.85 -21.25
CA ASP E 147 1.20 -11.39 -22.46
C ASP E 147 0.49 -10.09 -22.01
N PRO E 148 0.90 -8.90 -22.55
CA PRO E 148 0.34 -7.57 -22.23
C PRO E 148 -1.10 -7.26 -22.78
N GLU E 149 -1.71 -8.23 -23.47
CA GLU E 149 -3.09 -8.13 -23.98
C GLU E 149 -4.04 -8.87 -23.03
N SER E 150 -3.44 -9.63 -22.11
CA SER E 150 -4.11 -10.39 -21.06
C SER E 150 -5.04 -9.54 -20.19
N PRO E 151 -6.20 -10.09 -19.78
CA PRO E 151 -7.01 -9.24 -18.91
C PRO E 151 -6.25 -9.01 -17.52
N VAL E 152 -5.43 -9.95 -16.99
CA VAL E 152 -4.69 -9.63 -15.72
C VAL E 152 -3.68 -8.49 -15.90
N ALA E 153 -2.93 -8.58 -17.00
CA ALA E 153 -1.88 -7.63 -17.37
C ALA E 153 -2.34 -6.18 -17.53
N LYS E 154 -3.49 -6.01 -18.16
CA LYS E 154 -4.09 -4.71 -18.41
C LYS E 154 -4.66 -4.07 -17.14
N ALA E 155 -5.16 -4.92 -16.25
CA ALA E 155 -5.74 -4.50 -14.97
C ALA E 155 -4.62 -4.11 -13.98
N LEU E 156 -3.58 -4.93 -13.91
CA LEU E 156 -2.42 -4.59 -13.09
C LEU E 156 -1.96 -3.19 -13.58
N LYS E 157 -1.80 -2.99 -14.88
CA LYS E 157 -1.40 -1.67 -15.39
C LYS E 157 -2.33 -0.51 -15.00
N ALA E 158 -3.64 -0.75 -14.98
CA ALA E 158 -4.61 0.30 -14.65
C ALA E 158 -4.83 0.57 -13.15
N ALA E 159 -4.40 -0.36 -12.30
CA ALA E 159 -4.58 -0.21 -10.85
C ALA E 159 -3.88 1.00 -10.25
N GLU E 160 -4.52 1.57 -9.24
CA GLU E 160 -4.00 2.71 -8.51
C GLU E 160 -2.99 2.11 -7.48
N ARG E 161 -3.27 0.90 -6.98
CA ARG E 161 -2.40 0.21 -6.00
C ARG E 161 -2.52 -1.33 -6.12
N VAL E 162 -1.46 -2.07 -5.80
CA VAL E 162 -1.45 -3.55 -5.89
C VAL E 162 -0.92 -4.16 -4.59
N ASP E 163 -1.61 -5.15 -4.05
CA ASP E 163 -1.23 -5.79 -2.79
C ASP E 163 -1.33 -7.32 -2.86
N VAL E 164 -0.79 -7.97 -1.82
CA VAL E 164 -0.72 -9.41 -1.77
C VAL E 164 -0.74 -9.79 -0.29
N LEU E 165 -1.28 -10.97 0.03
CA LEU E 165 -1.37 -11.46 1.43
C LEU E 165 0.01 -11.98 1.94
N ARG E 166 0.40 -11.67 3.17
CA ARG E 166 1.68 -12.07 3.81
C ARG E 166 2.88 -11.96 2.86
N PRO E 167 3.15 -10.74 2.32
CA PRO E 167 4.30 -10.70 1.42
C PRO E 167 5.62 -11.07 2.13
N GLU E 168 5.70 -10.74 3.42
CA GLU E 168 6.91 -11.02 4.19
C GLU E 168 7.31 -12.51 4.14
N GLN E 169 6.40 -13.38 3.71
CA GLN E 169 6.73 -14.82 3.59
C GLN E 169 7.50 -15.08 2.29
N GLY E 170 8.03 -16.27 2.13
CA GLY E 170 8.78 -16.38 0.92
C GLY E 170 8.08 -16.36 -0.43
N THR E 171 6.75 -16.46 -0.41
CA THR E 171 6.05 -16.91 -1.62
C THR E 171 5.74 -16.41 -3.02
N ARG E 172 5.68 -15.11 -3.19
CA ARG E 172 5.38 -14.51 -4.46
C ARG E 172 4.00 -14.92 -5.00
N PRO E 173 2.93 -14.58 -4.22
CA PRO E 173 1.54 -14.87 -4.56
C PRO E 173 1.22 -14.36 -5.97
N LYS E 174 0.56 -15.18 -6.77
CA LYS E 174 0.15 -14.84 -8.13
C LYS E 174 -1.37 -14.54 -8.25
N LEU E 175 -1.94 -14.04 -7.15
CA LEU E 175 -3.34 -13.58 -7.04
C LEU E 175 -3.09 -12.20 -6.41
N PHE E 176 -3.46 -11.17 -7.16
CA PHE E 176 -3.24 -9.77 -6.84
C PHE E 176 -4.50 -9.00 -6.50
N TYR E 177 -4.49 -8.34 -5.36
CA TYR E 177 -5.65 -7.57 -4.95
C TYR E 177 -5.46 -6.19 -5.48
N LEU E 178 -6.37 -5.71 -6.30
CA LEU E 178 -6.12 -4.40 -6.78
C LEU E 178 -6.50 -3.31 -5.78
N ASN E 179 -7.32 -2.36 -6.19
CA ASN E 179 -7.58 -1.18 -5.36
C ASN E 179 -8.14 -1.24 -3.95
N ALA E 180 -7.30 -1.71 -3.02
CA ALA E 180 -7.64 -1.87 -1.59
C ALA E 180 -8.34 -0.66 -1.02
N PRO E 181 -9.51 -0.85 -0.36
CA PRO E 181 -10.27 0.25 0.23
C PRO E 181 -9.67 1.04 1.45
N SER E 182 -8.94 0.40 2.34
CA SER E 182 -8.33 1.16 3.44
C SER E 182 -6.93 1.69 2.99
N LYS E 183 -6.63 2.94 3.32
CA LYS E 183 -5.35 3.63 3.03
C LYS E 183 -4.08 2.92 3.54
N LYS E 184 -4.25 2.12 4.59
CA LYS E 184 -3.13 1.38 5.13
C LYS E 184 -2.95 0.06 4.43
N GLY E 185 -3.78 -0.25 3.45
CA GLY E 185 -3.66 -1.51 2.76
C GLY E 185 -4.59 -2.60 3.25
N LEU E 186 -4.31 -3.85 2.88
CA LEU E 186 -5.07 -5.02 3.27
C LEU E 186 -5.07 -5.17 4.78
N THR E 187 -6.29 -5.34 5.24
CA THR E 187 -6.74 -5.54 6.58
C THR E 187 -6.03 -6.76 7.27
N ARG E 188 -5.64 -6.66 8.54
CA ARG E 188 -4.99 -7.76 9.28
C ARG E 188 -5.70 -7.86 10.64
N GLU E 189 -5.74 -9.05 11.22
CA GLU E 189 -6.35 -9.22 12.54
C GLU E 189 -5.50 -8.55 13.67
N SER E 190 -4.17 -8.48 13.54
CA SER E 190 -3.33 -7.83 14.57
C SER E 190 -3.58 -6.32 14.66
N GLU E 191 -3.95 -5.72 13.53
CA GLU E 191 -4.30 -4.30 13.46
C GLU E 191 -5.67 -4.01 14.18
N VAL E 192 -6.45 -5.05 14.51
CA VAL E 192 -7.70 -4.86 15.31
C VAL E 192 -7.23 -5.02 16.79
N HIS E 193 -6.87 -6.25 17.19
CA HIS E 193 -6.31 -6.61 18.52
C HIS E 193 -4.94 -7.37 18.31
N HIS E 194 -3.96 -6.70 17.93
N ALA F 2 -13.07 -10.82 9.66
CA ALA F 2 -13.85 -11.13 10.88
C ALA F 2 -15.21 -11.84 10.58
N GLU F 3 -15.89 -11.56 9.46
CA GLU F 3 -17.12 -12.33 9.10
C GLU F 3 -16.81 -13.08 7.77
N PHE F 4 -17.33 -14.28 7.54
CA PHE F 4 -17.07 -15.05 6.30
C PHE F 4 -18.33 -15.56 5.56
N TYR F 5 -18.19 -15.87 4.26
CA TYR F 5 -19.23 -16.60 3.52
C TYR F 5 -18.36 -17.81 3.18
N GLY F 6 -18.70 -18.97 3.74
CA GLY F 6 -17.88 -20.16 3.59
C GLY F 6 -16.85 -20.09 4.75
N LEU F 7 -15.72 -20.77 4.64
CA LEU F 7 -14.74 -20.68 5.73
C LEU F 7 -13.34 -21.06 5.29
N PRO F 8 -12.31 -20.42 5.89
CA PRO F 8 -10.94 -20.79 5.51
C PRO F 8 -10.72 -22.22 6.11
N ASN F 9 -9.92 -23.04 5.45
CA ASN F 9 -9.60 -24.38 5.93
C ASN F 9 -8.52 -24.27 7.05
N ALA F 10 -8.88 -23.66 8.18
CA ALA F 10 -7.97 -23.45 9.32
C ALA F 10 -8.19 -24.46 10.47
N GLN F 11 -8.81 -25.58 10.12
CA GLN F 11 -9.11 -26.70 11.03
C GLN F 11 -7.83 -27.52 11.40
N GLU F 12 -7.75 -28.04 12.62
CA GLU F 12 -6.61 -28.90 13.04
C GLU F 12 -6.31 -29.97 11.90
N PHE F 13 -5.05 -30.21 11.54
CA PHE F 13 -4.71 -31.18 10.48
C PHE F 13 -3.98 -32.48 11.01
N TRP F 14 -3.32 -32.38 12.16
CA TRP F 14 -2.63 -33.50 12.82
C TRP F 14 -3.30 -33.65 14.19
N HIS F 15 -4.06 -34.71 14.34
CA HIS F 15 -4.86 -34.97 15.53
C HIS F 15 -4.15 -35.74 16.65
N TRP F 16 -4.86 -35.99 17.75
CA TRP F 16 -4.32 -36.74 18.87
C TRP F 16 -3.57 -38.06 18.46
N THR F 17 -3.85 -38.61 17.28
CA THR F 17 -3.20 -39.85 16.79
C THR F 17 -1.79 -39.62 16.16
N ASN F 18 -1.62 -38.41 15.64
CA ASN F 18 -0.38 -37.98 15.03
C ASN F 18 0.48 -37.24 16.06
N ALA F 19 -0.06 -37.16 17.26
CA ALA F 19 0.65 -36.62 18.38
C ALA F 19 1.13 -37.90 19.10
N LEU F 20 0.43 -39.02 18.93
CA LEU F 20 0.85 -40.28 19.57
C LEU F 20 2.06 -40.87 18.82
N HIS F 21 2.07 -40.73 17.49
CA HIS F 21 3.18 -41.19 16.64
C HIS F 21 4.41 -40.34 16.96
N PHE F 22 4.21 -39.05 17.20
CA PHE F 22 5.33 -38.17 17.53
C PHE F 22 6.06 -38.69 18.77
N VAL F 23 5.32 -39.21 19.74
CA VAL F 23 5.93 -39.75 20.95
C VAL F 23 6.69 -41.07 20.71
N LEU F 24 6.10 -41.98 19.95
CA LEU F 24 6.73 -43.27 19.62
C LEU F 24 7.98 -43.21 18.70
N VAL F 25 8.04 -42.26 17.79
CA VAL F 25 9.20 -42.17 16.89
C VAL F 25 10.36 -41.53 17.66
N GLY F 26 10.04 -40.99 18.82
CA GLY F 26 11.04 -40.41 19.71
C GLY F 26 11.74 -41.64 20.27
N LEU F 27 10.97 -42.50 20.92
CA LEU F 27 11.42 -43.80 21.47
C LEU F 27 12.17 -44.64 20.40
N ALA F 28 11.50 -44.96 19.29
CA ALA F 28 12.10 -45.73 18.18
C ALA F 28 13.49 -45.26 17.72
N GLY F 29 13.68 -43.95 17.62
CA GLY F 29 14.95 -43.40 17.21
C GLY F 29 16.00 -43.37 18.31
N GLY F 30 15.54 -43.10 19.53
CA GLY F 30 16.39 -43.04 20.71
C GLY F 30 17.00 -44.36 21.15
N VAL F 31 16.18 -45.40 21.12
CA VAL F 31 16.57 -46.77 21.43
C VAL F 31 17.48 -47.29 20.28
N ALA F 32 17.13 -47.02 19.02
CA ALA F 32 18.02 -47.42 17.94
C ALA F 32 19.42 -46.77 18.17
N LEU F 33 19.50 -45.60 18.80
CA LEU F 33 20.83 -45.01 19.06
C LEU F 33 21.56 -45.82 20.18
N LEU F 34 20.84 -46.15 21.27
CA LEU F 34 21.36 -46.96 22.39
C LEU F 34 21.96 -48.29 21.82
N ALA F 35 21.16 -49.03 21.06
CA ALA F 35 21.57 -50.27 20.35
C ALA F 35 22.91 -50.19 19.54
N ALA F 36 23.03 -49.24 18.61
CA ALA F 36 24.27 -49.09 17.83
C ALA F 36 25.44 -48.71 18.77
N LEU F 37 25.26 -47.75 19.66
CA LEU F 37 26.34 -47.44 20.59
C LEU F 37 26.72 -48.71 21.42
N LEU F 38 25.74 -49.49 21.91
CA LEU F 38 26.02 -50.73 22.69
C LEU F 38 26.76 -51.77 21.86
N HIS F 39 26.50 -51.75 20.55
CA HIS F 39 27.20 -52.62 19.61
C HIS F 39 28.67 -52.11 19.62
N LEU F 40 28.92 -51.04 18.87
CA LEU F 40 30.21 -50.33 18.76
C LEU F 40 31.14 -50.48 20.00
N LYS F 41 30.53 -50.44 21.20
CA LYS F 41 31.20 -50.57 22.51
C LYS F 41 31.50 -52.03 22.94
N GLY F 42 30.93 -52.99 22.21
CA GLY F 42 31.13 -54.41 22.45
C GLY F 42 30.23 -55.07 23.49
N ASP F 43 29.49 -54.23 24.20
CA ASP F 43 28.60 -54.66 25.27
C ASP F 43 27.66 -55.86 25.05
N ALA F 44 27.66 -56.75 26.04
CA ALA F 44 26.83 -57.94 26.13
C ALA F 44 25.32 -57.67 25.84
N GLU F 45 24.84 -56.48 26.16
CA GLU F 45 23.44 -56.07 25.97
C GLU F 45 23.01 -55.59 24.57
N ALA F 46 23.97 -55.42 23.69
CA ALA F 46 23.78 -54.95 22.31
C ALA F 46 22.71 -55.63 21.44
N ARG F 47 22.28 -56.80 21.89
CA ARG F 47 21.33 -57.68 21.20
C ARG F 47 19.89 -57.53 21.69
N ARG F 48 19.80 -57.47 23.01
CA ARG F 48 18.59 -57.24 23.77
C ARG F 48 18.00 -55.91 23.24
N TYR F 49 18.79 -54.83 23.29
CA TYR F 49 18.37 -53.50 22.78
C TYR F 49 18.22 -53.40 21.24
N THR F 50 18.86 -54.26 20.44
CA THR F 50 18.65 -54.23 18.97
C THR F 50 17.27 -54.85 18.65
N LEU F 51 16.88 -55.91 19.37
CA LEU F 51 15.50 -56.40 19.22
C LEU F 51 14.75 -55.72 20.39
N TYR F 52 14.16 -54.57 20.09
CA TYR F 52 13.30 -53.68 20.93
C TYR F 52 13.10 -52.57 19.92
N ALA F 53 14.23 -52.01 19.51
CA ALA F 53 14.29 -50.95 18.53
C ALA F 53 13.61 -51.40 17.25
N LEU F 54 13.64 -52.69 16.95
CA LEU F 54 12.98 -53.25 15.75
C LEU F 54 11.46 -53.32 15.94
N MET F 55 11.03 -53.51 17.19
CA MET F 55 9.61 -53.55 17.55
C MET F 55 9.04 -52.11 17.61
N LEU F 56 9.76 -51.22 18.32
CA LEU F 56 9.38 -49.80 18.46
C LEU F 56 9.31 -49.15 17.07
N ILE F 57 10.28 -49.43 16.22
CA ILE F 57 10.29 -48.90 14.85
C ILE F 57 9.06 -49.44 14.10
N ALA F 58 8.83 -50.75 14.14
CA ALA F 58 7.68 -51.37 13.48
C ALA F 58 6.32 -50.95 14.03
N LEU F 59 6.20 -50.72 15.34
CA LEU F 59 4.95 -50.27 15.97
C LEU F 59 4.57 -48.91 15.40
N ASP F 60 5.55 -48.02 15.32
CA ASP F 60 5.41 -46.66 14.78
C ASP F 60 4.98 -46.69 13.30
N LEU F 61 5.69 -47.46 12.47
CA LEU F 61 5.37 -47.56 11.03
C LEU F 61 3.97 -48.15 10.77
N PHE F 62 3.40 -48.82 11.75
CA PHE F 62 2.06 -49.37 11.63
C PHE F 62 1.10 -48.21 12.00
N ILE F 63 1.35 -47.57 13.14
CA ILE F 63 0.55 -46.42 13.61
C ILE F 63 0.56 -45.30 12.53
N LEU F 64 1.66 -45.17 11.78
CA LEU F 64 1.82 -44.20 10.66
C LEU F 64 0.89 -44.52 9.46
N TRP F 65 0.61 -45.80 9.21
CA TRP F 65 -0.25 -46.18 8.09
C TRP F 65 -1.71 -46.28 8.58
N ALA F 66 -1.86 -46.75 9.82
CA ALA F 66 -3.15 -46.91 10.48
C ALA F 66 -3.92 -45.60 10.58
N GLU F 67 -3.24 -44.54 10.98
CA GLU F 67 -3.84 -43.20 11.13
C GLU F 67 -3.99 -42.37 9.81
N SER F 68 -3.40 -42.85 8.71
CA SER F 68 -3.48 -42.16 7.41
C SER F 68 -4.78 -42.42 6.62
N PRO F 69 -5.53 -41.35 6.24
CA PRO F 69 -6.76 -41.58 5.48
C PRO F 69 -6.47 -42.22 4.11
N ALA F 70 -5.21 -42.34 3.74
CA ALA F 70 -4.81 -42.88 2.46
C ALA F 70 -4.39 -44.35 2.52
N ARG F 71 -4.62 -44.98 3.66
CA ARG F 71 -4.20 -46.36 3.91
C ARG F 71 -4.66 -47.44 2.91
N PHE F 72 -5.97 -47.58 2.70
CA PHE F 72 -6.55 -48.57 1.78
C PHE F 72 -6.54 -48.11 0.30
N ARG F 73 -5.65 -47.18 -0.03
CA ARG F 73 -5.48 -46.70 -1.38
C ARG F 73 -4.06 -47.09 -1.84
N PHE F 74 -3.32 -47.64 -0.87
CA PHE F 74 -1.91 -48.07 -0.96
C PHE F 74 -1.07 -47.10 -1.81
N THR F 75 -0.86 -45.90 -1.29
CA THR F 75 -0.04 -44.95 -2.01
C THR F 75 1.35 -44.76 -1.37
N HIS F 76 1.61 -45.40 -0.23
CA HIS F 76 2.91 -45.26 0.43
C HIS F 76 4.14 -45.81 -0.32
N ILE F 77 3.93 -46.71 -1.27
CA ILE F 77 5.04 -47.23 -2.05
C ILE F 77 5.88 -46.08 -2.67
N TRP F 78 5.28 -44.91 -2.91
CA TRP F 78 5.95 -43.73 -3.51
C TRP F 78 6.93 -42.98 -2.62
N LEU F 79 6.78 -43.25 -1.33
CA LEU F 79 7.63 -42.75 -0.27
C LEU F 79 9.03 -43.34 -0.52
N PHE F 80 9.07 -44.51 -1.16
CA PHE F 80 10.32 -45.23 -1.45
C PHE F 80 10.76 -45.34 -2.92
N LEU F 81 10.09 -44.61 -3.81
CA LEU F 81 10.36 -44.62 -5.25
C LEU F 81 10.56 -43.23 -5.87
N SER F 82 10.93 -42.24 -5.05
CA SER F 82 11.17 -40.88 -5.49
C SER F 82 12.32 -40.32 -4.64
N PHE F 83 13.03 -39.33 -5.15
CA PHE F 83 14.12 -38.68 -4.41
C PHE F 83 13.59 -37.28 -3.98
N HIS F 84 13.48 -37.02 -2.67
CA HIS F 84 12.96 -35.75 -2.16
C HIS F 84 13.64 -35.24 -0.87
N PRO F 85 14.95 -34.92 -0.95
CA PRO F 85 15.88 -34.42 0.07
C PRO F 85 15.43 -33.14 0.84
N THR F 86 14.54 -32.36 0.26
CA THR F 86 14.01 -31.12 0.89
C THR F 86 12.91 -31.39 1.93
N SER F 87 12.44 -32.63 1.99
CA SER F 87 11.31 -33.04 2.82
C SER F 87 11.55 -33.75 4.17
N PRO F 88 11.47 -33.04 5.33
CA PRO F 88 11.70 -33.79 6.58
C PRO F 88 11.10 -35.22 6.64
N ILE F 89 9.81 -35.36 6.32
CA ILE F 89 9.08 -36.65 6.33
C ILE F 89 9.68 -37.77 5.44
N TRP F 90 10.19 -37.38 4.27
CA TRP F 90 10.84 -38.28 3.32
C TRP F 90 12.08 -38.89 4.01
N TRP F 91 12.92 -38.02 4.60
CA TRP F 91 14.14 -38.42 5.33
C TRP F 91 13.84 -39.38 6.50
N GLY F 92 12.61 -39.36 7.02
CA GLY F 92 12.23 -40.22 8.13
C GLY F 92 11.65 -41.57 7.73
N ALA F 93 11.25 -41.64 6.46
CA ALA F 93 10.72 -42.85 5.86
C ALA F 93 11.91 -43.79 5.59
N TRP F 94 12.98 -43.23 5.04
CA TRP F 94 14.20 -43.98 4.76
C TRP F 94 15.04 -44.22 6.00
N GLY F 95 15.06 -43.25 6.88
CA GLY F 95 15.82 -43.37 8.10
C GLY F 95 15.27 -44.47 8.98
N LEU F 96 13.96 -44.67 8.95
CA LEU F 96 13.34 -45.73 9.74
C LEU F 96 13.26 -47.05 8.94
N GLY F 97 13.34 -46.96 7.61
CA GLY F 97 13.32 -48.12 6.71
C GLY F 97 14.68 -48.80 6.57
N LEU F 98 15.71 -48.02 6.21
CA LEU F 98 17.08 -48.54 6.14
C LEU F 98 17.53 -48.84 7.59
N GLY F 99 17.00 -48.11 8.57
CA GLY F 99 17.33 -48.36 9.96
C GLY F 99 16.77 -49.71 10.45
N PHE F 100 15.72 -50.19 9.77
CA PHE F 100 15.09 -51.49 10.09
C PHE F 100 15.90 -52.66 9.49
N LEU F 101 16.08 -52.64 8.17
CA LEU F 101 16.88 -53.64 7.45
C LEU F 101 18.22 -53.77 8.23
N THR F 102 18.99 -52.69 8.30
CA THR F 102 20.26 -52.63 9.07
C THR F 102 20.19 -53.31 10.47
N GLY F 103 19.10 -53.10 11.21
CA GLY F 103 18.91 -53.73 12.51
C GLY F 103 18.50 -55.21 12.41
N GLY F 104 18.06 -55.62 11.23
CA GLY F 104 17.72 -57.00 10.96
C GLY F 104 19.03 -57.75 10.70
N LEU F 105 19.80 -57.29 9.71
CA LEU F 105 21.11 -57.87 9.34
C LEU F 105 22.11 -57.87 10.54
N LEU F 106 21.74 -57.23 11.64
CA LEU F 106 22.59 -57.18 12.83
C LEU F 106 22.10 -58.16 13.89
N TYR F 107 20.80 -58.43 13.89
CA TYR F 107 20.22 -59.33 14.88
C TYR F 107 20.32 -60.80 14.44
N LEU F 108 20.30 -60.99 13.13
CA LEU F 108 20.46 -62.29 12.48
C LEU F 108 21.99 -62.45 12.22
N GLY F 109 22.81 -61.94 13.14
CA GLY F 109 24.27 -61.97 13.08
C GLY F 109 25.06 -62.07 11.77
N LYS F 110 24.36 -62.11 10.64
CA LYS F 110 24.93 -62.19 9.34
C LYS F 110 25.15 -60.86 8.54
N GLY F 111 25.39 -61.31 7.17
CA GLY F 111 25.80 -60.18 6.24
C GLY F 111 27.20 -59.60 6.60
N SER F 112 27.19 -58.86 7.70
CA SER F 112 28.35 -58.15 8.19
C SER F 112 28.14 -57.73 9.66
N GLN F 113 29.25 -57.48 10.37
CA GLN F 113 29.24 -57.03 11.78
C GLN F 113 29.93 -55.61 11.99
N ARG F 114 29.55 -54.90 13.04
CA ARG F 114 30.19 -53.60 13.48
C ARG F 114 30.92 -52.63 12.51
N ALA F 115 30.39 -52.61 11.30
CA ALA F 115 30.72 -51.66 10.23
C ALA F 115 29.24 -51.33 9.97
N LEU F 116 28.39 -52.28 10.35
CA LEU F 116 26.93 -52.18 10.24
C LEU F 116 26.38 -51.39 11.43
N ALA F 117 27.11 -51.35 12.54
CA ALA F 117 26.70 -50.56 13.70
C ALA F 117 26.97 -49.05 13.41
N TRP F 118 27.83 -48.75 12.43
CA TRP F 118 28.12 -47.37 12.02
C TRP F 118 26.95 -46.84 11.16
N ALA F 119 26.39 -47.73 10.35
CA ALA F 119 25.23 -47.42 9.52
C ALA F 119 23.98 -47.29 10.44
N LEU F 120 23.86 -48.13 11.47
CA LEU F 120 22.72 -48.03 12.40
C LEU F 120 22.79 -46.69 13.18
N LEU F 121 24.01 -46.23 13.49
CA LEU F 121 24.23 -44.96 14.20
C LEU F 121 23.78 -43.78 13.31
N VAL F 122 24.16 -43.79 12.04
CA VAL F 122 23.75 -42.75 11.10
C VAL F 122 22.22 -42.73 10.92
N PHE F 123 21.60 -43.86 10.56
CA PHE F 123 20.13 -43.91 10.40
C PHE F 123 19.38 -43.52 11.68
N SER F 124 19.91 -43.85 12.86
CA SER F 124 19.24 -43.43 14.08
C SER F 124 19.32 -41.87 14.24
N LEU F 125 20.43 -41.22 13.83
CA LEU F 125 20.56 -39.76 13.93
C LEU F 125 19.50 -39.08 12.97
N VAL F 126 19.33 -39.62 11.75
CA VAL F 126 18.29 -39.16 10.80
C VAL F 126 16.87 -39.32 11.41
N ALA F 127 16.58 -40.44 12.06
CA ALA F 127 15.28 -40.66 12.71
C ALA F 127 15.03 -39.81 13.96
N LEU F 128 16.10 -39.30 14.57
CA LEU F 128 16.02 -38.50 15.80
C LEU F 128 15.87 -37.01 15.51
N SER F 129 16.35 -36.68 14.31
CA SER F 129 16.41 -35.34 13.74
C SER F 129 15.20 -34.86 12.94
N TYR F 130 14.60 -35.78 12.17
CA TYR F 130 13.48 -35.45 11.27
C TYR F 130 12.18 -34.88 11.93
N PRO F 131 11.72 -35.44 13.09
CA PRO F 131 10.53 -34.76 13.64
C PRO F 131 11.27 -33.67 14.49
N GLY F 132 10.85 -32.42 14.41
CA GLY F 132 11.54 -31.36 15.07
C GLY F 132 11.71 -30.45 13.87
N LEU F 133 12.24 -30.99 12.78
CA LEU F 133 12.39 -30.24 11.53
C LEU F 133 11.11 -30.29 10.66
N ALA F 134 10.30 -31.32 10.85
CA ALA F 134 9.04 -31.45 10.10
C ALA F 134 8.09 -30.35 10.59
N LEU F 135 8.33 -29.87 11.81
CA LEU F 135 7.54 -28.77 12.37
C LEU F 135 8.19 -27.40 12.06
N ALA F 136 9.49 -27.27 12.36
CA ALA F 136 10.26 -26.03 12.18
C ALA F 136 10.46 -25.57 10.76
N VAL F 137 10.21 -26.45 9.83
CA VAL F 137 10.36 -26.10 8.44
C VAL F 137 9.26 -25.13 7.96
N ASN F 138 8.13 -25.12 8.69
CA ASN F 138 6.95 -24.29 8.37
C ASN F 138 7.09 -22.93 9.02
N LEU F 139 7.74 -22.04 8.32
CA LEU F 139 8.02 -20.72 8.82
C LEU F 139 6.77 -19.80 9.00
N ASN F 140 5.59 -20.27 8.57
CA ASN F 140 4.29 -19.56 8.72
C ASN F 140 3.60 -19.82 10.08
N ARG F 141 4.13 -20.77 10.85
CA ARG F 141 3.58 -21.18 12.16
C ARG F 141 4.45 -20.53 13.27
N PRO F 142 4.01 -19.39 13.84
CA PRO F 142 4.87 -18.79 14.86
C PRO F 142 5.44 -19.61 16.04
N LEU F 143 4.68 -20.56 16.54
CA LEU F 143 5.11 -21.38 17.67
C LEU F 143 6.18 -22.41 17.30
N TRP F 144 6.09 -22.94 16.09
CA TRP F 144 7.09 -23.92 15.68
C TRP F 144 8.41 -23.25 15.25
N ASN F 145 9.08 -22.51 16.15
CA ASN F 145 10.35 -21.87 15.78
C ASN F 145 11.58 -22.80 15.74
N GLY F 146 12.77 -22.20 15.60
CA GLY F 146 14.02 -22.92 15.54
C GLY F 146 14.29 -23.88 16.71
N LEU F 147 13.82 -23.57 17.92
CA LEU F 147 14.03 -24.47 19.09
C LEU F 147 13.45 -25.90 18.97
N MET F 148 12.45 -26.10 18.10
CA MET F 148 11.86 -27.42 17.85
C MET F 148 12.94 -28.38 17.35
N ALA F 149 13.88 -27.87 16.58
CA ALA F 149 14.93 -28.72 16.05
C ALA F 149 15.91 -29.17 17.17
N GLY F 150 15.80 -28.54 18.32
CA GLY F 150 16.61 -28.85 19.48
C GLY F 150 15.80 -29.57 20.56
N LEU F 151 14.58 -29.10 20.80
CA LEU F 151 13.69 -29.73 21.77
C LEU F 151 13.26 -31.17 21.41
N PHE F 152 13.18 -31.53 20.13
CA PHE F 152 12.76 -32.90 19.79
C PHE F 152 13.87 -33.98 19.92
N PRO F 153 15.12 -33.70 19.44
CA PRO F 153 16.11 -34.75 19.63
C PRO F 153 16.48 -34.91 21.16
N LEU F 154 16.47 -33.83 21.93
CA LEU F 154 16.82 -33.93 23.37
C LEU F 154 15.79 -34.79 24.12
N THR F 155 14.55 -34.55 23.77
CA THR F 155 13.37 -35.20 24.30
C THR F 155 13.20 -36.70 23.84
N ALA F 156 13.66 -37.05 22.65
CA ALA F 156 13.59 -38.44 22.21
C ALA F 156 14.57 -39.34 23.03
N LEU F 157 15.75 -38.79 23.37
CA LEU F 157 16.76 -39.50 24.18
C LEU F 157 16.29 -39.58 25.67
N VAL F 158 15.47 -38.65 26.13
CA VAL F 158 14.95 -38.75 27.49
C VAL F 158 13.99 -39.96 27.53
N LEU F 159 13.28 -40.19 26.43
CA LEU F 159 12.34 -41.31 26.28
C LEU F 159 13.07 -42.67 26.21
N ALA F 160 14.13 -42.75 25.39
CA ALA F 160 14.93 -43.97 25.26
C ALA F 160 15.65 -44.34 26.56
N LEU F 161 16.30 -43.37 27.22
CA LEU F 161 17.01 -43.61 28.48
C LEU F 161 16.06 -43.91 29.68
N GLY F 162 14.80 -43.46 29.59
CA GLY F 162 13.77 -43.67 30.61
C GLY F 162 13.26 -45.12 30.62
N LEU F 163 13.06 -45.62 29.41
CA LEU F 163 12.69 -47.00 29.12
C LEU F 163 13.89 -47.86 29.63
N ALA F 164 15.08 -47.65 29.08
CA ALA F 164 16.32 -48.36 29.48
C ALA F 164 16.50 -48.47 31.01
N ALA F 165 16.31 -47.36 31.71
CA ALA F 165 16.40 -47.35 33.18
C ALA F 165 15.26 -48.15 33.87
N LEU F 166 14.10 -48.32 33.24
CA LEU F 166 13.02 -49.12 33.86
C LEU F 166 13.27 -50.64 33.66
N LEU F 167 14.02 -50.99 32.60
CA LEU F 167 14.44 -52.36 32.31
C LEU F 167 15.79 -52.56 33.08
N LYS F 168 15.90 -51.89 34.22
CA LYS F 168 17.09 -51.88 35.06
C LYS F 168 18.47 -52.14 34.38
N SER F 169 18.93 -51.20 33.55
CA SER F 169 20.28 -51.29 32.98
C SER F 169 21.06 -50.31 33.89
N PRO F 170 22.24 -50.74 34.43
CA PRO F 170 23.01 -49.86 35.30
C PRO F 170 23.39 -48.50 34.68
N TRP F 171 23.84 -48.52 33.43
CA TRP F 171 24.29 -47.29 32.77
C TRP F 171 23.30 -46.13 32.51
N ALA F 172 22.04 -46.45 32.25
CA ALA F 172 20.96 -45.50 31.94
C ALA F 172 20.54 -44.32 32.86
N LEU F 173 20.59 -44.47 34.17
CA LEU F 173 20.11 -43.37 35.03
C LEU F 173 20.82 -42.02 34.92
N PHE F 174 22.15 -42.01 35.05
CA PHE F 174 22.95 -40.79 35.00
C PHE F 174 22.82 -39.95 33.72
N PRO F 175 22.95 -40.58 32.52
CA PRO F 175 22.80 -39.82 31.28
C PRO F 175 21.33 -39.38 31.08
N LEU F 176 20.37 -40.14 31.61
CA LEU F 176 18.95 -39.75 31.54
C LEU F 176 18.75 -38.46 32.40
N ARG F 177 19.43 -38.37 33.55
CA ARG F 177 19.33 -37.17 34.40
C ARG F 177 20.18 -36.02 33.87
N VAL F 178 21.05 -36.28 32.91
CA VAL F 178 21.82 -35.20 32.36
C VAL F 178 21.02 -34.61 31.17
N LEU F 179 20.59 -35.44 30.21
CA LEU F 179 19.77 -35.00 29.07
C LEU F 179 18.37 -34.48 29.47
N ALA F 180 17.89 -34.94 30.62
CA ALA F 180 16.62 -34.48 31.18
C ALA F 180 16.79 -33.04 31.72
N GLY F 181 17.97 -32.70 32.25
CA GLY F 181 18.26 -31.35 32.72
C GLY F 181 18.40 -30.39 31.52
N ALA F 182 19.16 -30.82 30.52
CA ALA F 182 19.29 -30.05 29.27
C ALA F 182 17.85 -29.86 28.69
N SER F 183 17.06 -30.94 28.52
CA SER F 183 15.65 -30.89 28.00
C SER F 183 14.69 -29.92 28.73
N LEU F 184 14.72 -30.00 30.06
CA LEU F 184 13.87 -29.18 30.92
C LEU F 184 14.28 -27.69 30.94
N LEU F 185 15.57 -27.39 30.79
CA LEU F 185 16.03 -26.00 30.82
C LEU F 185 15.69 -25.30 29.50
N LEU F 186 15.83 -25.98 28.36
CA LEU F 186 15.47 -25.39 27.06
C LEU F 186 13.93 -25.24 27.01
N ALA F 187 13.20 -26.15 27.64
CA ALA F 187 11.73 -26.12 27.63
C ALA F 187 11.16 -24.91 28.38
N LEU F 188 11.92 -24.46 29.38
CA LEU F 188 11.62 -23.30 30.21
C LEU F 188 11.91 -21.96 29.45
N LEU F 189 12.99 -21.96 28.66
CA LEU F 189 13.43 -20.81 27.89
C LEU F 189 12.58 -20.60 26.61
N TYR F 190 12.03 -21.68 26.06
CA TYR F 190 11.17 -21.62 24.87
C TYR F 190 10.12 -20.44 24.87
N PRO F 191 9.19 -20.34 25.85
CA PRO F 191 8.22 -19.22 25.86
C PRO F 191 8.81 -17.77 25.70
N LEU F 192 10.02 -17.59 26.23
CA LEU F 192 10.76 -16.30 26.26
C LEU F 192 11.44 -15.89 24.93
N THR F 193 11.30 -16.81 24.00
CA THR F 193 11.85 -16.83 22.67
C THR F 193 10.83 -16.44 21.56
N LEU F 194 9.56 -16.42 21.93
CA LEU F 194 8.46 -16.15 21.00
C LEU F 194 8.01 -14.70 20.91
N PRO F 195 7.34 -14.30 19.80
CA PRO F 195 6.97 -12.89 19.92
C PRO F 195 5.80 -12.82 20.95
N PRO F 196 5.54 -11.63 21.53
CA PRO F 196 4.45 -11.49 22.53
C PRO F 196 3.01 -12.10 22.23
N GLU F 197 2.53 -12.01 20.99
CA GLU F 197 1.22 -12.59 20.57
C GLU F 197 1.27 -14.14 20.48
N ALA F 198 2.42 -14.67 20.07
CA ALA F 198 2.64 -16.13 19.94
C ALA F 198 2.73 -16.76 21.33
N ARG F 199 3.40 -16.06 22.24
CA ARG F 199 3.53 -16.51 23.64
C ARG F 199 2.19 -16.47 24.36
N GLY F 200 1.46 -15.37 24.16
CA GLY F 200 0.15 -15.19 24.76
C GLY F 200 -0.79 -16.30 24.33
N HIS F 201 -0.72 -16.66 23.05
CA HIS F 201 -1.53 -17.76 22.49
C HIS F 201 -1.16 -19.10 23.18
N LEU F 202 0.14 -19.32 23.37
CA LEU F 202 0.62 -20.54 24.00
C LEU F 202 0.15 -20.64 25.47
N LEU F 203 0.31 -19.58 26.27
CA LEU F 203 -0.12 -19.60 27.67
C LEU F 203 -1.66 -19.74 27.85
N GLU F 204 -2.49 -19.22 26.94
CA GLU F 204 -3.96 -19.38 27.08
C GLU F 204 -4.42 -20.78 26.57
N GLU F 205 -3.86 -21.27 25.46
CA GLU F 205 -4.22 -22.59 24.92
C GLU F 205 -3.72 -23.81 25.76
N ALA F 206 -2.43 -23.85 26.08
CA ALA F 206 -1.79 -24.90 26.92
C ALA F 206 -1.12 -24.14 28.13
N GLY F 207 0.09 -24.52 28.56
CA GLY F 207 0.76 -23.85 29.69
C GLY F 207 0.62 -24.60 30.99
N PHE F 208 -0.44 -24.33 31.74
CA PHE F 208 -0.75 -25.16 32.95
C PHE F 208 -0.11 -26.48 32.59
N TRP F 209 -0.75 -27.06 31.56
CA TRP F 209 -0.39 -28.33 30.94
C TRP F 209 1.10 -28.25 30.70
N TYR F 210 1.54 -27.09 30.23
CA TYR F 210 2.96 -26.79 29.98
C TYR F 210 3.77 -26.75 31.30
N GLY F 211 3.33 -25.92 32.25
CA GLY F 211 3.97 -25.79 33.54
C GLY F 211 3.82 -27.00 34.43
N LEU F 212 2.92 -27.89 34.06
CA LEU F 212 2.68 -29.12 34.81
C LEU F 212 3.81 -30.08 34.45
N PHE F 213 3.95 -30.37 33.16
CA PHE F 213 4.99 -31.25 32.63
C PHE F 213 6.43 -30.76 32.91
N LEU F 214 6.62 -29.47 33.21
CA LEU F 214 7.94 -28.93 33.55
C LEU F 214 8.21 -29.35 35.00
N LEU F 215 7.20 -29.15 35.86
CA LEU F 215 7.23 -29.52 37.29
C LEU F 215 7.39 -31.06 37.42
N LEU F 216 6.50 -31.79 36.75
CA LEU F 216 6.54 -33.26 36.72
C LEU F 216 7.97 -33.79 36.41
N GLY F 217 8.63 -33.20 35.40
CA GLY F 217 9.98 -33.56 34.97
C GLY F 217 11.12 -33.35 35.97
N LEU F 218 10.86 -32.48 36.93
CA LEU F 218 11.78 -32.20 38.02
C LEU F 218 11.88 -33.46 38.93
N GLY F 219 11.06 -34.47 38.61
CA GLY F 219 11.00 -35.72 39.33
C GLY F 219 12.04 -36.75 38.91
N THR F 220 12.78 -36.44 37.87
CA THR F 220 13.85 -37.32 37.44
C THR F 220 15.01 -37.14 38.47
N PHE F 221 15.03 -36.03 39.21
CA PHE F 221 16.10 -35.76 40.17
C PHE F 221 15.79 -36.13 41.65
N TRP F 222 14.88 -37.09 41.81
CA TRP F 222 14.39 -37.63 43.09
C TRP F 222 14.15 -39.19 43.01
N GLN F 223 14.51 -39.96 44.05
CA GLN F 223 14.35 -41.45 44.17
C GLN F 223 14.60 -42.32 42.89
N GLU F 224 14.12 -43.58 42.87
CA GLU F 224 14.18 -44.42 41.64
C GLU F 224 12.81 -45.08 41.52
N ARG F 225 12.38 -45.35 40.30
CA ARG F 225 11.09 -45.96 40.04
C ARG F 225 10.02 -44.86 40.30
N LEU F 226 10.54 -43.64 40.46
CA LEU F 226 9.73 -42.41 40.38
C LEU F 226 10.52 -41.85 39.16
N ALA F 227 11.84 -41.65 39.34
CA ALA F 227 12.69 -41.04 38.31
C ALA F 227 12.44 -41.41 36.84
N PRO F 228 12.66 -42.68 36.42
CA PRO F 228 12.37 -42.90 35.00
C PRO F 228 10.90 -42.58 34.55
N TRP F 229 9.94 -42.77 35.44
CA TRP F 229 8.53 -42.48 35.17
C TRP F 229 8.25 -40.99 34.95
N ALA F 230 8.67 -40.19 35.92
CA ALA F 230 8.50 -38.74 35.96
C ALA F 230 9.20 -37.97 34.84
N GLY F 231 10.25 -38.56 34.27
CA GLY F 231 10.97 -37.93 33.19
C GLY F 231 10.37 -38.35 31.86
N LEU F 232 9.79 -39.53 31.88
CA LEU F 232 9.15 -40.13 30.73
C LEU F 232 7.79 -39.45 30.41
N LEU F 233 7.01 -39.11 31.45
CA LEU F 233 5.72 -38.45 31.29
C LEU F 233 5.93 -36.95 30.87
N ALA F 234 6.95 -36.31 31.45
CA ALA F 234 7.40 -34.95 31.08
C ALA F 234 7.80 -34.94 29.56
N ALA F 235 8.76 -35.76 29.12
CA ALA F 235 9.13 -35.79 27.68
C ALA F 235 7.95 -36.04 26.71
N ALA F 236 7.07 -36.99 26.99
CA ALA F 236 5.91 -37.21 26.11
C ALA F 236 4.82 -36.11 26.23
N GLY F 237 4.73 -35.45 27.39
CA GLY F 237 3.77 -34.36 27.57
C GLY F 237 4.11 -33.24 26.57
N LEU F 238 5.26 -32.61 26.82
CA LEU F 238 5.82 -31.58 25.96
C LEU F 238 5.74 -31.94 24.46
N ARG F 239 6.16 -33.15 24.07
CA ARG F 239 6.13 -33.52 22.64
C ARG F 239 4.73 -33.47 22.00
N ALA F 240 3.76 -34.05 22.69
CA ALA F 240 2.38 -34.08 22.21
C ALA F 240 1.70 -32.68 22.24
N LEU F 241 1.95 -31.91 23.30
CA LEU F 241 1.37 -30.57 23.42
C LEU F 241 1.89 -29.55 22.36
N LEU F 242 3.19 -29.57 22.01
CA LEU F 242 3.76 -28.66 20.99
C LEU F 242 3.17 -28.97 19.57
N VAL F 243 2.89 -30.23 19.29
CA VAL F 243 2.28 -30.64 18.01
C VAL F 243 0.81 -30.16 17.98
N LEU F 244 0.14 -30.27 19.11
CA LEU F 244 -1.26 -29.86 19.22
C LEU F 244 -1.47 -28.32 19.25
N ALA F 245 -0.70 -27.60 20.05
CA ALA F 245 -0.83 -26.14 20.17
C ALA F 245 -0.23 -25.25 19.06
N GLY F 246 0.71 -25.78 18.28
CA GLY F 246 1.35 -25.02 17.21
C GLY F 246 0.71 -24.94 15.81
N GLN F 247 -0.44 -25.57 15.63
CA GLN F 247 -1.16 -25.58 14.34
C GLN F 247 -1.96 -24.29 14.20
N TRP F 248 -1.26 -23.18 14.42
CA TRP F 248 -1.81 -21.84 14.43
C TRP F 248 -0.99 -21.06 13.44
N GLN F 249 -1.63 -20.15 12.76
CA GLN F 249 -1.08 -19.43 11.61
C GLN F 249 -0.84 -17.98 11.95
N GLY F 250 -1.56 -17.72 13.01
CA GLY F 250 -1.93 -16.42 13.52
C GLY F 250 -1.56 -14.97 13.46
N LEU F 251 -2.48 -14.04 13.17
CA LEU F 251 -2.22 -12.59 13.26
C LEU F 251 -2.97 -12.03 14.54
N GLY F 252 -3.60 -10.97 14.43
FE1 SF4 G . 20.68 29.73 -1.08
FE2 SF4 G . 21.27 27.05 -1.06
FE3 SF4 G . 22.70 28.80 -2.62
FE4 SF4 G . 23.02 28.85 0.10
S1 SF4 G . 23.56 27.10 -1.29
S2 SF4 G . 22.76 30.69 -1.30
S3 SF4 G . 20.89 28.36 0.79
S4 SF4 G . 20.46 28.26 -2.86
PB MGD H . 33.66 26.91 -7.96
O1B MGD H . 34.17 25.57 -8.39
O2B MGD H . 32.78 27.02 -6.76
O3B MGD H . 33.11 27.55 -9.33
O3A MGD H . 32.34 28.55 -11.50
PA MGD H . 33.10 28.95 -10.16
O1A MGD H . 32.36 29.88 -9.22
O2A MGD H . 34.51 29.24 -10.56
O5' MGD H . 34.89 27.85 -7.64
C5' MGD H . 34.83 28.82 -6.59
C4' MGD H . 36.28 29.19 -6.28
O4' MGD H . 36.10 30.31 -5.42
C3' MGD H . 37.06 28.17 -5.48
O3' MGD H . 38.44 28.43 -5.75
C2' MGD H . 36.68 28.55 -4.04
O2' MGD H . 37.68 28.06 -3.20
C1' MGD H . 36.63 30.08 -4.08
N9 MGD H . 35.82 30.83 -3.05
C8 MGD H . 34.66 30.41 -2.50
N7 MGD H . 34.14 31.32 -1.64
C5 MGD H . 34.94 32.40 -1.64
C6 MGD H . 34.98 33.78 -0.99
O6 MGD H . 34.10 34.17 -0.15
N1 MGD H . 36.02 34.58 -1.35
C2 MGD H . 37.02 34.22 -2.23
N2 MGD H . 38.07 35.03 -2.56
N3 MGD H . 36.99 33.01 -2.82
C4 MGD H . 36.04 32.05 -2.58
C10 MGD H . 30.89 28.60 -11.62
C11 MGD H . 30.55 28.43 -13.06
O11 MGD H . 31.37 27.35 -13.53
C12 MGD H . 29.13 28.22 -13.42
S12 MGD H . 27.88 29.23 -12.82
C13 MGD H . 28.75 27.28 -14.29
S13 MGD H . 27.19 26.92 -14.73
C14 MGD H . 29.61 26.43 -15.05
N15 MGD H . 29.40 25.03 -14.60
C16 MGD H . 30.34 24.14 -15.10
C17 MGD H . 30.15 22.71 -15.33
O17 MGD H . 29.07 22.14 -15.02
N18 MGD H . 31.15 22.03 -15.89
C19 MGD H . 32.33 22.60 -16.24
N19 MGD H . 33.36 21.86 -16.75
N20 MGD H . 32.53 23.90 -16.08
C21 MGD H . 31.63 24.71 -15.52
N22 MGD H . 31.91 26.01 -15.31
C23 MGD H . 30.98 26.98 -14.86
PB MGD I . 20.90 21.91 -17.38
O1B MGD I . 22.20 21.84 -18.08
O2B MGD I . 19.74 22.47 -18.02
O3B MGD I . 21.42 22.68 -16.07
O3A MGD I . 21.76 23.44 -13.67
PA MGD I . 20.75 23.50 -14.88
O1A MGD I . 20.64 24.94 -15.13
O2A MGD I . 19.49 22.91 -14.48
O5' MGD I . 20.47 20.50 -16.89
C5' MGD I . 21.29 19.36 -16.55
C4' MGD I . 20.47 18.26 -17.20
O4' MGD I . 20.64 18.54 -18.58
C3' MGD I . 20.93 16.79 -17.02
O3' MGD I . 19.84 15.93 -16.63
C2' MGD I . 21.43 16.36 -18.42
O2' MGD I . 20.87 15.09 -18.73
C1' MGD I . 20.70 17.31 -19.32
N9 MGD I . 21.04 17.35 -20.77
C8 MGD I . 22.27 17.11 -21.32
N7 MGD I . 22.24 17.22 -22.69
C5 MGD I . 20.95 17.50 -23.01
C6 MGD I . 20.20 17.66 -24.28
O6 MGD I . 20.85 17.63 -25.32
N1 MGD I . 18.89 17.93 -24.24
C2 MGD I . 18.21 17.98 -23.06
N2 MGD I . 16.86 18.25 -23.06
N3 MGD I . 18.83 17.83 -21.84
C4 MGD I . 20.17 17.60 -21.75
C10 MGD I . 22.94 24.17 -13.44
C11 MGD I . 22.54 25.28 -12.52
O11 MGD I . 22.21 24.69 -11.25
C12 MGD I . 23.52 26.47 -12.50
S12 MGD I . 24.04 27.22 -13.91
C13 MGD I . 24.03 27.01 -11.33
S13 MGD I . 25.01 28.41 -11.37
C14 MGD I . 23.70 26.40 -10.00
N15 MGD I . 24.72 25.62 -9.40
C16 MGD I . 24.41 24.64 -8.48
C17 MGD I . 25.42 23.79 -7.75
O17 MGD I . 26.66 24.00 -7.95
N18 MGD I . 25.00 22.87 -6.83
C19 MGD I . 23.66 22.67 -6.68
N19 MGD I . 23.30 21.71 -5.85
N20 MGD I . 22.66 23.35 -7.31
C21 MGD I . 23.01 24.36 -8.17
N22 MGD I . 22.12 25.06 -8.85
C23 MGD I . 22.38 25.66 -10.11
MO MO J . 25.76 28.73 -13.62
FE1 SF4 K . 12.76 17.74 2.20
FE2 SF4 K . 13.44 15.24 1.30
FE3 SF4 K . 15.31 17.27 1.43
FE4 SF4 K . 14.38 16.11 3.72
S1 SF4 K . 15.60 15.06 2.09
S2 SF4 K . 14.67 18.39 3.32
S3 SF4 K . 12.19 15.69 3.17
S4 SF4 K . 13.43 17.22 0.06
FE1 SF4 L . 15.14 16.65 12.95
FE2 SF4 L . 15.09 14.13 14.07
FE3 SF4 L . 17.46 15.53 13.85
FE4 SF4 L . 15.57 16.33 15.65
S1 SF4 L . 16.72 14.32 15.68
S2 SF4 L . 16.77 17.70 14.20
S3 SF4 L . 13.63 15.85 14.52
S4 SF4 L . 16.14 14.75 12.10
FE1 SF4 M . 12.81 4.62 17.73
FE2 SF4 M . 11.90 2.12 17.01
FE3 SF4 M . 14.55 2.79 16.76
FE4 SF4 M . 13.49 2.41 19.24
S1 SF4 M . 13.69 0.80 17.61
S2 SF4 M . 14.89 4.14 18.58
S3 SF4 M . 11.38 3.24 18.94
S4 SF4 M . 12.78 3.74 15.60
FE1 SF4 N . 22.97 2.32 26.83
FE2 SF4 N . 21.42 0.92 25.04
FE3 SF4 N . 22.86 -0.41 26.97
FE4 SF4 N . 20.66 1.05 27.66
S1 SF4 N . 20.67 -0.84 26.34
S2 SF4 N . 22.72 1.05 28.73
S3 SF4 N . 20.78 2.81 26.20
S4 SF4 N . 23.73 0.86 25.23
FE1 SF4 O . -32.67 -14.29 -9.08
FE2 SF4 O . -31.35 -16.47 -10.07
FE3 SF4 O . -31.40 -14.09 -11.46
FE4 SF4 O . -29.91 -14.29 -9.17
S1 SF4 O . -29.57 -15.47 -11.11
S2 SF4 O . -31.31 -12.55 -9.76
S3 SF4 O . -31.23 -15.69 -7.91
S4 SF4 O . -33.23 -15.45 -11.00
PB MGD P . -40.56 -17.20 0.09
O1B MGD P . -40.10 -17.30 1.48
O2B MGD P . -39.62 -17.09 -1.12
O3B MGD P . -41.32 -15.74 0.03
O3A MGD P . -42.68 -13.54 -0.76
PA MGD P . -42.52 -15.15 -0.94
O1A MGD P . -42.26 -15.62 -2.37
O2A MGD P . -43.71 -15.59 -0.15
O5' MGD P . -41.57 -18.40 -0.13
C5' MGD P . -42.14 -18.80 -1.40
C4' MGD P . -42.68 -20.22 -1.23
O4' MGD P . -42.69 -20.88 -2.51
C3' MGD P . -41.85 -21.06 -0.35
O3' MGD P . -42.79 -21.71 0.45
C2' MGD P . -41.13 -22.04 -1.27
O2' MGD P . -40.83 -23.29 -0.68
C1' MGD P . -42.11 -22.19 -2.40
N9 MGD P . -41.49 -22.44 -3.70
C8 MGD P . -40.31 -22.15 -4.16
N7 MGD P . -40.19 -22.51 -5.49
C5 MGD P . -41.34 -23.01 -5.91
C6 MGD P . -41.95 -23.58 -7.12
O6 MGD P . -41.28 -23.70 -8.14
N1 MGD P . -43.25 -23.97 -7.05
C2 MGD P . -43.97 -23.89 -5.95
N2 MGD P . -45.26 -24.30 -5.92
N3 MGD P . -43.48 -23.39 -4.83
C4 MGD P . -42.21 -22.94 -4.71
C10 MGD P . -41.73 -12.56 -1.03
C11 MGD P . -42.33 -11.28 -0.64
O11 MGD P . -42.35 -11.22 0.79
C12 MGD P . -41.53 -10.10 -1.17
S12 MGD P . -41.18 -9.96 -2.83
C13 MGD P . -41.07 -9.12 -0.31
S13 MGD P . -40.16 -7.78 -0.83
C14 MGD P . -41.38 -9.12 1.13
N15 MGD P . -40.20 -9.47 1.92
C16 MGD P . -40.49 -9.61 3.27
C17 MGD P . -39.61 -9.21 4.39
O17 MGD P . -38.43 -8.83 4.19
N18 MGD P . -40.04 -9.28 5.66
C19 MGD P . -41.24 -9.77 5.95
N19 MGD P . -41.60 -9.86 7.26
N20 MGD P . -42.12 -10.13 5.00
C21 MGD P . -41.84 -10.09 3.67
N22 MGD P . -42.78 -10.37 2.74
C23 MGD P . -42.63 -9.94 1.38
PB MGD Q . -34.88 -1.57 0.88
O1B MGD Q . -35.78 -1.52 2.12
O2B MGD Q . -35.04 -0.47 -0.13
O3B MGD Q . -35.05 -2.88 -0.01
O3A MGD Q . -34.39 -4.89 -1.31
PA MGD Q . -34.52 -3.28 -1.50
O1A MGD Q . -35.57 -3.04 -2.49
O2A MGD Q . -33.10 -2.72 -1.53
O5' MGD Q . -33.36 -1.51 1.48
C5' MGD Q . -32.83 -2.24 2.59
C4' MGD Q . -32.24 -1.18 3.51
O4' MGD Q . -33.25 -0.30 3.91
C3' MGD Q . -31.47 -1.61 4.77
O3' MGD Q . -29.95 -1.52 4.79
C2' MGD Q . -32.12 -0.80 5.92
O2' MGD Q . -31.15 -0.32 6.88
C1' MGD Q . -32.73 0.34 5.09
N9 MGD Q . -33.69 1.23 5.83
C8 MGD Q . -34.44 0.92 6.93
N7 MGD Q . -35.15 1.97 7.45
C5 MGD Q . -34.86 3.04 6.70
C6 MGD Q . -35.29 4.45 6.68
O6 MGD Q . -36.17 4.84 7.48
N1 MGD Q . -34.78 5.26 5.75
C2 MGD Q . -33.90 4.77 4.82
N2 MGD Q . -33.39 5.64 3.90
N3 MGD Q . -33.40 3.49 4.81
C4 MGD Q . -33.88 2.57 5.65
C10 MGD Q . -35.38 -5.90 -1.41
C11 MGD Q . -35.34 -6.49 -2.82
O11 MGD Q . -34.16 -7.26 -2.94
C12 MGD Q . -36.60 -7.27 -3.05
S12 MGD Q . -38.01 -6.43 -2.69
C13 MGD Q . -36.65 -8.50 -3.63
S13 MGD Q . -38.16 -9.16 -4.24
C14 MGD Q . -35.35 -9.27 -3.86
N15 MGD Q . -35.09 -10.28 -2.89
C16 MGD Q . -33.84 -10.69 -2.75
C17 MGD Q . -33.52 -11.86 -1.98
O17 MGD Q . -34.48 -12.42 -1.50
N18 MGD Q . -32.22 -12.26 -1.78
C19 MGD Q . -31.23 -11.55 -2.24
N19 MGD Q . -30.05 -11.99 -1.98
N20 MGD Q . -31.41 -10.40 -3.02
C21 MGD Q . -32.68 -9.94 -3.28
N22 MGD Q . -32.94 -8.90 -3.99
C23 MGD Q . -34.22 -8.25 -3.99
MO MO R . -40.01 -7.81 -3.33
FE1 SF4 S . -16.34 -10.98 -4.51
FE2 SF4 S . -18.68 -11.66 -5.80
FE3 SF4 S . -16.58 -10.57 -7.18
FE4 SF4 S . -16.40 -13.15 -6.21
S1 SF4 S . -17.89 -12.40 -7.82
S2 SF4 S . -14.76 -11.49 -6.09
S3 SF4 S . -17.54 -12.97 -4.26
S4 SF4 S . -17.80 -9.52 -5.56
FE1 SF4 T . -10.23 -21.87 -8.41
FE2 SF4 T . -12.88 -22.56 -8.09
FE3 SF4 T . -12.19 -20.27 -9.45
FE4 SF4 T . -11.74 -22.73 -10.57
S1 SF4 T . -13.80 -21.84 -10.07
S2 SF4 T . -10.27 -20.93 -10.51
S3 SF4 T . -11.18 -23.99 -8.73
S4 SF4 T . -11.80 -20.69 -7.21
FE1 SF4 U . 0.70 -23.69 -1.84
FE2 SF4 U . -0.53 -22.07 -0.05
FE3 SF4 U . 0.78 -20.97 -2.19
FE4 SF4 U . -1.59 -22.33 -2.57
S1 SF4 U . -1.29 -20.36 -1.39
S2 SF4 U . 0.33 -22.55 -3.82
S3 SF4 U . -1.43 -23.98 -0.99
S4 SF4 U . 1.75 -22.16 -0.45
FE1 SF4 V . 2.17 -34.50 -0.54
FE2 SF4 V . 1.36 -35.37 1.92
FE3 SF4 V . 0.28 -33.10 0.79
FE4 SF4 V . -0.36 -35.58 -0.23
S1 SF4 V . -0.87 -34.81 1.87
S2 SF4 V . 0.22 -33.67 -1.43
S3 SF4 V . 1.62 -36.68 0.06
S4 SF4 V . 2.48 -33.37 1.45
#